data_2ISS
#
_entry.id   2ISS
#
_cell.length_a   92.529
_cell.length_b   204.098
_cell.length_c   221.336
_cell.angle_alpha   90.00
_cell.angle_beta   90.00
_cell.angle_gamma   90.00
#
_symmetry.space_group_name_H-M   'I 2 2 2'
#
loop_
_entity.id
_entity.type
_entity.pdbx_description
1 polymer 'Pyridoxal biosynthesis lyase pdxS'
2 polymer 'Glutamine amidotransferase subunit pdxT'
3 non-polymer RIBULOSE-5-PHOSPHATE
4 non-polymer 'PHOSPHATE ION'
5 water water
#
loop_
_entity_poly.entity_id
_entity_poly.type
_entity_poly.pdbx_seq_one_letter_code
_entity_poly.pdbx_strand_id
1 'polypeptide(L)'
;MGSSHHHHHHSSGLVPRGSHMEIKKGTWIIKKGFAEMFKGGVIMDVTSAEQAKIAEEAGAVAVMALERVPADIRKEGGVA
RMASIAKIREIMEAVSIPVMAKVRIGHIAEAKILEELGVDFIDESEVLTPADDRFHINKHEFKVPFVCGARDLGEALRRI
AEGAAMIRTKGEAGTGNVVEAVKHMRRVMEQIKQVTKMEDEELVAYGKEIGAPVELLREVKRLGRLPVVNFAAGGVATPA
DAALMMMLGADGVFVGSGIFKSKDPRKMAKAMVLAVTYWDNPRILLKISEDIGEPMRGLDVEELEVRMQERGW
;
A,B,C
2 'polypeptide(L)'
;MGSSHHHHHHSSGLVPRGSHMKIGVLGVQGDVREHVEALHKLGVETLIVKLPEQLDMVDGLILPGGESTTMIRILKEMDM
DEKLVERINNGLPVFATCAGVILLAKRIKNYSQEKLGVLDITVERNAYGRQVESFETFVEIPAVGKDPFRAIFIRAPRIV
ETGKNVEILATYDYDPVLVKEGNILACTFHPELTDDLRLHRYFLEMVK
;
D,E,F
#
loop_
_chem_comp.id
_chem_comp.type
_chem_comp.name
_chem_comp.formula
5RP saccharide RIBULOSE-5-PHOSPHATE 'C5 H11 O8 P'
PO4 non-polymer 'PHOSPHATE ION' 'O4 P -3'
#
# COMPACT_ATOMS: atom_id res chain seq x y z
N HIS A 20 -28.34 -40.94 26.48
CA HIS A 20 -27.31 -40.06 25.86
C HIS A 20 -26.36 -40.80 24.89
N MET A 21 -26.03 -40.15 23.79
CA MET A 21 -25.13 -40.72 22.80
C MET A 21 -24.35 -39.65 22.05
N GLU A 22 -23.77 -40.03 20.92
CA GLU A 22 -22.98 -39.10 20.11
C GLU A 22 -23.83 -37.95 19.56
N ILE A 23 -23.33 -36.73 19.71
CA ILE A 23 -24.03 -35.57 19.21
C ILE A 23 -23.27 -34.96 18.04
N LYS A 24 -23.99 -34.25 17.17
CA LYS A 24 -23.39 -33.60 16.02
C LYS A 24 -23.85 -32.14 16.01
N LYS A 25 -22.93 -31.23 15.71
CA LYS A 25 -23.26 -29.81 15.67
C LYS A 25 -22.98 -29.21 14.30
N GLY A 26 -23.56 -28.04 14.04
CA GLY A 26 -23.34 -27.38 12.77
C GLY A 26 -23.51 -28.18 11.49
N THR A 27 -24.44 -29.12 11.46
CA THR A 27 -24.67 -29.91 10.26
C THR A 27 -25.72 -29.21 9.40
N TRP A 28 -25.84 -29.62 8.14
CA TRP A 28 -26.78 -29.01 7.22
C TRP A 28 -28.23 -29.03 7.67
N ILE A 29 -28.65 -30.14 8.26
CA ILE A 29 -30.02 -30.26 8.73
C ILE A 29 -30.30 -29.22 9.81
N ILE A 30 -29.30 -28.94 10.64
CA ILE A 30 -29.43 -27.97 11.72
C ILE A 30 -29.45 -26.54 11.22
N LYS A 31 -28.62 -26.24 10.22
CA LYS A 31 -28.54 -24.89 9.68
C LYS A 31 -29.79 -24.58 8.88
N LYS A 32 -30.07 -25.43 7.90
CA LYS A 32 -31.24 -25.29 7.05
C LYS A 32 -32.46 -25.28 7.95
N GLY A 33 -32.46 -26.17 8.93
CA GLY A 33 -33.56 -26.27 9.87
C GLY A 33 -33.80 -25.02 10.69
N PHE A 34 -32.76 -24.47 11.28
CA PHE A 34 -32.91 -23.28 12.10
C PHE A 34 -33.71 -22.22 11.37
N ALA A 35 -33.40 -22.03 10.09
CA ALA A 35 -34.07 -21.01 9.28
C ALA A 35 -35.55 -21.30 8.99
N GLU A 36 -35.93 -22.57 9.04
CA GLU A 36 -37.32 -22.92 8.79
C GLU A 36 -38.19 -22.32 9.88
N MET A 37 -37.60 -22.18 11.07
CA MET A 37 -38.30 -21.62 12.23
C MET A 37 -38.67 -20.15 12.04
N PHE A 38 -38.01 -19.47 11.10
CA PHE A 38 -38.30 -18.07 10.85
C PHE A 38 -39.48 -17.83 9.94
N LYS A 39 -39.88 -18.85 9.19
CA LYS A 39 -40.99 -18.67 8.26
C LYS A 39 -42.20 -18.00 8.88
N GLY A 40 -42.83 -17.13 8.09
CA GLY A 40 -44.01 -16.40 8.54
C GLY A 40 -43.69 -15.23 9.46
N GLY A 41 -42.42 -14.88 9.57
CA GLY A 41 -42.03 -13.79 10.44
C GLY A 41 -41.32 -12.60 9.82
N VAL A 42 -40.93 -11.67 10.69
CA VAL A 42 -40.23 -10.46 10.30
C VAL A 42 -38.92 -10.32 11.08
N ILE A 43 -37.83 -10.04 10.37
CA ILE A 43 -36.52 -9.85 10.98
C ILE A 43 -36.27 -8.36 10.88
N MET A 44 -35.98 -7.72 12.01
CA MET A 44 -35.76 -6.28 12.05
C MET A 44 -34.34 -5.82 12.31
N ASP A 45 -33.92 -4.79 11.60
CA ASP A 45 -32.60 -4.21 11.78
C ASP A 45 -32.73 -3.36 13.04
N VAL A 46 -31.73 -3.44 13.92
CA VAL A 46 -31.75 -2.66 15.15
C VAL A 46 -30.37 -2.07 15.41
N THR A 47 -30.35 -0.84 15.91
CA THR A 47 -29.12 -0.12 16.17
C THR A 47 -28.75 0.01 17.63
N SER A 48 -29.73 -0.20 18.49
CA SER A 48 -29.52 -0.09 19.93
C SER A 48 -30.20 -1.19 20.70
N ALA A 49 -29.98 -1.22 22.01
CA ALA A 49 -30.60 -2.22 22.85
C ALA A 49 -32.07 -1.83 23.00
N GLU A 50 -32.34 -0.53 22.88
CA GLU A 50 -33.72 -0.07 23.00
C GLU A 50 -34.55 -0.53 21.82
N GLN A 51 -33.95 -0.47 20.64
CA GLN A 51 -34.65 -0.88 19.44
C GLN A 51 -34.85 -2.38 19.45
N ALA A 52 -33.84 -3.11 19.93
CA ALA A 52 -33.91 -4.54 19.99
C ALA A 52 -35.15 -4.92 20.79
N LYS A 53 -35.37 -4.22 21.90
CA LYS A 53 -36.50 -4.50 22.77
C LYS A 53 -37.83 -4.15 22.11
N ILE A 54 -37.88 -3.06 21.36
CA ILE A 54 -39.11 -2.68 20.68
C ILE A 54 -39.41 -3.79 19.69
N ALA A 55 -38.39 -4.15 18.90
CA ALA A 55 -38.52 -5.20 17.90
C ALA A 55 -39.04 -6.49 18.52
N GLU A 56 -38.43 -6.90 19.64
CA GLU A 56 -38.85 -8.13 20.31
C GLU A 56 -40.28 -8.06 20.85
N GLU A 57 -40.65 -6.92 21.42
CA GLU A 57 -42.00 -6.74 21.97
C GLU A 57 -43.01 -6.76 20.83
N ALA A 58 -42.60 -6.25 19.67
CA ALA A 58 -43.49 -6.19 18.52
C ALA A 58 -43.82 -7.57 17.94
N GLY A 59 -42.95 -8.53 18.18
CA GLY A 59 -43.17 -9.87 17.68
C GLY A 59 -42.20 -10.28 16.59
N ALA A 60 -41.10 -9.55 16.51
CA ALA A 60 -40.06 -9.87 15.52
C ALA A 60 -39.54 -11.26 15.83
N VAL A 61 -39.17 -12.02 14.80
CA VAL A 61 -38.65 -13.35 15.04
C VAL A 61 -37.13 -13.34 15.27
N ALA A 62 -36.49 -12.21 14.94
CA ALA A 62 -35.05 -12.05 15.12
C ALA A 62 -34.65 -10.62 14.80
N VAL A 63 -33.50 -10.19 15.29
CA VAL A 63 -33.02 -8.85 15.04
C VAL A 63 -31.67 -8.90 14.33
N MET A 64 -31.37 -7.85 13.57
CA MET A 64 -30.12 -7.73 12.85
C MET A 64 -29.35 -6.57 13.48
N ALA A 65 -28.17 -6.87 14.03
CA ALA A 65 -27.34 -5.85 14.67
C ALA A 65 -26.57 -4.98 13.69
N LEU A 66 -26.74 -3.68 13.82
CA LEU A 66 -26.07 -2.72 12.97
C LEU A 66 -25.65 -1.45 13.72
N GLU A 67 -24.73 -0.71 13.13
CA GLU A 67 -24.27 0.55 13.72
C GLU A 67 -25.20 1.62 13.18
N ARG A 68 -25.59 1.47 11.91
CA ARG A 68 -26.50 2.41 11.24
C ARG A 68 -27.30 1.66 10.18
N VAL A 69 -28.62 1.85 10.16
CA VAL A 69 -29.50 1.18 9.20
C VAL A 69 -29.16 1.54 7.75
N PRO A 70 -29.60 0.70 6.78
CA PRO A 70 -29.36 0.89 5.35
C PRO A 70 -29.52 2.31 4.82
N ALA A 71 -30.59 3.00 5.23
CA ALA A 71 -30.84 4.35 4.76
C ALA A 71 -29.71 5.31 5.17
N ASP A 72 -29.16 5.09 6.36
CA ASP A 72 -28.06 5.93 6.84
C ASP A 72 -26.78 5.52 6.14
N ILE A 73 -26.62 4.22 5.90
CA ILE A 73 -25.46 3.71 5.22
C ILE A 73 -25.33 4.47 3.90
N ARG A 74 -26.47 4.71 3.25
CA ARG A 74 -26.49 5.44 1.98
C ARG A 74 -26.11 6.90 2.21
N LYS A 75 -26.93 7.59 3.00
CA LYS A 75 -26.70 9.00 3.31
C LYS A 75 -25.24 9.27 3.70
N GLU A 76 -24.74 8.56 4.71
CA GLU A 76 -23.37 8.75 5.19
C GLU A 76 -22.28 8.55 4.12
N GLY A 77 -22.03 7.30 3.76
CA GLY A 77 -21.01 7.01 2.78
C GLY A 77 -19.82 6.39 3.48
N GLY A 78 -18.66 6.35 2.81
CA GLY A 78 -17.48 5.75 3.42
C GLY A 78 -17.50 4.25 3.27
N VAL A 79 -16.64 3.55 4.01
CA VAL A 79 -16.58 2.09 3.92
C VAL A 79 -17.40 1.39 5.00
N ALA A 80 -18.47 0.73 4.59
CA ALA A 80 -19.33 0.02 5.54
C ALA A 80 -18.77 -1.35 5.87
N ARG A 81 -18.42 -1.54 7.14
CA ARG A 81 -17.87 -2.81 7.61
C ARG A 81 -18.74 -3.49 8.67
N MET A 82 -18.16 -4.49 9.31
CA MET A 82 -18.80 -5.25 10.35
C MET A 82 -19.07 -4.30 11.52
N ALA A 83 -20.12 -4.56 12.28
CA ALA A 83 -20.41 -3.69 13.42
C ALA A 83 -19.37 -3.94 14.50
N SER A 84 -19.30 -3.05 15.47
CA SER A 84 -18.34 -3.19 16.57
C SER A 84 -18.83 -4.32 17.47
N ILE A 85 -17.91 -5.09 18.03
CA ILE A 85 -18.30 -6.18 18.90
C ILE A 85 -19.17 -5.63 20.02
N ALA A 86 -18.79 -4.47 20.54
CA ALA A 86 -19.54 -3.85 21.63
C ALA A 86 -21.02 -3.70 21.28
N LYS A 87 -21.27 -3.13 20.10
CA LYS A 87 -22.62 -2.92 19.65
C LYS A 87 -23.40 -4.22 19.54
N ILE A 88 -22.75 -5.26 19.04
CA ILE A 88 -23.39 -6.56 18.89
C ILE A 88 -23.68 -7.24 20.24
N ARG A 89 -22.76 -7.14 21.18
CA ARG A 89 -22.96 -7.72 22.50
C ARG A 89 -24.14 -7.01 23.16
N GLU A 90 -24.19 -5.70 22.97
CA GLU A 90 -25.26 -4.89 23.52
C GLU A 90 -26.60 -5.51 23.15
N ILE A 91 -26.77 -5.73 21.84
CA ILE A 91 -28.00 -6.29 21.34
C ILE A 91 -28.20 -7.76 21.71
N MET A 92 -27.12 -8.53 21.77
CA MET A 92 -27.25 -9.93 22.13
C MET A 92 -27.78 -10.06 23.54
N GLU A 93 -27.33 -9.19 24.41
CA GLU A 93 -27.74 -9.21 25.81
C GLU A 93 -29.10 -8.58 26.06
N ALA A 94 -29.60 -7.83 25.09
CA ALA A 94 -30.88 -7.14 25.25
C ALA A 94 -32.14 -7.93 24.97
N VAL A 95 -32.03 -9.00 24.19
CA VAL A 95 -33.21 -9.80 23.84
C VAL A 95 -32.91 -11.27 23.90
N SER A 96 -33.94 -12.09 23.84
CA SER A 96 -33.72 -13.54 23.90
C SER A 96 -33.91 -14.18 22.53
N ILE A 97 -34.36 -13.40 21.56
CA ILE A 97 -34.54 -13.92 20.21
C ILE A 97 -33.19 -13.92 19.52
N PRO A 98 -33.03 -14.75 18.47
CA PRO A 98 -31.76 -14.82 17.74
C PRO A 98 -31.27 -13.44 17.30
N VAL A 99 -29.95 -13.29 17.27
CA VAL A 99 -29.34 -12.04 16.84
C VAL A 99 -28.44 -12.35 15.64
N MET A 100 -28.65 -11.60 14.55
CA MET A 100 -27.87 -11.75 13.33
C MET A 100 -26.93 -10.55 13.18
N ALA A 101 -25.83 -10.74 12.46
CA ALA A 101 -24.88 -9.66 12.22
C ALA A 101 -24.43 -9.77 10.77
N LYS A 102 -24.21 -8.63 10.12
CA LYS A 102 -23.80 -8.59 8.72
C LYS A 102 -22.26 -8.58 8.63
N VAL A 103 -21.73 -9.12 7.53
CA VAL A 103 -20.30 -9.10 7.29
C VAL A 103 -20.11 -8.74 5.82
N ARG A 104 -19.00 -8.12 5.49
CA ARG A 104 -18.72 -7.74 4.11
C ARG A 104 -18.54 -8.99 3.26
N ILE A 105 -19.05 -8.96 2.04
CA ILE A 105 -18.91 -10.10 1.16
C ILE A 105 -17.45 -10.54 1.04
N GLY A 106 -17.22 -11.84 1.17
CA GLY A 106 -15.88 -12.39 1.06
C GLY A 106 -14.96 -12.16 2.22
N HIS A 107 -15.43 -11.50 3.28
CA HIS A 107 -14.57 -11.23 4.44
C HIS A 107 -14.53 -12.40 5.44
N ILE A 108 -13.73 -13.40 5.14
CA ILE A 108 -13.63 -14.57 6.01
C ILE A 108 -13.35 -14.22 7.46
N ALA A 109 -12.38 -13.34 7.69
CA ALA A 109 -12.02 -12.93 9.05
C ALA A 109 -13.18 -12.40 9.87
N GLU A 110 -13.94 -11.45 9.31
CA GLU A 110 -15.08 -10.91 10.03
C GLU A 110 -16.02 -12.03 10.45
N ALA A 111 -16.28 -12.96 9.54
CA ALA A 111 -17.17 -14.08 9.81
C ALA A 111 -16.63 -15.01 10.91
N LYS A 112 -15.32 -15.26 10.90
CA LYS A 112 -14.72 -16.10 11.91
C LYS A 112 -14.93 -15.45 13.26
N ILE A 113 -14.65 -14.16 13.33
CA ILE A 113 -14.83 -13.39 14.55
C ILE A 113 -16.27 -13.51 15.04
N LEU A 114 -17.22 -13.28 14.14
CA LEU A 114 -18.63 -13.35 14.49
C LEU A 114 -19.06 -14.73 14.97
N GLU A 115 -18.60 -15.77 14.29
CA GLU A 115 -18.95 -17.13 14.71
C GLU A 115 -18.48 -17.33 16.14
N GLU A 116 -17.23 -16.96 16.41
CA GLU A 116 -16.64 -17.07 17.74
C GLU A 116 -17.43 -16.24 18.76
N LEU A 117 -17.98 -15.12 18.33
CA LEU A 117 -18.74 -14.29 19.24
C LEU A 117 -20.06 -14.95 19.61
N GLY A 118 -20.51 -15.91 18.81
CA GLY A 118 -21.75 -16.59 19.13
C GLY A 118 -23.00 -16.04 18.46
N VAL A 119 -22.83 -15.17 17.46
CA VAL A 119 -23.99 -14.63 16.73
C VAL A 119 -24.79 -15.84 16.20
N ASP A 120 -26.11 -15.70 16.08
CA ASP A 120 -26.94 -16.81 15.61
C ASP A 120 -27.03 -17.01 14.11
N PHE A 121 -26.76 -15.96 13.34
CA PHE A 121 -26.85 -16.07 11.89
C PHE A 121 -26.02 -14.97 11.27
N ILE A 122 -25.07 -15.34 10.42
CA ILE A 122 -24.25 -14.33 9.76
C ILE A 122 -24.88 -13.96 8.42
N ASP A 123 -24.86 -12.68 8.09
CA ASP A 123 -25.42 -12.22 6.84
C ASP A 123 -24.32 -11.61 5.99
N GLU A 124 -23.90 -12.34 4.96
CA GLU A 124 -22.89 -11.88 4.03
C GLU A 124 -23.71 -11.01 3.11
N SER A 125 -23.86 -9.74 3.46
CA SER A 125 -24.70 -8.84 2.67
C SER A 125 -23.96 -7.87 1.78
N GLU A 126 -24.68 -7.40 0.76
CA GLU A 126 -24.13 -6.46 -0.19
C GLU A 126 -24.44 -5.01 0.20
N VAL A 127 -25.10 -4.81 1.33
CA VAL A 127 -25.38 -3.44 1.75
C VAL A 127 -24.12 -2.88 2.40
N LEU A 128 -23.13 -3.74 2.57
CA LEU A 128 -21.86 -3.34 3.15
C LEU A 128 -20.78 -3.40 2.07
N THR A 129 -19.79 -2.52 2.17
CA THR A 129 -18.70 -2.45 1.20
C THR A 129 -18.06 -3.83 1.02
N PRO A 130 -18.26 -4.46 -0.15
CA PRO A 130 -17.69 -5.78 -0.42
C PRO A 130 -16.20 -5.84 -0.16
N ALA A 131 -15.75 -6.95 0.42
CA ALA A 131 -14.34 -7.16 0.74
C ALA A 131 -13.65 -7.93 -0.38
N ASP A 132 -14.38 -8.87 -0.97
CA ASP A 132 -13.86 -9.65 -2.08
C ASP A 132 -14.72 -9.24 -3.27
N ASP A 133 -14.07 -9.02 -4.40
CA ASP A 133 -14.76 -8.57 -5.59
C ASP A 133 -15.24 -9.69 -6.50
N ARG A 134 -14.76 -10.92 -6.27
CA ARG A 134 -15.14 -12.06 -7.09
C ARG A 134 -15.71 -13.23 -6.31
N PHE A 135 -15.03 -13.60 -5.24
CA PHE A 135 -15.48 -14.74 -4.45
C PHE A 135 -16.23 -14.38 -3.18
N HIS A 136 -17.01 -15.34 -2.69
CA HIS A 136 -17.77 -15.17 -1.48
C HIS A 136 -17.10 -16.05 -0.44
N ILE A 137 -17.64 -16.04 0.76
CA ILE A 137 -17.08 -16.84 1.82
C ILE A 137 -17.50 -18.28 1.61
N ASN A 138 -16.57 -19.21 1.80
CA ASN A 138 -16.91 -20.61 1.68
C ASN A 138 -17.59 -20.94 3.01
N LYS A 139 -18.92 -20.85 3.01
CA LYS A 139 -19.70 -21.06 4.21
C LYS A 139 -19.76 -22.47 4.79
N HIS A 140 -19.29 -23.47 4.05
CA HIS A 140 -19.30 -24.83 4.54
C HIS A 140 -18.39 -24.99 5.76
N GLU A 141 -17.29 -24.24 5.76
CA GLU A 141 -16.31 -24.30 6.84
C GLU A 141 -16.88 -23.91 8.19
N PHE A 142 -17.95 -23.13 8.19
CA PHE A 142 -18.56 -22.64 9.42
C PHE A 142 -19.61 -23.55 10.07
N LYS A 143 -19.89 -23.29 11.34
CA LYS A 143 -20.88 -24.05 12.08
C LYS A 143 -22.15 -23.22 12.12
N VAL A 144 -21.97 -21.90 12.13
CA VAL A 144 -23.12 -21.03 12.16
C VAL A 144 -23.68 -20.83 10.76
N PRO A 145 -25.00 -20.76 10.63
CA PRO A 145 -25.61 -20.57 9.31
C PRO A 145 -25.43 -19.17 8.74
N PHE A 146 -25.43 -19.10 7.42
CA PHE A 146 -25.30 -17.85 6.66
C PHE A 146 -26.56 -17.60 5.82
N VAL A 147 -26.82 -16.33 5.55
CA VAL A 147 -27.94 -15.93 4.72
C VAL A 147 -27.33 -15.01 3.68
N CYS A 148 -27.69 -15.21 2.41
CA CYS A 148 -27.16 -14.39 1.34
C CYS A 148 -28.22 -13.84 0.42
N GLY A 149 -27.86 -12.81 -0.32
CA GLY A 149 -28.79 -12.19 -1.24
C GLY A 149 -28.74 -12.78 -2.63
N ALA A 150 -29.81 -12.54 -3.39
CA ALA A 150 -29.91 -13.04 -4.73
C ALA A 150 -30.90 -12.18 -5.48
N ARG A 151 -30.72 -12.07 -6.79
CA ARG A 151 -31.62 -11.29 -7.59
C ARG A 151 -32.37 -12.20 -8.53
N ASP A 152 -32.00 -13.48 -8.52
CA ASP A 152 -32.64 -14.48 -9.37
C ASP A 152 -32.26 -15.88 -8.92
N LEU A 153 -32.88 -16.88 -9.56
CA LEU A 153 -32.63 -18.29 -9.23
C LEU A 153 -31.17 -18.70 -9.41
N GLY A 154 -30.51 -18.11 -10.42
CA GLY A 154 -29.12 -18.40 -10.69
C GLY A 154 -28.20 -18.11 -9.52
N GLU A 155 -28.24 -16.89 -8.97
CA GLU A 155 -27.36 -16.61 -7.85
C GLU A 155 -27.88 -17.15 -6.53
N ALA A 156 -29.19 -17.28 -6.41
CA ALA A 156 -29.72 -17.86 -5.19
C ALA A 156 -29.11 -19.25 -5.10
N LEU A 157 -29.12 -19.95 -6.22
CA LEU A 157 -28.57 -21.30 -6.31
C LEU A 157 -27.07 -21.35 -6.11
N ARG A 158 -26.36 -20.37 -6.64
CA ARG A 158 -24.89 -20.31 -6.47
C ARG A 158 -24.58 -20.08 -4.99
N ARG A 159 -25.25 -19.11 -4.38
CA ARG A 159 -25.05 -18.80 -2.98
C ARG A 159 -25.26 -20.05 -2.15
N ILE A 160 -26.25 -20.84 -2.50
CA ILE A 160 -26.54 -22.07 -1.77
C ILE A 160 -25.41 -23.10 -1.95
N ALA A 161 -24.84 -23.13 -3.15
CA ALA A 161 -23.75 -24.06 -3.45
C ALA A 161 -22.54 -23.76 -2.60
N GLU A 162 -22.43 -22.50 -2.15
CA GLU A 162 -21.31 -22.08 -1.32
C GLU A 162 -21.60 -22.37 0.15
N GLY A 163 -22.84 -22.75 0.45
CA GLY A 163 -23.19 -23.10 1.82
C GLY A 163 -24.34 -22.35 2.49
N ALA A 164 -24.86 -21.32 1.83
CA ALA A 164 -25.94 -20.51 2.38
C ALA A 164 -27.12 -21.35 2.83
N ALA A 165 -27.57 -21.15 4.05
CA ALA A 165 -28.71 -21.90 4.58
C ALA A 165 -30.03 -21.16 4.39
N MET A 166 -29.94 -19.89 4.00
CA MET A 166 -31.12 -19.07 3.79
C MET A 166 -30.78 -17.97 2.77
N ILE A 167 -31.73 -17.73 1.88
CA ILE A 167 -31.57 -16.74 0.83
C ILE A 167 -32.57 -15.62 1.06
N ARG A 168 -32.18 -14.40 0.69
CA ARG A 168 -33.11 -13.31 0.81
C ARG A 168 -33.04 -12.62 -0.53
N THR A 169 -34.21 -12.47 -1.14
CA THR A 169 -34.30 -11.84 -2.44
C THR A 169 -34.29 -10.35 -2.14
N LYS A 170 -33.19 -9.72 -2.52
CA LYS A 170 -32.93 -8.30 -2.30
C LYS A 170 -33.52 -7.32 -3.31
N GLY A 171 -33.66 -6.08 -2.85
CA GLY A 171 -34.16 -5.01 -3.67
C GLY A 171 -33.19 -3.87 -3.44
N GLU A 172 -33.69 -2.67 -3.21
CA GLU A 172 -32.81 -1.53 -2.97
C GLU A 172 -32.86 -1.21 -1.49
N ALA A 173 -31.76 -1.47 -0.79
CA ALA A 173 -31.73 -1.19 0.63
C ALA A 173 -31.96 0.29 0.92
N GLY A 174 -32.72 0.56 1.98
CA GLY A 174 -32.99 1.92 2.41
C GLY A 174 -33.49 2.96 1.44
N THR A 175 -34.50 2.63 0.65
CA THR A 175 -35.05 3.61 -0.29
C THR A 175 -36.57 3.70 -0.13
N GLY A 176 -37.15 2.75 0.60
CA GLY A 176 -38.58 2.76 0.83
C GLY A 176 -39.37 2.38 -0.41
N ASN A 177 -38.68 1.80 -1.38
CA ASN A 177 -39.30 1.40 -2.64
C ASN A 177 -39.26 -0.11 -2.85
N VAL A 178 -40.40 -0.79 -2.76
CA VAL A 178 -40.43 -2.25 -2.96
C VAL A 178 -40.22 -2.73 -4.39
N VAL A 179 -40.23 -1.81 -5.34
CA VAL A 179 -40.09 -2.18 -6.74
C VAL A 179 -39.02 -3.24 -7.09
N GLU A 180 -37.78 -3.06 -6.64
CA GLU A 180 -36.77 -4.06 -6.96
C GLU A 180 -37.07 -5.39 -6.26
N ALA A 181 -37.56 -5.32 -5.03
CA ALA A 181 -37.91 -6.52 -4.30
C ALA A 181 -38.98 -7.28 -5.06
N VAL A 182 -40.00 -6.56 -5.55
CA VAL A 182 -41.05 -7.20 -6.30
C VAL A 182 -40.45 -7.86 -7.52
N LYS A 183 -39.73 -7.05 -8.32
CA LYS A 183 -39.09 -7.53 -9.54
C LYS A 183 -38.38 -8.88 -9.34
N HIS A 184 -37.47 -8.93 -8.39
CA HIS A 184 -36.69 -10.13 -8.10
C HIS A 184 -37.46 -11.29 -7.48
N MET A 185 -38.44 -11.00 -6.63
CA MET A 185 -39.20 -12.07 -6.02
C MET A 185 -39.99 -12.73 -7.13
N ARG A 186 -40.53 -11.92 -8.04
CA ARG A 186 -41.30 -12.45 -9.16
C ARG A 186 -40.38 -13.25 -10.04
N ARG A 187 -39.21 -12.69 -10.31
CA ARG A 187 -38.23 -13.35 -11.14
C ARG A 187 -37.89 -14.75 -10.61
N VAL A 188 -37.46 -14.83 -9.36
CA VAL A 188 -37.12 -16.11 -8.76
C VAL A 188 -38.26 -17.11 -8.88
N MET A 189 -39.43 -16.71 -8.38
CA MET A 189 -40.61 -17.57 -8.41
C MET A 189 -40.95 -18.05 -9.81
N GLU A 190 -40.82 -17.15 -10.78
CA GLU A 190 -41.11 -17.47 -12.17
C GLU A 190 -40.20 -18.61 -12.65
N GLN A 191 -38.89 -18.40 -12.48
CA GLN A 191 -37.90 -19.39 -12.86
C GLN A 191 -38.15 -20.71 -12.14
N ILE A 192 -38.37 -20.66 -10.84
CA ILE A 192 -38.62 -21.91 -10.13
C ILE A 192 -39.72 -22.65 -10.84
N LYS A 193 -40.87 -22.01 -10.97
CA LYS A 193 -42.03 -22.59 -11.63
C LYS A 193 -41.63 -23.28 -12.94
N GLN A 194 -40.90 -22.56 -13.79
CA GLN A 194 -40.45 -23.10 -15.06
C GLN A 194 -39.61 -24.36 -14.87
N VAL A 195 -38.54 -24.23 -14.11
CA VAL A 195 -37.66 -25.36 -13.85
C VAL A 195 -38.46 -26.58 -13.41
N THR A 196 -39.57 -26.34 -12.74
CA THR A 196 -40.39 -27.42 -12.19
C THR A 196 -40.85 -28.37 -13.27
N LYS A 197 -41.01 -27.84 -14.47
CA LYS A 197 -41.50 -28.59 -15.61
C LYS A 197 -40.46 -28.80 -16.72
N MET A 198 -39.19 -28.87 -16.36
CA MET A 198 -38.17 -29.09 -17.37
C MET A 198 -37.70 -30.53 -17.31
N GLU A 199 -37.29 -31.03 -18.47
CA GLU A 199 -36.76 -32.39 -18.57
C GLU A 199 -35.26 -32.29 -18.31
N ASP A 200 -34.69 -33.35 -17.75
CA ASP A 200 -33.26 -33.34 -17.44
C ASP A 200 -32.38 -32.62 -18.45
N GLU A 201 -32.49 -32.97 -19.73
CA GLU A 201 -31.66 -32.34 -20.76
C GLU A 201 -31.87 -30.84 -20.81
N GLU A 202 -33.07 -30.40 -20.44
CA GLU A 202 -33.42 -28.98 -20.42
C GLU A 202 -32.82 -28.35 -19.15
N LEU A 203 -32.79 -29.13 -18.07
CA LEU A 203 -32.22 -28.69 -16.81
C LEU A 203 -30.72 -28.37 -16.98
N VAL A 204 -29.98 -29.32 -17.55
CA VAL A 204 -28.55 -29.14 -17.79
C VAL A 204 -28.31 -27.91 -18.66
N ALA A 205 -29.16 -27.73 -19.65
CA ALA A 205 -29.02 -26.59 -20.53
C ALA A 205 -29.32 -25.30 -19.77
N TYR A 206 -30.43 -25.28 -19.04
CA TYR A 206 -30.82 -24.10 -18.28
C TYR A 206 -29.71 -23.74 -17.31
N GLY A 207 -29.12 -24.75 -16.68
CA GLY A 207 -28.06 -24.50 -15.73
C GLY A 207 -26.97 -23.66 -16.35
N LYS A 208 -26.61 -23.98 -17.59
CA LYS A 208 -25.57 -23.23 -18.28
C LYS A 208 -26.06 -21.80 -18.49
N GLU A 209 -27.30 -21.66 -18.95
CA GLU A 209 -27.87 -20.36 -19.22
C GLU A 209 -27.86 -19.42 -18.01
N ILE A 210 -28.48 -19.83 -16.92
CA ILE A 210 -28.53 -18.99 -15.73
C ILE A 210 -27.36 -19.21 -14.78
N GLY A 211 -26.37 -19.98 -15.24
CA GLY A 211 -25.20 -20.22 -14.41
C GLY A 211 -25.43 -20.76 -13.03
N ALA A 212 -26.24 -21.81 -12.91
CA ALA A 212 -26.53 -22.43 -11.64
C ALA A 212 -26.20 -23.92 -11.71
N PRO A 213 -25.78 -24.51 -10.58
CA PRO A 213 -25.44 -25.93 -10.52
C PRO A 213 -26.62 -26.85 -10.81
N VAL A 214 -26.47 -27.69 -11.84
CA VAL A 214 -27.52 -28.62 -12.25
C VAL A 214 -28.06 -29.47 -11.11
N GLU A 215 -27.19 -29.86 -10.19
CA GLU A 215 -27.63 -30.67 -9.07
C GLU A 215 -28.71 -29.95 -8.27
N LEU A 216 -28.52 -28.66 -8.03
CA LEU A 216 -29.51 -27.91 -7.27
C LEU A 216 -30.78 -27.68 -8.11
N LEU A 217 -30.64 -27.61 -9.43
CA LEU A 217 -31.81 -27.42 -10.27
C LEU A 217 -32.71 -28.64 -10.19
N ARG A 218 -32.09 -29.82 -10.17
CA ARG A 218 -32.85 -31.06 -10.10
C ARG A 218 -33.59 -31.09 -8.79
N GLU A 219 -32.98 -30.50 -7.77
CA GLU A 219 -33.55 -30.43 -6.42
C GLU A 219 -34.74 -29.49 -6.42
N VAL A 220 -34.57 -28.34 -7.06
CA VAL A 220 -35.66 -27.36 -7.14
C VAL A 220 -36.82 -27.99 -7.87
N LYS A 221 -36.50 -28.69 -8.95
CA LYS A 221 -37.51 -29.34 -9.76
C LYS A 221 -38.40 -30.29 -8.96
N ARG A 222 -37.83 -31.00 -7.99
CA ARG A 222 -38.63 -31.90 -7.19
C ARG A 222 -39.38 -31.19 -6.09
N LEU A 223 -38.69 -30.40 -5.28
CA LEU A 223 -39.34 -29.68 -4.18
C LEU A 223 -40.37 -28.66 -4.66
N GLY A 224 -40.24 -28.19 -5.90
CA GLY A 224 -41.16 -27.21 -6.43
C GLY A 224 -40.90 -25.85 -5.81
N ARG A 225 -39.75 -25.72 -5.14
CA ARG A 225 -39.35 -24.47 -4.49
C ARG A 225 -37.84 -24.48 -4.24
N LEU A 226 -37.31 -23.37 -3.72
CA LEU A 226 -35.88 -23.28 -3.40
C LEU A 226 -35.58 -24.31 -2.32
N PRO A 227 -34.34 -24.78 -2.26
CA PRO A 227 -34.05 -25.77 -1.22
C PRO A 227 -33.77 -25.20 0.16
N VAL A 228 -34.02 -23.89 0.33
CA VAL A 228 -33.85 -23.22 1.62
C VAL A 228 -34.88 -22.10 1.72
N VAL A 229 -35.06 -21.55 2.92
CA VAL A 229 -36.02 -20.47 3.14
C VAL A 229 -35.67 -19.24 2.33
N ASN A 230 -36.66 -18.61 1.70
CA ASN A 230 -36.44 -17.40 0.91
C ASN A 230 -37.25 -16.19 1.42
N PHE A 231 -36.53 -15.18 1.89
CA PHE A 231 -37.17 -13.99 2.43
C PHE A 231 -37.10 -12.80 1.49
N ALA A 232 -38.11 -11.93 1.58
CA ALA A 232 -38.15 -10.72 0.76
C ALA A 232 -37.38 -9.70 1.56
N ALA A 233 -36.68 -8.79 0.87
CA ALA A 233 -35.91 -7.78 1.56
C ALA A 233 -35.58 -6.55 0.72
N GLY A 234 -35.53 -5.39 1.34
CA GLY A 234 -35.19 -4.18 0.63
C GLY A 234 -36.37 -3.35 0.14
N GLY A 235 -36.62 -2.24 0.83
CA GLY A 235 -37.71 -1.35 0.43
C GLY A 235 -39.06 -1.51 1.10
N VAL A 236 -39.20 -2.47 2.01
CA VAL A 236 -40.47 -2.62 2.67
C VAL A 236 -40.59 -1.48 3.68
N ALA A 237 -41.62 -0.66 3.50
CA ALA A 237 -41.81 0.50 4.36
C ALA A 237 -43.18 0.64 4.98
N THR A 238 -44.11 -0.23 4.62
CA THR A 238 -45.47 -0.19 5.15
C THR A 238 -46.09 -1.58 5.21
N PRO A 239 -47.03 -1.81 6.13
CA PRO A 239 -47.68 -3.12 6.26
C PRO A 239 -48.11 -3.70 4.90
N ALA A 240 -48.71 -2.85 4.06
CA ALA A 240 -49.14 -3.30 2.74
C ALA A 240 -47.97 -3.89 1.96
N ASP A 241 -46.83 -3.23 2.02
CA ASP A 241 -45.64 -3.72 1.32
C ASP A 241 -45.30 -5.13 1.80
N ALA A 242 -45.30 -5.34 3.11
CA ALA A 242 -44.99 -6.66 3.67
C ALA A 242 -45.97 -7.71 3.17
N ALA A 243 -47.26 -7.38 3.18
CA ALA A 243 -48.28 -8.31 2.73
C ALA A 243 -48.06 -8.67 1.26
N LEU A 244 -47.72 -7.68 0.45
CA LEU A 244 -47.47 -7.90 -0.96
C LEU A 244 -46.37 -8.94 -1.14
N MET A 245 -45.26 -8.73 -0.45
CA MET A 245 -44.15 -9.66 -0.55
C MET A 245 -44.61 -11.09 -0.33
N MET A 246 -45.49 -11.28 0.64
CA MET A 246 -46.01 -12.62 0.93
C MET A 246 -46.91 -13.08 -0.22
N MET A 247 -47.68 -12.15 -0.79
CA MET A 247 -48.56 -12.47 -1.91
C MET A 247 -47.73 -12.94 -3.09
N LEU A 248 -46.51 -12.44 -3.19
CA LEU A 248 -45.62 -12.83 -4.27
C LEU A 248 -44.84 -14.10 -3.97
N GLY A 249 -45.07 -14.71 -2.81
CA GLY A 249 -44.40 -15.96 -2.50
C GLY A 249 -43.25 -15.99 -1.53
N ALA A 250 -43.05 -14.93 -0.77
CA ALA A 250 -41.95 -14.91 0.20
C ALA A 250 -42.28 -15.72 1.43
N ASP A 251 -41.25 -16.16 2.14
CA ASP A 251 -41.45 -16.93 3.36
C ASP A 251 -41.48 -15.97 4.57
N GLY A 252 -41.11 -14.72 4.35
CA GLY A 252 -41.10 -13.72 5.40
C GLY A 252 -40.35 -12.50 4.90
N VAL A 253 -40.22 -11.46 5.71
CA VAL A 253 -39.53 -10.26 5.23
C VAL A 253 -38.52 -9.72 6.21
N PHE A 254 -37.53 -9.03 5.65
CA PHE A 254 -36.49 -8.37 6.41
C PHE A 254 -36.87 -6.89 6.30
N VAL A 255 -36.93 -6.21 7.44
CA VAL A 255 -37.26 -4.80 7.43
C VAL A 255 -36.21 -4.08 8.26
N GLY A 256 -35.52 -3.13 7.64
CA GLY A 256 -34.49 -2.38 8.36
C GLY A 256 -34.89 -0.94 8.60
N SER A 257 -34.74 -0.13 7.55
CA SER A 257 -35.05 1.30 7.60
C SER A 257 -36.53 1.63 7.75
N GLY A 258 -37.39 0.88 7.06
CA GLY A 258 -38.82 1.11 7.11
C GLY A 258 -39.52 1.23 8.45
N ILE A 259 -38.94 0.68 9.51
CA ILE A 259 -39.56 0.73 10.84
C ILE A 259 -39.05 1.85 11.71
N PHE A 260 -37.75 1.92 11.90
CA PHE A 260 -37.20 2.95 12.76
C PHE A 260 -37.06 4.32 12.09
N LYS A 261 -37.22 4.36 10.78
CA LYS A 261 -37.13 5.62 10.05
C LYS A 261 -38.51 6.25 9.90
N SER A 262 -39.50 5.67 10.57
CA SER A 262 -40.86 6.19 10.52
C SER A 262 -41.17 6.93 11.83
N LYS A 263 -42.30 7.62 11.87
CA LYS A 263 -42.68 8.37 13.05
C LYS A 263 -42.79 7.52 14.32
N ASP A 264 -43.70 6.55 14.32
CA ASP A 264 -43.86 5.73 15.51
C ASP A 264 -43.40 4.28 15.25
N PRO A 265 -42.10 4.01 15.45
CA PRO A 265 -41.53 2.68 15.24
C PRO A 265 -42.24 1.53 15.92
N ARG A 266 -42.48 1.64 17.21
CA ARG A 266 -43.18 0.55 17.90
C ARG A 266 -44.51 0.24 17.23
N LYS A 267 -45.22 1.30 16.85
CA LYS A 267 -46.53 1.16 16.20
C LYS A 267 -46.35 0.44 14.85
N MET A 268 -45.46 0.98 14.03
CA MET A 268 -45.19 0.40 12.71
C MET A 268 -44.76 -1.04 12.82
N ALA A 269 -43.85 -1.32 13.75
CA ALA A 269 -43.32 -2.66 13.96
C ALA A 269 -44.39 -3.72 14.21
N LYS A 270 -45.32 -3.45 15.12
CA LYS A 270 -46.37 -4.42 15.43
C LYS A 270 -47.23 -4.71 14.19
N ALA A 271 -47.42 -3.68 13.36
CA ALA A 271 -48.21 -3.80 12.15
C ALA A 271 -47.52 -4.71 11.12
N MET A 272 -46.21 -4.53 10.95
CA MET A 272 -45.45 -5.35 10.02
C MET A 272 -45.63 -6.81 10.38
N VAL A 273 -45.36 -7.12 11.65
CA VAL A 273 -45.49 -8.50 12.14
C VAL A 273 -46.85 -9.08 11.79
N LEU A 274 -47.90 -8.29 11.98
CA LEU A 274 -49.26 -8.77 11.68
C LEU A 274 -49.58 -8.86 10.20
N ALA A 275 -48.94 -8.03 9.38
CA ALA A 275 -49.20 -8.05 7.95
C ALA A 275 -48.62 -9.31 7.31
N VAL A 276 -47.45 -9.71 7.78
CA VAL A 276 -46.85 -10.92 7.24
C VAL A 276 -47.68 -12.14 7.59
N THR A 277 -48.34 -12.11 8.75
CA THR A 277 -49.17 -13.23 9.18
C THR A 277 -50.54 -13.23 8.50
N TYR A 278 -51.16 -12.06 8.41
CA TYR A 278 -52.47 -11.94 7.82
C TYR A 278 -52.46 -11.24 6.47
N TRP A 279 -51.49 -11.58 5.62
CA TRP A 279 -51.39 -10.97 4.30
C TRP A 279 -52.57 -11.28 3.40
N ASP A 280 -53.27 -12.39 3.68
CA ASP A 280 -54.44 -12.75 2.89
C ASP A 280 -55.76 -12.39 3.60
N ASN A 281 -55.70 -11.48 4.56
CA ASN A 281 -56.88 -11.06 5.29
C ASN A 281 -57.07 -9.54 5.20
N PRO A 282 -57.82 -9.08 4.18
CA PRO A 282 -58.05 -7.65 3.99
C PRO A 282 -58.60 -6.95 5.21
N ARG A 283 -59.51 -7.60 5.94
CA ARG A 283 -60.09 -6.98 7.12
C ARG A 283 -58.97 -6.61 8.07
N ILE A 284 -58.11 -7.58 8.34
CA ILE A 284 -56.99 -7.36 9.25
C ILE A 284 -55.94 -6.41 8.71
N LEU A 285 -55.63 -6.52 7.42
CA LEU A 285 -54.65 -5.63 6.83
C LEU A 285 -55.12 -4.19 6.99
N LEU A 286 -56.41 -3.95 6.83
CA LEU A 286 -56.96 -2.61 6.95
C LEU A 286 -56.91 -2.14 8.40
N LYS A 287 -57.17 -3.06 9.32
CA LYS A 287 -57.16 -2.74 10.75
C LYS A 287 -55.77 -2.24 11.16
N ILE A 288 -54.74 -2.99 10.81
CA ILE A 288 -53.38 -2.62 11.20
C ILE A 288 -52.86 -1.43 10.41
N SER A 289 -53.61 -1.00 9.41
CA SER A 289 -53.23 0.13 8.57
C SER A 289 -53.95 1.41 9.00
N GLU A 290 -55.05 1.27 9.72
CA GLU A 290 -55.85 2.41 10.19
C GLU A 290 -54.95 3.49 10.74
N ASP A 291 -53.91 3.08 11.43
CA ASP A 291 -52.96 4.02 11.96
C ASP A 291 -51.61 3.35 12.10
N ILE A 292 -50.58 3.98 11.55
CA ILE A 292 -49.25 3.42 11.61
C ILE A 292 -48.21 4.52 11.72
N GLY A 293 -48.66 5.76 11.52
CA GLY A 293 -47.74 6.87 11.59
C GLY A 293 -47.34 7.22 10.17
N GLU A 294 -46.20 7.89 10.03
CA GLU A 294 -45.71 8.31 8.71
C GLU A 294 -44.53 7.46 8.28
N PRO A 295 -44.71 6.66 7.22
CA PRO A 295 -43.64 5.79 6.70
C PRO A 295 -42.49 6.68 6.26
N MET A 296 -41.28 6.13 6.23
CA MET A 296 -40.13 6.91 5.81
C MET A 296 -40.46 7.54 4.46
N ARG A 297 -39.89 8.72 4.17
CA ARG A 297 -40.15 9.40 2.89
C ARG A 297 -39.70 8.59 1.68
N GLY A 298 -38.54 7.95 1.82
CA GLY A 298 -38.03 7.14 0.73
C GLY A 298 -37.26 7.94 -0.29
N LEU A 299 -36.45 7.23 -1.07
CA LEU A 299 -35.63 7.84 -2.11
C LEU A 299 -36.05 7.22 -3.44
N ASP A 300 -36.29 8.07 -4.44
CA ASP A 300 -36.68 7.59 -5.76
C ASP A 300 -36.20 8.50 -6.89
N PRO B 16 41.97 -11.29 22.18
CA PRO B 16 41.69 -12.53 21.42
C PRO B 16 40.85 -12.16 20.20
N ARG B 17 41.51 -11.83 19.09
CA ARG B 17 40.83 -11.40 17.88
C ARG B 17 39.89 -12.36 17.17
N GLY B 18 40.27 -13.63 17.08
CA GLY B 18 39.42 -14.58 16.40
C GLY B 18 39.49 -14.35 14.91
N SER B 19 38.42 -14.69 14.20
CA SER B 19 38.34 -14.55 12.76
C SER B 19 38.35 -13.10 12.29
N HIS B 20 38.78 -12.90 11.05
CA HIS B 20 38.79 -11.56 10.46
C HIS B 20 39.14 -11.60 8.97
N MET B 21 38.42 -12.44 8.22
CA MET B 21 38.65 -12.56 6.79
C MET B 21 37.79 -11.54 6.05
N GLU B 22 37.91 -11.50 4.72
CA GLU B 22 37.15 -10.56 3.91
C GLU B 22 35.66 -10.65 4.19
N ILE B 23 34.99 -9.52 4.03
CA ILE B 23 33.55 -9.39 4.24
C ILE B 23 32.92 -8.86 2.97
N LYS B 24 31.62 -9.08 2.81
CA LYS B 24 30.89 -8.62 1.65
C LYS B 24 29.63 -7.90 2.14
N LYS B 25 29.30 -6.76 1.53
CA LYS B 25 28.12 -6.01 1.92
C LYS B 25 27.15 -5.85 0.76
N GLY B 26 25.91 -5.50 1.08
CA GLY B 26 24.90 -5.28 0.07
C GLY B 26 24.73 -6.35 -1.01
N THR B 27 24.90 -7.61 -0.65
CA THR B 27 24.73 -8.70 -1.61
C THR B 27 23.27 -9.17 -1.59
N TRP B 28 22.87 -9.92 -2.61
CA TRP B 28 21.49 -10.40 -2.71
C TRP B 28 21.02 -11.21 -1.52
N ILE B 29 21.87 -12.07 -1.00
CA ILE B 29 21.52 -12.90 0.15
C ILE B 29 21.20 -12.01 1.37
N ILE B 30 21.93 -10.91 1.50
CA ILE B 30 21.74 -9.99 2.60
C ILE B 30 20.46 -9.15 2.46
N LYS B 31 20.17 -8.70 1.23
CA LYS B 31 18.99 -7.90 0.99
C LYS B 31 17.75 -8.76 1.09
N LYS B 32 17.72 -9.84 0.32
CA LYS B 32 16.58 -10.75 0.32
C LYS B 32 16.41 -11.26 1.74
N GLY B 33 17.53 -11.56 2.39
CA GLY B 33 17.53 -12.07 3.75
C GLY B 33 16.94 -11.11 4.77
N PHE B 34 17.38 -9.86 4.75
CA PHE B 34 16.87 -8.88 5.69
C PHE B 34 15.35 -8.89 5.74
N ALA B 35 14.73 -8.96 4.57
CA ALA B 35 13.27 -8.95 4.48
C ALA B 35 12.58 -10.19 5.03
N GLU B 36 13.30 -11.30 5.07
CA GLU B 36 12.74 -12.53 5.59
C GLU B 36 12.43 -12.31 7.07
N MET B 37 13.22 -11.44 7.70
CA MET B 37 13.07 -11.16 9.13
C MET B 37 11.75 -10.44 9.45
N PHE B 38 11.15 -9.85 8.43
CA PHE B 38 9.88 -9.14 8.64
C PHE B 38 8.66 -10.03 8.63
N LYS B 39 8.80 -11.24 8.10
CA LYS B 39 7.66 -12.13 8.01
C LYS B 39 6.86 -12.25 9.30
N GLY B 40 5.54 -12.30 9.17
CA GLY B 40 4.66 -12.42 10.32
C GLY B 40 4.50 -11.12 11.08
N GLY B 41 4.94 -10.01 10.48
CA GLY B 41 4.84 -8.73 11.15
C GLY B 41 4.04 -7.63 10.46
N VAL B 42 4.03 -6.46 11.11
CA VAL B 42 3.32 -5.29 10.61
C VAL B 42 4.28 -4.10 10.51
N ILE B 43 4.26 -3.42 9.36
CA ILE B 43 5.10 -2.25 9.13
C ILE B 43 4.13 -1.08 9.16
N MET B 44 4.40 -0.10 10.02
CA MET B 44 3.52 1.06 10.17
C MET B 44 4.04 2.39 9.64
N ASP B 45 3.16 3.15 9.00
CA ASP B 45 3.52 4.47 8.49
C ASP B 45 3.49 5.36 9.70
N VAL B 46 4.49 6.23 9.84
CA VAL B 46 4.58 7.15 10.97
C VAL B 46 5.00 8.53 10.50
N THR B 47 4.39 9.55 11.10
CA THR B 47 4.63 10.94 10.73
C THR B 47 5.48 11.71 11.71
N SER B 48 5.58 11.20 12.93
CA SER B 48 6.31 11.87 13.98
C SER B 48 7.14 10.89 14.80
N ALA B 49 7.93 11.42 15.72
CA ALA B 49 8.74 10.59 16.58
C ALA B 49 7.81 9.97 17.60
N GLU B 50 6.70 10.65 17.89
CA GLU B 50 5.75 10.12 18.85
C GLU B 50 5.06 8.90 18.29
N GLN B 51 4.72 8.96 17.00
CA GLN B 51 4.05 7.84 16.36
C GLN B 51 5.00 6.66 16.23
N ALA B 52 6.25 6.97 15.93
CA ALA B 52 7.25 5.93 15.78
C ALA B 52 7.30 5.12 17.07
N LYS B 53 7.26 5.83 18.19
CA LYS B 53 7.32 5.18 19.50
C LYS B 53 6.09 4.35 19.79
N ILE B 54 4.92 4.83 19.39
CA ILE B 54 3.69 4.09 19.61
C ILE B 54 3.80 2.81 18.79
N ALA B 55 4.17 2.97 17.52
CA ALA B 55 4.34 1.84 16.62
C ALA B 55 5.30 0.81 17.20
N GLU B 56 6.45 1.28 17.68
CA GLU B 56 7.45 0.38 18.25
C GLU B 56 6.95 -0.33 19.51
N GLU B 57 6.24 0.40 20.36
CA GLU B 57 5.72 -0.18 21.60
C GLU B 57 4.65 -1.21 21.28
N ALA B 58 3.91 -0.96 20.20
CA ALA B 58 2.84 -1.87 19.79
C ALA B 58 3.34 -3.21 19.28
N GLY B 59 4.58 -3.24 18.79
CA GLY B 59 5.13 -4.48 18.30
C GLY B 59 5.37 -4.46 16.81
N ALA B 60 5.38 -3.27 16.23
CA ALA B 60 5.61 -3.12 14.81
C ALA B 60 7.01 -3.67 14.51
N VAL B 61 7.20 -4.27 13.34
CA VAL B 61 8.53 -4.78 13.00
C VAL B 61 9.39 -3.71 12.33
N ALA B 62 8.75 -2.63 11.88
CA ALA B 62 9.45 -1.52 11.23
C ALA B 62 8.47 -0.37 10.98
N VAL B 63 9.01 0.83 10.80
CA VAL B 63 8.18 1.98 10.56
C VAL B 63 8.55 2.60 9.23
N MET B 64 7.59 3.29 8.62
CA MET B 64 7.79 3.95 7.33
C MET B 64 7.68 5.46 7.58
N ALA B 65 8.76 6.20 7.31
CA ALA B 65 8.79 7.64 7.54
C ALA B 65 8.08 8.44 6.47
N LEU B 66 7.13 9.26 6.88
CA LEU B 66 6.36 10.10 5.97
C LEU B 66 6.07 11.48 6.56
N GLU B 67 5.71 12.41 5.67
CA GLU B 67 5.37 13.76 6.09
C GLU B 67 3.87 13.73 6.38
N ARG B 68 3.13 12.99 5.56
CA ARG B 68 1.68 12.84 5.70
C ARG B 68 1.26 11.46 5.17
N VAL B 69 0.45 10.75 5.95
CA VAL B 69 0.00 9.40 5.56
C VAL B 69 -0.80 9.42 4.27
N PRO B 70 -0.92 8.25 3.61
CA PRO B 70 -1.66 8.09 2.35
C PRO B 70 -3.02 8.80 2.25
N ALA B 71 -3.82 8.71 3.30
CA ALA B 71 -5.14 9.34 3.31
C ALA B 71 -5.04 10.85 3.16
N ASP B 72 -4.01 11.44 3.78
CA ASP B 72 -3.81 12.88 3.67
C ASP B 72 -3.22 13.21 2.30
N ILE B 73 -2.35 12.33 1.81
CA ILE B 73 -1.75 12.52 0.49
C ILE B 73 -2.87 12.72 -0.51
N ARG B 74 -3.95 11.95 -0.35
CA ARG B 74 -5.13 12.04 -1.22
C ARG B 74 -5.85 13.37 -1.01
N LYS B 75 -6.33 13.57 0.21
CA LYS B 75 -7.04 14.79 0.57
C LYS B 75 -6.30 16.05 0.10
N GLU B 76 -5.05 16.20 0.52
CA GLU B 76 -4.24 17.36 0.15
C GLU B 76 -4.09 17.59 -1.35
N GLY B 77 -3.26 16.78 -1.99
CA GLY B 77 -3.04 16.94 -3.43
C GLY B 77 -1.65 17.50 -3.65
N GLY B 78 -1.38 18.01 -4.85
CA GLY B 78 -0.06 18.55 -5.14
C GLY B 78 0.91 17.45 -5.51
N VAL B 79 2.20 17.76 -5.53
CA VAL B 79 3.20 16.77 -5.89
C VAL B 79 3.82 16.08 -4.68
N ALA B 80 3.55 14.79 -4.52
CA ALA B 80 4.08 14.04 -3.39
C ALA B 80 5.51 13.55 -3.67
N ARG B 81 6.46 14.07 -2.90
CA ARG B 81 7.86 13.69 -3.04
C ARG B 81 8.42 12.98 -1.80
N MET B 82 9.74 12.85 -1.80
CA MET B 82 10.48 12.24 -0.71
C MET B 82 10.29 13.09 0.54
N ALA B 83 10.29 12.48 1.72
CA ALA B 83 10.13 13.24 2.94
C ALA B 83 11.38 14.09 3.17
N SER B 84 11.27 15.05 4.08
CA SER B 84 12.40 15.91 4.38
C SER B 84 13.41 15.10 5.20
N ILE B 85 14.70 15.34 4.98
CA ILE B 85 15.72 14.62 5.72
C ILE B 85 15.48 14.77 7.21
N ALA B 86 15.11 15.98 7.62
CA ALA B 86 14.85 16.28 9.03
C ALA B 86 13.82 15.32 9.61
N LYS B 87 12.71 15.17 8.90
CA LYS B 87 11.63 14.30 9.34
C LYS B 87 12.09 12.85 9.48
N ILE B 88 12.91 12.39 8.53
CA ILE B 88 13.42 11.02 8.55
C ILE B 88 14.43 10.79 9.68
N ARG B 89 15.29 11.77 9.93
CA ARG B 89 16.27 11.63 11.02
C ARG B 89 15.51 11.57 12.34
N GLU B 90 14.48 12.40 12.45
CA GLU B 90 13.64 12.44 13.63
C GLU B 90 13.23 11.01 13.98
N ILE B 91 12.64 10.34 13.00
CA ILE B 91 12.15 8.99 13.18
C ILE B 91 13.26 7.95 13.35
N MET B 92 14.38 8.13 12.65
CA MET B 92 15.48 7.19 12.78
C MET B 92 16.01 7.20 14.19
N GLU B 93 16.06 8.39 14.78
CA GLU B 93 16.58 8.54 16.13
C GLU B 93 15.57 8.17 17.22
N ALA B 94 14.30 8.07 16.86
CA ALA B 94 13.26 7.77 17.83
C ALA B 94 13.03 6.31 18.19
N VAL B 95 13.44 5.40 17.32
CA VAL B 95 13.23 3.97 17.57
C VAL B 95 14.45 3.16 17.20
N SER B 96 14.48 1.89 17.60
CA SER B 96 15.63 1.05 17.29
C SER B 96 15.30 0.05 16.18
N ILE B 97 14.02 0.00 15.79
CA ILE B 97 13.61 -0.90 14.72
C ILE B 97 13.93 -0.24 13.38
N PRO B 98 14.05 -1.04 12.31
CA PRO B 98 14.37 -0.48 10.99
C PRO B 98 13.44 0.64 10.59
N VAL B 99 13.99 1.59 9.83
CA VAL B 99 13.20 2.72 9.36
C VAL B 99 13.26 2.73 7.83
N MET B 100 12.08 2.77 7.21
CA MET B 100 11.96 2.80 5.75
C MET B 100 11.51 4.19 5.30
N ALA B 101 11.84 4.54 4.07
CA ALA B 101 11.45 5.82 3.51
C ALA B 101 11.02 5.58 2.07
N LYS B 102 10.01 6.30 1.63
CA LYS B 102 9.47 6.18 0.26
C LYS B 102 10.19 7.15 -0.68
N VAL B 103 10.30 6.77 -1.95
CA VAL B 103 10.88 7.65 -2.98
C VAL B 103 9.98 7.54 -4.21
N ARG B 104 9.93 8.61 -5.00
CA ARG B 104 9.10 8.60 -6.19
C ARG B 104 9.65 7.58 -7.18
N ILE B 105 8.74 6.90 -7.88
CA ILE B 105 9.17 5.91 -8.85
C ILE B 105 10.15 6.52 -9.86
N GLY B 106 11.24 5.80 -10.12
CA GLY B 106 12.25 6.25 -11.06
C GLY B 106 13.16 7.38 -10.60
N HIS B 107 12.98 7.87 -9.38
CA HIS B 107 13.81 8.97 -8.89
C HIS B 107 15.14 8.52 -8.31
N ILE B 108 16.10 8.24 -9.18
CA ILE B 108 17.40 7.77 -8.73
C ILE B 108 18.03 8.65 -7.65
N ALA B 109 18.04 9.96 -7.88
CA ALA B 109 18.63 10.89 -6.93
C ALA B 109 18.08 10.76 -5.52
N GLU B 110 16.75 10.75 -5.38
CA GLU B 110 16.15 10.63 -4.05
C GLU B 110 16.69 9.39 -3.36
N ALA B 111 16.73 8.28 -4.10
CA ALA B 111 17.21 7.00 -3.57
C ALA B 111 18.68 7.06 -3.14
N LYS B 112 19.51 7.71 -3.95
CA LYS B 112 20.91 7.83 -3.63
C LYS B 112 21.02 8.57 -2.31
N ILE B 113 20.29 9.68 -2.20
CA ILE B 113 20.31 10.48 -0.99
C ILE B 113 19.90 9.62 0.20
N LEU B 114 18.82 8.87 0.06
CA LEU B 114 18.32 8.03 1.14
C LEU B 114 19.32 6.95 1.55
N GLU B 115 19.94 6.31 0.56
CA GLU B 115 20.92 5.27 0.87
C GLU B 115 22.02 5.89 1.72
N GLU B 116 22.55 7.02 1.27
CA GLU B 116 23.60 7.76 1.98
C GLU B 116 23.14 8.14 3.40
N LEU B 117 21.85 8.42 3.56
CA LEU B 117 21.32 8.79 4.86
C LEU B 117 21.31 7.60 5.82
N GLY B 118 21.38 6.39 5.26
CA GLY B 118 21.37 5.22 6.09
C GLY B 118 20.01 4.57 6.35
N VAL B 119 18.98 4.97 5.61
CA VAL B 119 17.67 4.36 5.77
C VAL B 119 17.83 2.84 5.59
N ASP B 120 17.01 2.05 6.28
CA ASP B 120 17.14 0.60 6.20
C ASP B 120 16.46 -0.08 5.00
N PHE B 121 15.47 0.58 4.42
CA PHE B 121 14.76 0.00 3.29
C PHE B 121 14.09 1.10 2.49
N ILE B 122 14.41 1.20 1.20
CA ILE B 122 13.78 2.21 0.36
C ILE B 122 12.53 1.64 -0.28
N ASP B 123 11.48 2.44 -0.32
CA ASP B 123 10.24 2.01 -0.93
C ASP B 123 9.94 2.88 -2.14
N GLU B 124 10.13 2.31 -3.33
CA GLU B 124 9.86 3.00 -4.58
C GLU B 124 8.37 2.79 -4.71
N SER B 125 7.58 3.68 -4.12
CA SER B 125 6.13 3.52 -4.14
C SER B 125 5.36 4.40 -5.11
N GLU B 126 4.17 3.93 -5.44
CA GLU B 126 3.30 4.64 -6.35
C GLU B 126 2.34 5.57 -5.61
N VAL B 127 2.44 5.64 -4.29
CA VAL B 127 1.55 6.53 -3.56
C VAL B 127 2.12 7.93 -3.64
N LEU B 128 3.31 8.03 -4.22
CA LEU B 128 3.98 9.32 -4.41
C LEU B 128 4.02 9.64 -5.91
N THR B 129 3.94 10.92 -6.24
CA THR B 129 3.95 11.38 -7.64
C THR B 129 5.14 10.79 -8.39
N PRO B 130 4.88 9.85 -9.31
CA PRO B 130 5.96 9.22 -10.08
C PRO B 130 6.88 10.22 -10.75
N ALA B 131 8.18 9.94 -10.71
CA ALA B 131 9.19 10.80 -11.30
C ALA B 131 9.51 10.36 -12.72
N ASP B 132 9.51 9.05 -12.94
CA ASP B 132 9.75 8.49 -14.26
C ASP B 132 8.43 7.84 -14.66
N ASP B 133 8.03 8.05 -15.90
CA ASP B 133 6.77 7.54 -16.39
C ASP B 133 6.86 6.18 -17.03
N ARG B 134 8.08 5.72 -17.32
CA ARG B 134 8.26 4.43 -17.95
C ARG B 134 9.19 3.49 -17.19
N PHE B 135 10.35 4.00 -16.80
CA PHE B 135 11.32 3.16 -16.10
C PHE B 135 11.32 3.33 -14.61
N HIS B 136 11.83 2.30 -13.94
CA HIS B 136 11.96 2.32 -12.50
C HIS B 136 13.43 2.47 -12.18
N ILE B 137 13.75 2.49 -10.90
CA ILE B 137 15.14 2.63 -10.50
C ILE B 137 15.83 1.29 -10.69
N ASN B 138 17.04 1.31 -11.21
CA ASN B 138 17.80 0.09 -11.36
C ASN B 138 18.36 -0.16 -9.96
N LYS B 139 17.62 -0.95 -9.19
CA LYS B 139 17.98 -1.24 -7.80
C LYS B 139 19.24 -2.06 -7.55
N HIS B 140 19.78 -2.69 -8.58
CA HIS B 140 20.99 -3.50 -8.41
C HIS B 140 22.18 -2.63 -7.99
N GLU B 141 22.21 -1.39 -8.48
CA GLU B 141 23.28 -0.47 -8.19
C GLU B 141 23.42 -0.13 -6.71
N PHE B 142 22.33 -0.29 -5.97
CA PHE B 142 22.30 0.04 -4.55
C PHE B 142 22.74 -1.06 -3.58
N LYS B 143 23.06 -0.66 -2.36
CA LYS B 143 23.46 -1.60 -1.33
C LYS B 143 22.28 -1.83 -0.43
N VAL B 144 21.43 -0.82 -0.31
CA VAL B 144 20.26 -0.94 0.52
C VAL B 144 19.14 -1.60 -0.25
N PRO B 145 18.36 -2.46 0.41
CA PRO B 145 17.25 -3.13 -0.27
C PRO B 145 16.06 -2.22 -0.60
N PHE B 146 15.34 -2.60 -1.65
CA PHE B 146 14.16 -1.87 -2.11
C PHE B 146 12.93 -2.77 -2.03
N VAL B 147 11.77 -2.15 -1.87
CA VAL B 147 10.51 -2.86 -1.82
C VAL B 147 9.63 -2.15 -2.86
N CYS B 148 8.95 -2.93 -3.71
CA CYS B 148 8.10 -2.34 -4.73
C CYS B 148 6.71 -2.94 -4.76
N GLY B 149 5.80 -2.22 -5.41
CA GLY B 149 4.44 -2.68 -5.49
C GLY B 149 4.17 -3.50 -6.74
N ALA B 150 3.09 -4.28 -6.69
CA ALA B 150 2.71 -5.11 -7.81
C ALA B 150 1.22 -5.40 -7.70
N ARG B 151 0.57 -5.61 -8.83
CA ARG B 151 -0.84 -5.90 -8.82
C ARG B 151 -1.05 -7.31 -9.31
N ASP B 152 0.04 -7.96 -9.72
CA ASP B 152 -0.02 -9.33 -10.21
C ASP B 152 1.39 -9.91 -10.31
N LEU B 153 1.46 -11.20 -10.65
CA LEU B 153 2.72 -11.91 -10.78
C LEU B 153 3.65 -11.29 -11.82
N GLY B 154 3.06 -10.79 -12.90
CA GLY B 154 3.84 -10.18 -13.97
C GLY B 154 4.69 -9.01 -13.51
N GLU B 155 4.09 -8.03 -12.83
CA GLU B 155 4.91 -6.90 -12.40
C GLU B 155 5.68 -7.19 -11.14
N ALA B 156 5.18 -8.09 -10.30
CA ALA B 156 5.93 -8.45 -9.11
C ALA B 156 7.27 -8.99 -9.63
N LEU B 157 7.18 -9.84 -10.64
CA LEU B 157 8.35 -10.45 -11.25
C LEU B 157 9.25 -9.44 -11.95
N ARG B 158 8.64 -8.47 -12.63
CA ARG B 158 9.43 -7.43 -13.30
C ARG B 158 10.18 -6.61 -12.25
N ARG B 159 9.46 -6.18 -11.22
CA ARG B 159 10.06 -5.40 -10.15
C ARG B 159 11.28 -6.14 -9.58
N ILE B 160 11.14 -7.44 -9.41
CA ILE B 160 12.23 -8.25 -8.88
C ILE B 160 13.42 -8.27 -9.84
N ALA B 161 13.14 -8.32 -11.15
CA ALA B 161 14.17 -8.36 -12.15
C ALA B 161 14.99 -7.08 -12.12
N GLU B 162 14.39 -6.01 -11.61
CA GLU B 162 15.08 -4.73 -11.51
C GLU B 162 15.90 -4.66 -10.22
N GLY B 163 15.70 -5.64 -9.33
CA GLY B 163 16.44 -5.67 -8.09
C GLY B 163 15.67 -5.69 -6.79
N ALA B 164 14.35 -5.50 -6.84
CA ALA B 164 13.52 -5.47 -5.63
C ALA B 164 13.76 -6.69 -4.74
N ALA B 165 13.98 -6.46 -3.45
CA ALA B 165 14.22 -7.55 -2.50
C ALA B 165 12.95 -7.94 -1.78
N MET B 166 11.90 -7.14 -1.95
CA MET B 166 10.63 -7.39 -1.30
C MET B 166 9.51 -6.74 -2.11
N ILE B 167 8.41 -7.46 -2.24
CA ILE B 167 7.27 -7.00 -3.00
C ILE B 167 6.10 -6.79 -2.08
N ARG B 168 5.27 -5.81 -2.38
CA ARG B 168 4.08 -5.61 -1.59
C ARG B 168 2.96 -5.51 -2.59
N THR B 169 1.96 -6.35 -2.38
CA THR B 169 0.81 -6.39 -3.25
C THR B 169 -0.07 -5.26 -2.77
N LYS B 170 -0.15 -4.22 -3.60
CA LYS B 170 -0.90 -3.01 -3.32
C LYS B 170 -2.39 -3.02 -3.62
N GLY B 171 -3.10 -2.11 -2.96
CA GLY B 171 -4.52 -1.95 -3.15
C GLY B 171 -4.72 -0.45 -3.34
N GLU B 172 -5.69 0.13 -2.66
CA GLU B 172 -5.93 1.55 -2.78
C GLU B 172 -5.43 2.20 -1.52
N ALA B 173 -4.35 2.96 -1.62
CA ALA B 173 -3.80 3.61 -0.44
C ALA B 173 -4.79 4.59 0.18
N GLY B 174 -4.84 4.60 1.52
CA GLY B 174 -5.71 5.51 2.24
C GLY B 174 -7.19 5.60 1.91
N THR B 175 -7.86 4.46 1.82
CA THR B 175 -9.29 4.48 1.53
C THR B 175 -10.06 3.62 2.53
N GLY B 176 -9.31 2.84 3.31
CA GLY B 176 -9.93 1.98 4.30
C GLY B 176 -10.69 0.82 3.69
N ASN B 177 -10.42 0.55 2.41
CA ASN B 177 -11.08 -0.52 1.70
C ASN B 177 -10.11 -1.62 1.24
N VAL B 178 -10.17 -2.80 1.84
CA VAL B 178 -9.27 -3.89 1.46
C VAL B 178 -9.55 -4.53 0.10
N VAL B 179 -10.69 -4.20 -0.49
CA VAL B 179 -11.06 -4.80 -1.76
C VAL B 179 -9.95 -4.96 -2.83
N GLU B 180 -9.23 -3.89 -3.14
CA GLU B 180 -8.17 -4.02 -4.15
C GLU B 180 -7.05 -4.93 -3.65
N ALA B 181 -6.72 -4.80 -2.37
CA ALA B 181 -5.68 -5.63 -1.78
C ALA B 181 -6.07 -7.09 -1.92
N VAL B 182 -7.33 -7.40 -1.62
CA VAL B 182 -7.79 -8.77 -1.72
C VAL B 182 -7.65 -9.21 -3.17
N LYS B 183 -8.23 -8.42 -4.07
CA LYS B 183 -8.21 -8.73 -5.50
C LYS B 183 -6.83 -9.15 -5.96
N HIS B 184 -5.84 -8.29 -5.73
CA HIS B 184 -4.46 -8.53 -6.13
C HIS B 184 -3.72 -9.64 -5.41
N MET B 185 -3.98 -9.80 -4.12
CA MET B 185 -3.32 -10.85 -3.37
C MET B 185 -3.81 -12.18 -3.94
N ARG B 186 -5.11 -12.26 -4.20
CA ARG B 186 -5.69 -13.48 -4.75
C ARG B 186 -5.12 -13.72 -6.13
N ARG B 187 -5.05 -12.65 -6.91
CA ARG B 187 -4.51 -12.73 -8.27
C ARG B 187 -3.10 -13.31 -8.29
N VAL B 188 -2.20 -12.70 -7.53
CA VAL B 188 -0.81 -13.18 -7.46
C VAL B 188 -0.74 -14.65 -7.06
N MET B 189 -1.37 -14.97 -5.94
CA MET B 189 -1.37 -16.33 -5.42
C MET B 189 -1.92 -17.32 -6.43
N GLU B 190 -2.97 -16.93 -7.14
CA GLU B 190 -3.61 -17.76 -8.15
C GLU B 190 -2.60 -18.11 -9.24
N GLN B 191 -2.01 -17.06 -9.82
CA GLN B 191 -1.00 -17.24 -10.87
C GLN B 191 0.16 -18.10 -10.37
N ILE B 192 0.67 -17.81 -9.18
CA ILE B 192 1.78 -18.59 -8.69
C ILE B 192 1.39 -20.04 -8.76
N LYS B 193 0.29 -20.38 -8.08
CA LYS B 193 -0.22 -21.74 -8.06
C LYS B 193 -0.21 -22.39 -9.46
N GLN B 194 -0.77 -21.68 -10.44
CA GLN B 194 -0.80 -22.16 -11.81
C GLN B 194 0.60 -22.43 -12.35
N VAL B 195 1.44 -21.40 -12.33
CA VAL B 195 2.81 -21.54 -12.81
C VAL B 195 3.49 -22.76 -12.22
N THR B 196 3.11 -23.10 -10.99
CA THR B 196 3.73 -24.20 -10.26
C THR B 196 3.60 -25.50 -11.04
N LYS B 197 2.54 -25.61 -11.82
CA LYS B 197 2.24 -26.80 -12.59
C LYS B 197 2.34 -26.63 -14.09
N MET B 198 3.21 -25.74 -14.55
CA MET B 198 3.36 -25.54 -15.98
C MET B 198 4.64 -26.23 -16.45
N GLU B 199 4.62 -26.67 -17.71
CA GLU B 199 5.79 -27.30 -18.30
C GLU B 199 6.60 -26.18 -18.95
N ASP B 200 7.91 -26.35 -19.01
CA ASP B 200 8.77 -25.32 -19.57
C ASP B 200 8.20 -24.57 -20.76
N GLU B 201 7.76 -25.30 -21.79
CA GLU B 201 7.22 -24.64 -22.99
C GLU B 201 6.03 -23.77 -22.64
N GLU B 202 5.31 -24.13 -21.58
CA GLU B 202 4.16 -23.36 -21.12
C GLU B 202 4.65 -22.13 -20.35
N LEU B 203 5.77 -22.31 -19.63
CA LEU B 203 6.38 -21.24 -18.86
C LEU B 203 6.81 -20.11 -19.80
N VAL B 204 7.56 -20.46 -20.84
CA VAL B 204 8.03 -19.49 -21.81
C VAL B 204 6.87 -18.75 -22.44
N ALA B 205 5.80 -19.48 -22.71
CA ALA B 205 4.62 -18.88 -23.32
C ALA B 205 3.95 -17.93 -22.32
N TYR B 206 3.75 -18.41 -21.09
CA TYR B 206 3.13 -17.61 -20.06
C TYR B 206 3.92 -16.34 -19.83
N GLY B 207 5.25 -16.47 -19.84
CA GLY B 207 6.09 -15.31 -19.66
C GLY B 207 5.73 -14.21 -20.63
N LYS B 208 5.50 -14.58 -21.88
CA LYS B 208 5.14 -13.61 -22.90
C LYS B 208 3.80 -12.99 -22.54
N GLU B 209 2.84 -13.85 -22.21
CA GLU B 209 1.51 -13.40 -21.86
C GLU B 209 1.48 -12.36 -20.75
N ILE B 210 2.00 -12.70 -19.57
CA ILE B 210 1.99 -11.77 -18.44
C ILE B 210 3.23 -10.87 -18.39
N GLY B 211 4.02 -10.89 -19.45
CA GLY B 211 5.21 -10.06 -19.50
C GLY B 211 6.17 -10.16 -18.34
N ALA B 212 6.55 -11.38 -17.98
CA ALA B 212 7.48 -11.60 -16.89
C ALA B 212 8.64 -12.42 -17.39
N PRO B 213 9.84 -12.21 -16.82
CA PRO B 213 11.04 -12.96 -17.22
C PRO B 213 10.95 -14.46 -16.93
N VAL B 214 11.09 -15.27 -17.99
CA VAL B 214 11.00 -16.72 -17.86
C VAL B 214 11.91 -17.30 -16.78
N GLU B 215 13.09 -16.72 -16.61
CA GLU B 215 14.00 -17.21 -15.59
C GLU B 215 13.36 -17.15 -14.21
N LEU B 216 12.67 -16.06 -13.91
CA LEU B 216 12.03 -15.94 -12.61
C LEU B 216 10.82 -16.87 -12.51
N LEU B 217 10.16 -17.14 -13.65
CA LEU B 217 9.02 -18.04 -13.63
C LEU B 217 9.45 -19.44 -13.26
N ARG B 218 10.60 -19.85 -13.80
CA ARG B 218 11.13 -21.18 -13.51
C ARG B 218 11.45 -21.28 -12.03
N GLU B 219 11.85 -20.15 -11.47
CA GLU B 219 12.20 -20.04 -10.05
C GLU B 219 10.93 -20.16 -9.21
N VAL B 220 9.87 -19.46 -9.62
CA VAL B 220 8.61 -19.51 -8.91
C VAL B 220 8.09 -20.92 -8.94
N LYS B 221 8.18 -21.55 -10.10
CA LYS B 221 7.72 -22.91 -10.28
C LYS B 221 8.36 -23.89 -9.29
N ARG B 222 9.63 -23.71 -8.96
CA ARG B 222 10.27 -24.62 -8.02
C ARG B 222 9.95 -24.26 -6.58
N LEU B 223 10.17 -23.00 -6.19
CA LEU B 223 9.88 -22.59 -4.81
C LEU B 223 8.40 -22.70 -4.44
N GLY B 224 7.51 -22.66 -5.42
CA GLY B 224 6.10 -22.76 -5.14
C GLY B 224 5.59 -21.45 -4.56
N ARG B 225 6.41 -20.40 -4.68
CA ARG B 225 6.06 -19.08 -4.16
C ARG B 225 6.95 -18.02 -4.83
N LEU B 226 6.70 -16.74 -4.52
CA LEU B 226 7.53 -15.67 -5.07
C LEU B 226 8.95 -15.85 -4.57
N PRO B 227 9.93 -15.35 -5.30
CA PRO B 227 11.31 -15.53 -4.80
C PRO B 227 11.74 -14.51 -3.74
N VAL B 228 10.80 -13.71 -3.24
CA VAL B 228 11.06 -12.73 -2.19
C VAL B 228 9.81 -12.59 -1.33
N VAL B 229 9.94 -11.95 -0.17
CA VAL B 229 8.82 -11.75 0.74
C VAL B 229 7.72 -10.91 0.10
N ASN B 230 6.46 -11.32 0.28
CA ASN B 230 5.33 -10.58 -0.28
C ASN B 230 4.35 -10.11 0.80
N PHE B 231 4.21 -8.80 0.92
CA PHE B 231 3.33 -8.23 1.91
C PHE B 231 2.04 -7.66 1.32
N ALA B 232 0.97 -7.67 2.11
CA ALA B 232 -0.31 -7.12 1.69
C ALA B 232 -0.24 -5.64 2.09
N ALA B 233 -0.87 -4.78 1.30
CA ALA B 233 -0.83 -3.35 1.59
C ALA B 233 -1.95 -2.58 0.93
N GLY B 234 -2.41 -1.52 1.59
CA GLY B 234 -3.46 -0.70 1.02
C GLY B 234 -4.87 -1.04 1.45
N GLY B 235 -5.42 -0.22 2.33
CA GLY B 235 -6.79 -0.44 2.77
C GLY B 235 -7.01 -1.20 4.06
N VAL B 236 -5.96 -1.67 4.70
CA VAL B 236 -6.15 -2.38 5.94
C VAL B 236 -6.50 -1.36 7.02
N ALA B 237 -7.68 -1.52 7.60
CA ALA B 237 -8.16 -0.57 8.60
C ALA B 237 -8.64 -1.17 9.91
N THR B 238 -8.68 -2.50 9.99
CA THR B 238 -9.13 -3.18 11.21
C THR B 238 -8.43 -4.53 11.36
N PRO B 239 -8.29 -5.02 12.60
CA PRO B 239 -7.63 -6.30 12.85
C PRO B 239 -8.13 -7.39 11.90
N ALA B 240 -9.45 -7.46 11.71
CA ALA B 240 -10.03 -8.46 10.83
C ALA B 240 -9.43 -8.37 9.44
N ASP B 241 -9.28 -7.15 8.93
CA ASP B 241 -8.69 -6.94 7.62
C ASP B 241 -7.28 -7.57 7.57
N ALA B 242 -6.46 -7.27 8.59
CA ALA B 242 -5.11 -7.82 8.63
C ALA B 242 -5.11 -9.34 8.62
N ALA B 243 -5.98 -9.95 9.42
CA ALA B 243 -6.08 -11.40 9.48
C ALA B 243 -6.46 -11.98 8.11
N LEU B 244 -7.39 -11.31 7.42
CA LEU B 244 -7.82 -11.75 6.11
C LEU B 244 -6.64 -11.80 5.15
N MET B 245 -5.88 -10.72 5.11
CA MET B 245 -4.72 -10.68 4.24
C MET B 245 -3.84 -11.91 4.45
N MET B 246 -3.67 -12.30 5.70
CA MET B 246 -2.86 -13.47 6.00
C MET B 246 -3.56 -14.73 5.51
N MET B 247 -4.88 -14.77 5.65
CA MET B 247 -5.65 -15.91 5.20
C MET B 247 -5.51 -16.07 3.70
N LEU B 248 -5.28 -14.96 3.01
CA LEU B 248 -5.12 -14.99 1.57
C LEU B 248 -3.67 -15.27 1.16
N GLY B 249 -2.80 -15.51 2.13
CA GLY B 249 -1.43 -15.84 1.76
C GLY B 249 -0.33 -14.81 1.86
N ALA B 250 -0.59 -13.69 2.55
CA ALA B 250 0.44 -12.66 2.69
C ALA B 250 1.47 -13.05 3.74
N ASP B 251 2.66 -12.47 3.65
CA ASP B 251 3.71 -12.73 4.61
C ASP B 251 3.63 -11.73 5.78
N GLY B 252 2.83 -10.68 5.59
CA GLY B 252 2.67 -9.66 6.60
C GLY B 252 1.94 -8.49 5.98
N VAL B 253 1.69 -7.42 6.73
CA VAL B 253 0.95 -6.29 6.17
C VAL B 253 1.56 -4.95 6.46
N PHE B 254 1.31 -4.02 5.56
CA PHE B 254 1.75 -2.64 5.70
C PHE B 254 0.48 -1.89 6.08
N VAL B 255 0.54 -1.11 7.14
CA VAL B 255 -0.62 -0.34 7.57
C VAL B 255 -0.18 1.09 7.76
N GLY B 256 -0.81 2.02 7.03
CA GLY B 256 -0.46 3.42 7.14
C GLY B 256 -1.54 4.25 7.80
N SER B 257 -2.56 4.56 7.02
CA SER B 257 -3.69 5.38 7.46
C SER B 257 -4.58 4.70 8.49
N GLY B 258 -4.84 3.41 8.29
CA GLY B 258 -5.70 2.66 9.19
C GLY B 258 -5.46 2.71 10.69
N ILE B 259 -4.24 3.02 11.12
CA ILE B 259 -3.92 3.08 12.55
C ILE B 259 -4.02 4.46 13.15
N PHE B 260 -3.30 5.42 12.59
CA PHE B 260 -3.32 6.75 13.13
C PHE B 260 -4.53 7.58 12.75
N LYS B 261 -5.30 7.10 11.78
CA LYS B 261 -6.51 7.80 11.37
C LYS B 261 -7.73 7.29 12.15
N SER B 262 -7.49 6.46 13.15
CA SER B 262 -8.56 5.91 13.97
C SER B 262 -8.56 6.64 15.31
N LYS B 263 -9.59 6.40 16.11
CA LYS B 263 -9.73 7.04 17.42
C LYS B 263 -8.54 6.78 18.34
N ASP B 264 -8.32 5.52 18.70
CA ASP B 264 -7.21 5.21 19.60
C ASP B 264 -6.11 4.43 18.89
N PRO B 265 -5.16 5.15 18.27
CA PRO B 265 -4.05 4.54 17.55
C PRO B 265 -3.26 3.49 18.31
N ARG B 266 -2.81 3.81 19.51
CA ARG B 266 -2.04 2.83 20.25
C ARG B 266 -2.84 1.54 20.43
N LYS B 267 -4.12 1.69 20.72
CA LYS B 267 -5.00 0.54 20.91
C LYS B 267 -5.10 -0.26 19.61
N MET B 268 -5.46 0.42 18.52
CA MET B 268 -5.59 -0.21 17.22
C MET B 268 -4.30 -0.90 16.81
N ALA B 269 -3.18 -0.22 17.00
CA ALA B 269 -1.87 -0.75 16.63
C ALA B 269 -1.54 -2.09 17.27
N LYS B 270 -1.73 -2.21 18.58
CA LYS B 270 -1.43 -3.47 19.26
C LYS B 270 -2.27 -4.61 18.69
N ALA B 271 -3.50 -4.29 18.30
CA ALA B 271 -4.43 -5.28 17.76
C ALA B 271 -3.97 -5.78 16.39
N MET B 272 -3.52 -4.86 15.54
CA MET B 272 -3.05 -5.22 14.21
C MET B 272 -1.93 -6.22 14.37
N VAL B 273 -0.93 -5.87 15.17
CA VAL B 273 0.21 -6.76 15.40
C VAL B 273 -0.25 -8.15 15.80
N LEU B 274 -1.23 -8.23 16.68
CA LEU B 274 -1.71 -9.54 17.13
C LEU B 274 -2.57 -10.28 16.11
N ALA B 275 -3.25 -9.55 15.23
CA ALA B 275 -4.10 -10.19 14.24
C ALA B 275 -3.25 -10.88 13.19
N VAL B 276 -2.13 -10.26 12.83
CA VAL B 276 -1.25 -10.86 11.85
C VAL B 276 -0.62 -12.14 12.38
N THR B 277 -0.41 -12.19 13.69
CA THR B 277 0.19 -13.37 14.32
C THR B 277 -0.85 -14.48 14.56
N TYR B 278 -2.03 -14.08 15.03
CA TYR B 278 -3.08 -15.02 15.33
C TYR B 278 -4.25 -14.96 14.36
N TRP B 279 -3.95 -14.84 13.07
CA TRP B 279 -4.99 -14.76 12.05
C TRP B 279 -5.82 -16.04 11.97
N ASP B 280 -5.26 -17.16 12.40
CA ASP B 280 -5.99 -18.42 12.37
C ASP B 280 -6.55 -18.80 13.75
N ASN B 281 -6.67 -17.83 14.64
CA ASN B 281 -7.19 -18.08 15.98
C ASN B 281 -8.41 -17.18 16.28
N PRO B 282 -9.61 -17.66 15.95
CA PRO B 282 -10.83 -16.89 16.18
C PRO B 282 -10.98 -16.37 17.60
N ARG B 283 -10.62 -17.19 18.58
CA ARG B 283 -10.75 -16.75 19.96
C ARG B 283 -9.96 -15.48 20.16
N ILE B 284 -8.71 -15.50 19.71
CA ILE B 284 -7.84 -14.35 19.86
C ILE B 284 -8.25 -13.17 18.98
N LEU B 285 -8.68 -13.45 17.75
CA LEU B 285 -9.09 -12.38 16.85
C LEU B 285 -10.25 -11.64 17.49
N LEU B 286 -11.14 -12.36 18.15
CA LEU B 286 -12.30 -11.76 18.80
C LEU B 286 -11.89 -10.95 20.01
N LYS B 287 -10.91 -11.46 20.74
CA LYS B 287 -10.40 -10.79 21.92
C LYS B 287 -9.83 -9.41 21.56
N ILE B 288 -8.96 -9.36 20.55
CA ILE B 288 -8.34 -8.10 20.14
C ILE B 288 -9.31 -7.18 19.42
N SER B 289 -10.49 -7.70 19.12
CA SER B 289 -11.53 -6.93 18.43
C SER B 289 -12.57 -6.37 19.40
N GLU B 290 -12.66 -6.95 20.59
CA GLU B 290 -13.64 -6.53 21.62
C GLU B 290 -13.66 -5.02 21.72
N ASP B 291 -12.50 -4.41 21.62
CA ASP B 291 -12.40 -2.97 21.66
C ASP B 291 -11.19 -2.53 20.88
N ILE B 292 -11.38 -1.60 19.97
CA ILE B 292 -10.28 -1.10 19.16
C ILE B 292 -10.48 0.37 18.85
N GLY B 293 -11.67 0.88 19.15
CA GLY B 293 -11.96 2.26 18.87
C GLY B 293 -12.73 2.33 17.56
N GLU B 294 -12.70 3.49 16.92
CA GLU B 294 -13.41 3.69 15.65
C GLU B 294 -12.44 3.72 14.48
N PRO B 295 -12.50 2.71 13.60
CA PRO B 295 -11.62 2.64 12.43
C PRO B 295 -11.88 3.86 11.57
N MET B 296 -10.89 4.25 10.76
CA MET B 296 -11.08 5.40 9.90
C MET B 296 -12.38 5.21 9.11
N ARG B 297 -13.05 6.30 8.74
CA ARG B 297 -14.31 6.21 7.99
C ARG B 297 -14.12 5.56 6.63
N GLY B 298 -13.03 5.92 5.96
CA GLY B 298 -12.76 5.35 4.66
C GLY B 298 -13.45 6.07 3.52
N LEU B 299 -12.94 5.86 2.32
CA LEU B 299 -13.47 6.49 1.13
C LEU B 299 -13.93 5.39 0.19
N ASP B 300 -15.13 5.50 -0.34
CA ASP B 300 -15.67 4.50 -1.26
C ASP B 300 -16.64 5.09 -2.28
N MET C 21 43.58 42.21 -36.83
CA MET C 21 43.14 42.38 -38.25
C MET C 21 41.67 42.81 -38.28
N GLU C 22 40.79 41.95 -38.81
CA GLU C 22 39.36 42.27 -38.87
C GLU C 22 38.61 41.43 -37.85
N ILE C 23 37.49 41.96 -37.37
CA ILE C 23 36.72 41.23 -36.38
C ILE C 23 35.37 40.80 -36.93
N LYS C 24 34.81 39.74 -36.37
CA LYS C 24 33.51 39.23 -36.78
C LYS C 24 32.63 39.07 -35.54
N LYS C 25 31.37 39.47 -35.64
CA LYS C 25 30.45 39.37 -34.52
C LYS C 25 29.25 38.48 -34.86
N GLY C 26 28.55 38.04 -33.83
CA GLY C 26 27.37 37.20 -34.02
C GLY C 26 27.47 36.02 -34.96
N THR C 27 28.62 35.36 -35.01
CA THR C 27 28.79 34.20 -35.88
C THR C 27 28.40 32.94 -35.10
N TRP C 28 28.19 31.83 -35.82
CA TRP C 28 27.78 30.59 -35.18
C TRP C 28 28.72 30.08 -34.10
N ILE C 29 30.01 30.20 -34.32
CA ILE C 29 30.99 29.73 -33.34
C ILE C 29 30.83 30.54 -32.04
N ILE C 30 30.51 31.82 -32.16
CA ILE C 30 30.34 32.68 -31.00
C ILE C 30 29.04 32.38 -30.24
N LYS C 31 27.97 32.13 -30.99
CA LYS C 31 26.69 31.85 -30.36
C LYS C 31 26.72 30.49 -29.70
N LYS C 32 27.02 29.46 -30.50
CA LYS C 32 27.10 28.10 -30.00
C LYS C 32 28.09 28.08 -28.86
N GLY C 33 29.20 28.80 -29.04
CA GLY C 33 30.24 28.85 -28.03
C GLY C 33 29.81 29.46 -26.71
N PHE C 34 29.13 30.62 -26.78
CA PHE C 34 28.70 31.28 -25.55
C PHE C 34 27.96 30.31 -24.64
N ALA C 35 27.10 29.49 -25.23
CA ALA C 35 26.30 28.54 -24.47
C ALA C 35 27.10 27.40 -23.84
N GLU C 36 28.26 27.10 -24.41
CA GLU C 36 29.11 26.04 -23.87
C GLU C 36 29.57 26.45 -22.48
N MET C 37 29.69 27.75 -22.27
CA MET C 37 30.14 28.29 -21.00
C MET C 37 29.15 28.06 -19.87
N PHE C 38 27.90 27.75 -20.22
CA PHE C 38 26.88 27.50 -19.21
C PHE C 38 26.87 26.09 -18.67
N LYS C 39 27.49 25.17 -19.39
CA LYS C 39 27.49 23.79 -18.96
C LYS C 39 27.84 23.59 -17.49
N GLY C 40 27.14 22.66 -16.84
CA GLY C 40 27.37 22.38 -15.44
C GLY C 40 26.77 23.40 -14.50
N GLY C 41 25.92 24.28 -15.04
CA GLY C 41 25.33 25.31 -14.20
C GLY C 41 23.82 25.36 -14.13
N VAL C 42 23.33 26.36 -13.40
CA VAL C 42 21.91 26.57 -13.20
C VAL C 42 21.51 27.97 -13.62
N ILE C 43 20.43 28.08 -14.41
CA ILE C 43 19.92 29.37 -14.87
C ILE C 43 18.63 29.58 -14.10
N MET C 44 18.54 30.70 -13.38
CA MET C 44 17.38 31.00 -12.57
C MET C 44 16.44 32.10 -13.05
N ASP C 45 15.13 31.86 -12.94
CA ASP C 45 14.14 32.85 -13.32
C ASP C 45 14.13 33.84 -12.17
N VAL C 46 14.11 35.14 -12.49
CA VAL C 46 14.09 36.18 -11.45
C VAL C 46 13.10 37.26 -11.84
N THR C 47 12.41 37.77 -10.83
CA THR C 47 11.37 38.79 -11.02
C THR C 47 11.75 40.17 -10.58
N SER C 48 12.77 40.25 -9.75
CA SER C 48 13.23 41.53 -9.22
C SER C 48 14.74 41.64 -9.22
N ALA C 49 15.24 42.81 -8.84
CA ALA C 49 16.67 43.02 -8.76
C ALA C 49 17.15 42.28 -7.52
N GLU C 50 16.26 42.14 -6.54
CA GLU C 50 16.65 41.46 -5.31
C GLU C 50 16.87 39.99 -5.58
N GLN C 51 15.99 39.40 -6.39
CA GLN C 51 16.10 37.99 -6.72
C GLN C 51 17.33 37.75 -7.58
N ALA C 52 17.60 38.67 -8.49
CA ALA C 52 18.74 38.55 -9.36
C ALA C 52 19.99 38.42 -8.50
N LYS C 53 20.07 39.24 -7.45
CA LYS C 53 21.21 39.22 -6.56
C LYS C 53 21.32 37.93 -5.77
N ILE C 54 20.19 37.41 -5.32
CA ILE C 54 20.20 36.15 -4.57
C ILE C 54 20.74 35.09 -5.51
N ALA C 55 20.14 35.03 -6.71
CA ALA C 55 20.54 34.08 -7.73
C ALA C 55 22.04 34.15 -8.00
N GLU C 56 22.55 35.37 -8.19
CA GLU C 56 23.98 35.56 -8.48
C GLU C 56 24.87 35.13 -7.31
N GLU C 57 24.46 35.46 -6.09
CA GLU C 57 25.22 35.10 -4.90
C GLU C 57 25.22 33.59 -4.73
N ALA C 58 24.13 32.95 -5.11
CA ALA C 58 23.99 31.51 -4.99
C ALA C 58 24.92 30.74 -5.92
N GLY C 59 25.30 31.37 -7.02
CA GLY C 59 26.20 30.70 -7.95
C GLY C 59 25.55 30.40 -9.28
N ALA C 60 24.43 31.05 -9.54
CA ALA C 60 23.71 30.87 -10.78
C ALA C 60 24.63 31.30 -11.92
N VAL C 61 24.56 30.64 -13.06
CA VAL C 61 25.41 31.03 -14.19
C VAL C 61 24.75 32.12 -15.05
N ALA C 62 23.46 32.34 -14.84
CA ALA C 62 22.71 33.36 -15.58
C ALA C 62 21.29 33.45 -15.01
N VAL C 63 20.64 34.57 -15.26
CA VAL C 63 19.29 34.76 -14.76
C VAL C 63 18.36 35.01 -15.94
N MET C 64 17.08 34.70 -15.75
CA MET C 64 16.06 34.88 -16.77
C MET C 64 15.09 35.93 -16.24
N ALA C 65 14.99 37.06 -16.95
CA ALA C 65 14.11 38.16 -16.55
C ALA C 65 12.63 37.93 -16.86
N LEU C 66 11.80 38.03 -15.82
CA LEU C 66 10.36 37.83 -15.97
C LEU C 66 9.56 38.78 -15.09
N GLU C 67 8.29 38.94 -15.43
CA GLU C 67 7.39 39.78 -14.66
C GLU C 67 6.80 38.89 -13.57
N ARG C 68 6.53 37.64 -13.94
CA ARG C 68 5.97 36.64 -13.03
C ARG C 68 6.45 35.24 -13.45
N VAL C 69 6.94 34.45 -12.49
CA VAL C 69 7.45 33.11 -12.77
C VAL C 69 6.37 32.19 -13.34
N PRO C 70 6.78 31.11 -14.00
CA PRO C 70 5.87 30.13 -14.62
C PRO C 70 4.64 29.72 -13.79
N ALA C 71 4.83 29.47 -12.49
CA ALA C 71 3.74 29.07 -11.62
C ALA C 71 2.66 30.14 -11.56
N ASP C 72 3.07 31.40 -11.54
CA ASP C 72 2.13 32.50 -11.49
C ASP C 72 1.50 32.68 -12.87
N ILE C 73 2.29 32.47 -13.91
CA ILE C 73 1.79 32.58 -15.27
C ILE C 73 0.56 31.67 -15.40
N ARG C 74 0.65 30.49 -14.78
CA ARG C 74 -0.45 29.53 -14.79
C ARG C 74 -1.64 30.05 -13.97
N LYS C 75 -1.39 30.27 -12.68
CA LYS C 75 -2.42 30.77 -11.77
C LYS C 75 -3.17 31.97 -12.36
N GLU C 76 -2.42 33.03 -12.72
CA GLU C 76 -3.01 34.25 -13.28
C GLU C 76 -3.87 34.03 -14.53
N GLY C 77 -3.22 33.79 -15.67
CA GLY C 77 -3.95 33.60 -16.91
C GLY C 77 -3.76 34.82 -17.79
N GLY C 78 -4.59 34.98 -18.80
CA GLY C 78 -4.45 36.12 -19.70
C GLY C 78 -3.39 35.87 -20.75
N VAL C 79 -2.95 36.91 -21.44
CA VAL C 79 -1.94 36.74 -22.47
C VAL C 79 -0.53 37.04 -21.97
N ALA C 80 0.32 36.01 -21.91
CA ALA C 80 1.68 36.19 -21.45
C ALA C 80 2.61 36.69 -22.56
N ARG C 81 3.13 37.90 -22.39
CA ARG C 81 4.02 38.48 -23.40
C ARG C 81 5.44 38.75 -22.86
N MET C 82 6.17 39.52 -23.64
CA MET C 82 7.54 39.91 -23.30
C MET C 82 7.48 40.77 -22.04
N ALA C 83 8.53 40.70 -21.23
CA ALA C 83 8.55 41.51 -20.02
C ALA C 83 8.72 42.97 -20.40
N SER C 84 8.44 43.86 -19.46
CA SER C 84 8.57 45.29 -19.70
C SER C 84 10.06 45.62 -19.77
N ILE C 85 10.42 46.56 -20.63
CA ILE C 85 11.82 46.93 -20.76
C ILE C 85 12.36 47.37 -19.40
N ALA C 86 11.54 48.08 -18.63
CA ALA C 86 11.93 48.56 -17.31
C ALA C 86 12.38 47.41 -16.43
N LYS C 87 11.55 46.37 -16.38
CA LYS C 87 11.83 45.20 -15.57
C LYS C 87 13.15 44.55 -15.96
N ILE C 88 13.39 44.44 -17.27
CA ILE C 88 14.61 43.82 -17.78
C ILE C 88 15.85 44.66 -17.51
N ARG C 89 15.75 45.99 -17.63
CA ARG C 89 16.88 46.86 -17.36
C ARG C 89 17.23 46.74 -15.88
N GLU C 90 16.19 46.67 -15.06
CA GLU C 90 16.35 46.53 -13.62
C GLU C 90 17.32 45.38 -13.35
N ILE C 91 16.97 44.22 -13.90
CA ILE C 91 17.77 43.03 -13.71
C ILE C 91 19.13 43.09 -14.39
N MET C 92 19.19 43.70 -15.56
CA MET C 92 20.46 43.80 -16.26
C MET C 92 21.46 44.58 -15.43
N GLU C 93 20.96 45.64 -14.79
CA GLU C 93 21.80 46.49 -13.98
C GLU C 93 22.11 45.93 -12.60
N ALA C 94 21.37 44.92 -12.17
CA ALA C 94 21.56 44.35 -10.85
C ALA C 94 22.65 43.29 -10.69
N VAL C 95 23.04 42.64 -11.78
CA VAL C 95 24.05 41.59 -11.72
C VAL C 95 25.04 41.70 -12.85
N SER C 96 26.13 40.95 -12.76
CA SER C 96 27.13 41.00 -13.81
C SER C 96 27.09 39.75 -14.68
N ILE C 97 26.28 38.78 -14.28
CA ILE C 97 26.16 37.56 -15.05
C ILE C 97 25.17 37.82 -16.18
N PRO C 98 25.24 37.01 -17.25
CA PRO C 98 24.34 37.16 -18.40
C PRO C 98 22.88 37.23 -17.99
N VAL C 99 22.11 38.00 -18.74
CA VAL C 99 20.70 38.15 -18.49
C VAL C 99 19.93 37.71 -19.74
N MET C 100 18.99 36.78 -19.56
CA MET C 100 18.16 36.28 -20.66
C MET C 100 16.74 36.82 -20.51
N ALA C 101 16.03 36.90 -21.62
CA ALA C 101 14.65 37.37 -21.59
C ALA C 101 13.86 36.47 -22.55
N LYS C 102 12.61 36.19 -22.19
CA LYS C 102 11.73 35.34 -22.99
C LYS C 102 10.93 36.17 -23.99
N VAL C 103 10.60 35.57 -25.14
CA VAL C 103 9.75 36.24 -26.14
C VAL C 103 8.75 35.20 -26.61
N ARG C 104 7.58 35.67 -27.05
CA ARG C 104 6.56 34.76 -27.53
C ARG C 104 7.02 34.10 -28.81
N ILE C 105 6.70 32.82 -28.97
CA ILE C 105 7.09 32.11 -30.17
C ILE C 105 6.65 32.85 -31.42
N GLY C 106 7.57 32.98 -32.38
CA GLY C 106 7.28 33.65 -33.63
C GLY C 106 7.18 35.15 -33.59
N HIS C 107 7.38 35.77 -32.42
CA HIS C 107 7.28 37.22 -32.32
C HIS C 107 8.57 37.94 -32.70
N ILE C 108 8.79 38.12 -34.00
CA ILE C 108 10.01 38.76 -34.47
C ILE C 108 10.27 40.11 -33.84
N ALA C 109 9.24 40.95 -33.78
CA ALA C 109 9.38 42.28 -33.20
C ALA C 109 9.90 42.26 -31.77
N GLU C 110 9.31 41.45 -30.90
CA GLU C 110 9.79 41.39 -29.51
C GLU C 110 11.28 41.08 -29.50
N ALA C 111 11.69 40.11 -30.32
CA ALA C 111 13.09 39.70 -30.39
C ALA C 111 14.01 40.82 -30.87
N LYS C 112 13.56 41.55 -31.88
CA LYS C 112 14.36 42.65 -32.40
C LYS C 112 14.58 43.65 -31.27
N ILE C 113 13.49 43.97 -30.57
CA ILE C 113 13.55 44.92 -29.48
C ILE C 113 14.56 44.44 -28.44
N LEU C 114 14.45 43.18 -28.05
CA LEU C 114 15.35 42.60 -27.07
C LEU C 114 16.82 42.62 -27.50
N GLU C 115 17.08 42.28 -28.76
CA GLU C 115 18.43 42.28 -29.27
C GLU C 115 19.00 43.67 -29.10
N GLU C 116 18.23 44.67 -29.55
CA GLU C 116 18.62 46.07 -29.46
C GLU C 116 18.85 46.49 -28.01
N LEU C 117 18.10 45.90 -27.08
CA LEU C 117 18.25 46.22 -25.67
C LEU C 117 19.55 45.66 -25.12
N GLY C 118 20.14 44.69 -25.81
CA GLY C 118 21.39 44.13 -25.34
C GLY C 118 21.29 42.91 -24.46
N VAL C 119 20.11 42.28 -24.40
CA VAL C 119 19.96 41.06 -23.62
C VAL C 119 21.00 40.05 -24.12
N ASP C 120 21.50 39.19 -23.24
CA ASP C 120 22.53 38.21 -23.65
C ASP C 120 22.05 36.94 -24.34
N PHE C 121 20.79 36.59 -24.15
CA PHE C 121 20.26 35.37 -24.74
C PHE C 121 18.74 35.46 -24.78
N ILE C 122 18.16 35.33 -25.97
CA ILE C 122 16.72 35.38 -26.09
C ILE C 122 16.15 33.98 -25.99
N ASP C 123 15.04 33.85 -25.29
CA ASP C 123 14.39 32.56 -25.14
C ASP C 123 13.04 32.60 -25.78
N GLU C 124 12.92 31.95 -26.94
CA GLU C 124 11.65 31.85 -27.65
C GLU C 124 10.97 30.68 -26.93
N SER C 125 10.27 30.99 -25.85
CA SER C 125 9.65 29.93 -25.06
C SER C 125 8.16 29.76 -25.24
N GLU C 126 7.71 28.56 -24.90
CA GLU C 126 6.31 28.21 -25.01
C GLU C 126 5.56 28.46 -23.72
N VAL C 127 6.23 28.98 -22.69
CA VAL C 127 5.55 29.25 -21.44
C VAL C 127 4.80 30.58 -21.60
N LEU C 128 5.03 31.24 -22.73
CA LEU C 128 4.37 32.51 -23.04
C LEU C 128 3.40 32.28 -24.20
N THR C 129 2.30 33.03 -24.20
CA THR C 129 1.28 32.93 -25.24
C THR C 129 1.90 33.05 -26.63
N PRO C 130 1.96 31.94 -27.38
CA PRO C 130 2.55 31.96 -28.73
C PRO C 130 1.97 33.05 -29.61
N ALA C 131 2.84 33.69 -30.38
CA ALA C 131 2.46 34.78 -31.29
C ALA C 131 2.19 34.22 -32.68
N ASP C 132 2.99 33.24 -33.09
CA ASP C 132 2.81 32.60 -34.38
C ASP C 132 2.39 31.18 -34.06
N ASP C 133 1.41 30.69 -34.77
CA ASP C 133 0.87 29.35 -34.53
C ASP C 133 1.54 28.25 -35.34
N ARG C 134 2.33 28.64 -36.34
CA ARG C 134 3.00 27.65 -37.18
C ARG C 134 4.50 27.84 -37.27
N PHE C 135 4.93 29.05 -37.54
CA PHE C 135 6.35 29.31 -37.68
C PHE C 135 7.02 29.89 -36.45
N HIS C 136 8.33 29.73 -36.39
CA HIS C 136 9.12 30.26 -35.31
C HIS C 136 9.91 31.41 -35.89
N ILE C 137 10.71 32.04 -35.05
CA ILE C 137 11.52 33.16 -35.51
C ILE C 137 12.72 32.62 -36.27
N ASN C 138 13.02 33.25 -37.40
CA ASN C 138 14.19 32.84 -38.15
C ASN C 138 15.36 33.45 -37.39
N LYS C 139 15.95 32.67 -36.50
CA LYS C 139 17.02 33.12 -35.65
C LYS C 139 18.36 33.44 -36.32
N HIS C 140 18.54 33.03 -37.58
CA HIS C 140 19.79 33.31 -38.25
C HIS C 140 20.02 34.80 -38.45
N GLU C 141 18.92 35.53 -38.64
CA GLU C 141 18.97 36.97 -38.87
C GLU C 141 19.56 37.75 -37.70
N PHE C 142 19.51 37.17 -36.50
CA PHE C 142 19.99 37.82 -35.29
C PHE C 142 21.48 37.63 -34.98
N LYS C 143 21.99 38.48 -34.11
CA LYS C 143 23.38 38.42 -33.68
C LYS C 143 23.39 37.76 -32.31
N VAL C 144 22.33 37.99 -31.55
CA VAL C 144 22.25 37.39 -30.23
C VAL C 144 21.75 35.96 -30.32
N PRO C 145 22.30 35.07 -29.50
CA PRO C 145 21.86 33.67 -29.52
C PRO C 145 20.46 33.43 -28.94
N PHE C 146 19.81 32.39 -29.43
CA PHE C 146 18.47 31.99 -29.00
C PHE C 146 18.52 30.59 -28.39
N VAL C 147 17.59 30.33 -27.48
CA VAL C 147 17.47 29.02 -26.84
C VAL C 147 16.00 28.64 -27.05
N CYS C 148 15.76 27.40 -27.48
CA CYS C 148 14.40 26.93 -27.70
C CYS C 148 14.10 25.62 -27.04
N GLY C 149 12.81 25.33 -26.89
CA GLY C 149 12.38 24.10 -26.26
C GLY C 149 12.19 22.96 -27.26
N ALA C 150 12.20 21.75 -26.73
CA ALA C 150 12.01 20.57 -27.55
C ALA C 150 11.52 19.45 -26.65
N ARG C 151 10.76 18.52 -27.23
CA ARG C 151 10.25 17.42 -26.46
C ARG C 151 10.89 16.14 -26.97
N ASP C 152 11.66 16.27 -28.05
CA ASP C 152 12.34 15.12 -28.66
C ASP C 152 13.39 15.59 -29.63
N LEU C 153 14.14 14.63 -30.18
CA LEU C 153 15.22 14.92 -31.12
C LEU C 153 14.73 15.62 -32.38
N GLY C 154 13.54 15.25 -32.82
CA GLY C 154 12.94 15.84 -34.01
C GLY C 154 12.81 17.34 -33.93
N GLU C 155 12.17 17.86 -32.88
CA GLU C 155 12.03 19.31 -32.79
C GLU C 155 13.28 20.00 -32.28
N ALA C 156 14.08 19.30 -31.48
CA ALA C 156 15.31 19.91 -31.02
C ALA C 156 16.08 20.24 -32.30
N LEU C 157 16.11 19.27 -33.20
CA LEU C 157 16.82 19.41 -34.47
C LEU C 157 16.20 20.48 -35.37
N ARG C 158 14.87 20.56 -35.40
CA ARG C 158 14.20 21.57 -36.21
C ARG C 158 14.54 22.96 -35.66
N ARG C 159 14.41 23.12 -34.35
CA ARG C 159 14.72 24.39 -33.70
C ARG C 159 16.14 24.83 -34.07
N ILE C 160 17.07 23.87 -34.08
CA ILE C 160 18.46 24.18 -34.42
C ILE C 160 18.58 24.62 -35.89
N ALA C 161 17.79 24.01 -36.76
CA ALA C 161 17.81 24.34 -38.18
C ALA C 161 17.36 25.78 -38.40
N GLU C 162 16.57 26.31 -37.46
CA GLU C 162 16.09 27.68 -37.56
C GLU C 162 17.11 28.65 -36.97
N GLY C 163 18.14 28.13 -36.31
CA GLY C 163 19.17 28.97 -35.75
C GLY C 163 19.46 28.86 -34.27
N ALA C 164 18.65 28.13 -33.52
CA ALA C 164 18.84 27.98 -32.08
C ALA C 164 20.25 27.55 -31.72
N ALA C 165 20.87 28.28 -30.80
CA ALA C 165 22.23 27.94 -30.37
C ALA C 165 22.24 27.06 -29.13
N MET C 166 21.08 26.92 -28.51
CA MET C 166 20.94 26.11 -27.29
C MET C 166 19.51 25.58 -27.19
N ILE C 167 19.39 24.33 -26.80
CA ILE C 167 18.10 23.68 -26.66
C ILE C 167 17.85 23.37 -25.21
N ARG C 168 16.59 23.42 -24.81
CA ARG C 168 16.26 23.05 -23.45
C ARG C 168 15.11 22.07 -23.59
N THR C 169 15.31 20.90 -22.99
CA THR C 169 14.31 19.86 -23.04
C THR C 169 13.31 20.24 -21.94
N LYS C 170 12.13 20.66 -22.39
CA LYS C 170 11.05 21.11 -21.52
C LYS C 170 10.15 20.04 -20.90
N GLY C 171 9.50 20.42 -19.82
CA GLY C 171 8.57 19.56 -19.12
C GLY C 171 7.34 20.41 -18.91
N GLU C 172 6.79 20.41 -17.70
CA GLU C 172 5.61 21.22 -17.41
C GLU C 172 6.07 22.39 -16.57
N ALA C 173 6.03 23.59 -17.14
CA ALA C 173 6.46 24.76 -16.40
C ALA C 173 5.61 25.00 -15.17
N GLY C 174 6.26 25.38 -14.08
CA GLY C 174 5.55 25.69 -12.83
C GLY C 174 4.58 24.70 -12.23
N THR C 175 4.97 23.43 -12.13
CA THR C 175 4.09 22.45 -11.51
C THR C 175 4.83 21.67 -10.42
N GLY C 176 6.15 21.83 -10.36
CA GLY C 176 6.94 21.13 -9.37
C GLY C 176 7.06 19.63 -9.62
N ASN C 177 6.73 19.22 -10.84
CA ASN C 177 6.77 17.83 -11.22
C ASN C 177 7.77 17.55 -12.34
N VAL C 178 8.88 16.89 -12.02
CA VAL C 178 9.89 16.60 -13.05
C VAL C 178 9.50 15.54 -14.07
N VAL C 179 8.39 14.87 -13.85
CA VAL C 179 7.96 13.80 -14.74
C VAL C 179 8.07 14.07 -16.27
N GLU C 180 7.55 15.19 -16.76
CA GLU C 180 7.66 15.45 -18.19
C GLU C 180 9.12 15.70 -18.58
N ALA C 181 9.84 16.41 -17.73
CA ALA C 181 11.25 16.68 -18.01
C ALA C 181 11.99 15.36 -18.14
N VAL C 182 11.72 14.43 -17.24
CA VAL C 182 12.39 13.15 -17.29
C VAL C 182 12.04 12.48 -18.60
N LYS C 183 10.73 12.36 -18.85
CA LYS C 183 10.22 11.73 -20.07
C LYS C 183 10.98 12.18 -21.32
N HIS C 184 11.02 13.49 -21.53
CA HIS C 184 11.65 14.09 -22.69
C HIS C 184 13.17 14.02 -22.73
N MET C 185 13.80 14.12 -21.58
CA MET C 185 15.25 14.05 -21.55
C MET C 185 15.64 12.63 -21.94
N ARG C 186 14.89 11.66 -21.42
CA ARG C 186 15.16 10.26 -21.75
C ARG C 186 14.91 10.03 -23.22
N ARG C 187 13.80 10.58 -23.70
CA ARG C 187 13.43 10.45 -25.09
C ARG C 187 14.55 10.96 -26.03
N VAL C 188 14.96 12.20 -25.84
CA VAL C 188 16.02 12.78 -26.66
C VAL C 188 17.27 11.92 -26.62
N MET C 189 17.76 11.66 -25.42
CA MET C 189 18.97 10.86 -25.25
C MET C 189 18.88 9.50 -25.93
N GLU C 190 17.72 8.86 -25.81
CA GLU C 190 17.46 7.56 -26.41
C GLU C 190 17.65 7.63 -27.92
N GLN C 191 16.92 8.56 -28.54
CA GLN C 191 17.01 8.76 -29.98
C GLN C 191 18.44 9.06 -30.39
N ILE C 192 19.11 9.97 -29.68
CA ILE C 192 20.47 10.29 -30.06
C ILE C 192 21.25 9.00 -30.16
N LYS C 193 21.28 8.26 -29.05
CA LYS C 193 21.98 6.99 -28.98
C LYS C 193 21.71 6.13 -30.21
N GLN C 194 20.43 5.97 -30.55
CA GLN C 194 20.05 5.17 -31.72
C GLN C 194 20.67 5.72 -32.99
N VAL C 195 20.39 6.98 -33.28
CA VAL C 195 20.92 7.62 -34.47
C VAL C 195 22.41 7.38 -34.59
N THR C 196 23.07 7.28 -33.45
CA THR C 196 24.53 7.14 -33.43
C THR C 196 24.98 5.91 -34.21
N LYS C 197 24.12 4.90 -34.24
CA LYS C 197 24.41 3.64 -34.90
C LYS C 197 23.56 3.35 -36.12
N MET C 198 23.15 4.40 -36.82
CA MET C 198 22.35 4.19 -38.02
C MET C 198 23.23 4.39 -39.25
N GLU C 199 22.88 3.68 -40.32
CA GLU C 199 23.61 3.81 -41.59
C GLU C 199 22.92 4.91 -42.37
N ASP C 200 23.67 5.61 -43.20
CA ASP C 200 23.10 6.71 -43.97
C ASP C 200 21.67 6.50 -44.46
N GLU C 201 21.43 5.38 -45.15
CA GLU C 201 20.08 5.12 -45.69
C GLU C 201 19.03 5.09 -44.58
N GLU C 202 19.47 4.70 -43.38
CA GLU C 202 18.59 4.64 -42.21
C GLU C 202 18.38 6.06 -41.67
N LEU C 203 19.44 6.86 -41.76
CA LEU C 203 19.40 8.25 -41.32
C LEU C 203 18.35 9.03 -42.11
N VAL C 204 18.44 8.95 -43.44
CA VAL C 204 17.51 9.62 -44.32
C VAL C 204 16.08 9.19 -44.02
N ALA C 205 15.92 7.89 -43.76
CA ALA C 205 14.60 7.36 -43.45
C ALA C 205 14.12 7.91 -42.10
N TYR C 206 14.98 7.82 -41.10
CA TYR C 206 14.64 8.30 -39.77
C TYR C 206 14.26 9.79 -39.82
N GLY C 207 15.01 10.54 -40.61
CA GLY C 207 14.73 11.95 -40.74
C GLY C 207 13.28 12.20 -41.13
N LYS C 208 12.78 11.39 -42.06
CA LYS C 208 11.40 11.52 -42.51
C LYS C 208 10.49 11.19 -41.35
N GLU C 209 10.77 10.08 -40.67
CA GLU C 209 9.98 9.65 -39.54
C GLU C 209 9.81 10.69 -38.44
N ILE C 210 10.92 11.16 -37.88
CA ILE C 210 10.85 12.15 -36.81
C ILE C 210 10.87 13.60 -37.31
N GLY C 211 10.75 13.76 -38.62
CA GLY C 211 10.72 15.09 -39.19
C GLY C 211 11.87 16.00 -38.83
N ALA C 212 13.09 15.52 -38.98
CA ALA C 212 14.28 16.30 -38.68
C ALA C 212 15.18 16.32 -39.90
N PRO C 213 15.92 17.41 -40.09
CA PRO C 213 16.85 17.55 -41.23
C PRO C 213 18.00 16.52 -41.20
N VAL C 214 18.09 15.73 -42.27
CA VAL C 214 19.11 14.69 -42.37
C VAL C 214 20.52 15.22 -42.14
N GLU C 215 20.80 16.44 -42.57
CA GLU C 215 22.12 16.99 -42.37
C GLU C 215 22.46 17.05 -40.89
N LEU C 216 21.53 17.47 -40.06
CA LEU C 216 21.78 17.54 -38.63
C LEU C 216 21.86 16.13 -38.03
N LEU C 217 21.14 15.18 -38.60
CA LEU C 217 21.19 13.81 -38.08
C LEU C 217 22.58 13.24 -38.28
N ARG C 218 23.17 13.51 -39.44
CA ARG C 218 24.50 13.00 -39.75
C ARG C 218 25.49 13.61 -38.76
N GLU C 219 25.21 14.83 -38.35
CA GLU C 219 26.04 15.56 -37.41
C GLU C 219 25.91 14.92 -36.02
N VAL C 220 24.68 14.61 -35.62
CA VAL C 220 24.45 13.99 -34.33
C VAL C 220 25.15 12.66 -34.31
N LYS C 221 25.04 11.93 -35.41
CA LYS C 221 25.65 10.62 -35.53
C LYS C 221 27.15 10.65 -35.27
N ARG C 222 27.83 11.71 -35.70
CA ARG C 222 29.26 11.78 -35.46
C ARG C 222 29.61 12.27 -34.06
N LEU C 223 29.02 13.39 -33.65
CA LEU C 223 29.29 13.92 -32.32
C LEU C 223 28.83 13.01 -31.19
N GLY C 224 27.85 12.16 -31.48
CA GLY C 224 27.35 11.27 -30.45
C GLY C 224 26.49 12.05 -29.47
N ARG C 225 26.12 13.27 -29.86
CA ARG C 225 25.29 14.12 -29.01
C ARG C 225 24.67 15.22 -29.87
N LEU C 226 23.81 16.04 -29.25
CA LEU C 226 23.19 17.16 -29.98
C LEU C 226 24.30 18.11 -30.41
N PRO C 227 24.07 18.87 -31.48
CA PRO C 227 25.14 19.80 -31.90
C PRO C 227 25.19 21.12 -31.12
N VAL C 228 24.40 21.21 -30.05
CA VAL C 228 24.40 22.40 -29.18
C VAL C 228 24.12 21.94 -27.74
N VAL C 229 24.34 22.84 -26.78
CA VAL C 229 24.11 22.53 -25.37
C VAL C 229 22.65 22.22 -25.11
N ASN C 230 22.38 21.18 -24.32
CA ASN C 230 21.00 20.78 -23.99
C ASN C 230 20.72 20.81 -22.49
N PHE C 231 19.82 21.69 -22.09
CA PHE C 231 19.49 21.81 -20.68
C PHE C 231 18.14 21.20 -20.32
N ALA C 232 18.03 20.75 -19.07
CA ALA C 232 16.78 20.18 -18.57
C ALA C 232 15.99 21.38 -18.04
N ALA C 233 14.66 21.33 -18.16
CA ALA C 233 13.84 22.43 -17.70
C ALA C 233 12.40 22.04 -17.46
N GLY C 234 11.78 22.67 -16.46
CA GLY C 234 10.38 22.41 -16.17
C GLY C 234 10.13 21.39 -15.08
N GLY C 235 9.73 21.88 -13.91
CA GLY C 235 9.40 20.99 -12.81
C GLY C 235 10.48 20.73 -11.78
N VAL C 236 11.68 21.28 -11.96
CA VAL C 236 12.71 21.04 -10.98
C VAL C 236 12.38 21.85 -9.75
N ALA C 237 12.18 21.16 -8.63
CA ALA C 237 11.81 21.82 -7.40
C ALA C 237 12.66 21.50 -6.18
N THR C 238 13.60 20.58 -6.33
CA THR C 238 14.47 20.20 -5.21
C THR C 238 15.85 19.75 -5.73
N PRO C 239 16.90 19.90 -4.90
CA PRO C 239 18.25 19.50 -5.31
C PRO C 239 18.27 18.11 -5.96
N ALA C 240 17.54 17.17 -5.36
CA ALA C 240 17.49 15.81 -5.91
C ALA C 240 17.01 15.84 -7.36
N ASP C 241 15.98 16.63 -7.63
CA ASP C 241 15.46 16.76 -8.99
C ASP C 241 16.58 17.20 -9.94
N ALA C 242 17.32 18.24 -9.56
CA ALA C 242 18.41 18.75 -10.39
C ALA C 242 19.45 17.68 -10.66
N ALA C 243 19.83 16.95 -9.62
CA ALA C 243 20.81 15.89 -9.76
C ALA C 243 20.34 14.81 -10.74
N LEU C 244 19.06 14.47 -10.65
CA LEU C 244 18.47 13.47 -11.52
C LEU C 244 18.61 13.90 -12.97
N MET C 245 18.23 15.14 -13.25
CA MET C 245 18.33 15.63 -14.61
C MET C 245 19.73 15.40 -15.14
N MET C 246 20.73 15.65 -14.32
CA MET C 246 22.10 15.45 -14.75
C MET C 246 22.39 13.96 -14.98
N MET C 247 21.82 13.12 -14.11
CA MET C 247 21.99 11.68 -14.22
C MET C 247 21.40 11.19 -15.53
N LEU C 248 20.38 11.89 -16.02
CA LEU C 248 19.75 11.54 -17.26
C LEU C 248 20.46 12.16 -18.48
N GLY C 249 21.56 12.85 -18.27
CA GLY C 249 22.30 13.40 -19.39
C GLY C 249 22.20 14.86 -19.75
N ALA C 250 21.64 15.67 -18.87
CA ALA C 250 21.52 17.10 -19.16
C ALA C 250 22.85 17.81 -18.98
N ASP C 251 23.00 18.96 -19.64
CA ASP C 251 24.21 19.76 -19.52
C ASP C 251 24.06 20.76 -18.35
N GLY C 252 22.83 20.93 -17.88
CA GLY C 252 22.56 21.85 -16.79
C GLY C 252 21.04 22.01 -16.67
N VAL C 253 20.57 22.81 -15.72
CA VAL C 253 19.13 22.96 -15.57
C VAL C 253 18.67 24.39 -15.46
N PHE C 254 17.41 24.60 -15.85
CA PHE C 254 16.75 25.89 -15.76
C PHE C 254 15.80 25.70 -14.59
N VAL C 255 15.81 26.63 -13.65
CA VAL C 255 14.92 26.54 -12.51
C VAL C 255 14.23 27.87 -12.37
N GLY C 256 12.91 27.88 -12.42
CA GLY C 256 12.17 29.13 -12.30
C GLY C 256 11.40 29.22 -11.00
N SER C 257 10.25 28.55 -10.99
CA SER C 257 9.36 28.53 -9.83
C SER C 257 9.91 27.78 -8.60
N GLY C 258 10.57 26.67 -8.84
CA GLY C 258 11.11 25.86 -7.76
C GLY C 258 11.97 26.52 -6.70
N ILE C 259 12.58 27.66 -7.00
CA ILE C 259 13.45 28.34 -6.04
C ILE C 259 12.74 29.44 -5.26
N PHE C 260 12.14 30.39 -5.96
CA PHE C 260 11.50 31.49 -5.28
C PHE C 260 10.10 31.16 -4.74
N LYS C 261 9.56 30.01 -5.15
CA LYS C 261 8.24 29.59 -4.67
C LYS C 261 8.38 28.69 -3.44
N SER C 262 9.61 28.59 -2.92
CA SER C 262 9.88 27.79 -1.74
C SER C 262 10.07 28.71 -0.53
N LYS C 263 10.11 28.12 0.65
CA LYS C 263 10.27 28.88 1.88
C LYS C 263 11.52 29.74 1.91
N ASP C 264 12.69 29.13 1.85
CA ASP C 264 13.92 29.90 1.88
C ASP C 264 14.65 29.85 0.55
N PRO C 265 14.30 30.77 -0.38
CA PRO C 265 14.92 30.83 -1.71
C PRO C 265 16.44 30.86 -1.74
N ARG C 266 17.06 31.74 -0.97
CA ARG C 266 18.51 31.78 -0.99
C ARG C 266 19.10 30.42 -0.61
N LYS C 267 18.50 29.79 0.39
CA LYS C 267 18.94 28.48 0.85
C LYS C 267 18.80 27.47 -0.29
N MET C 268 17.58 27.36 -0.83
CA MET C 268 17.29 26.43 -1.92
C MET C 268 18.20 26.66 -3.11
N ALA C 269 18.39 27.91 -3.48
CA ALA C 269 19.22 28.28 -4.62
C ALA C 269 20.66 27.76 -4.54
N LYS C 270 21.32 27.95 -3.40
CA LYS C 270 22.69 27.46 -3.25
C LYS C 270 22.78 25.94 -3.39
N ALA C 271 21.72 25.26 -2.94
CA ALA C 271 21.65 23.82 -3.02
C ALA C 271 21.54 23.33 -4.47
N MET C 272 20.68 23.98 -5.26
CA MET C 272 20.50 23.64 -6.65
C MET C 272 21.83 23.70 -7.36
N VAL C 273 22.52 24.84 -7.21
CA VAL C 273 23.82 25.03 -7.84
C VAL C 273 24.78 23.89 -7.49
N LEU C 274 24.77 23.47 -6.23
CA LEU C 274 25.66 22.40 -5.81
C LEU C 274 25.22 21.00 -6.26
N ALA C 275 23.93 20.81 -6.45
CA ALA C 275 23.42 19.50 -6.88
C ALA C 275 23.79 19.25 -8.34
N VAL C 276 23.74 20.27 -9.17
CA VAL C 276 24.10 20.12 -10.56
C VAL C 276 25.58 19.79 -10.71
N THR C 277 26.40 20.32 -9.79
CA THR C 277 27.84 20.07 -9.83
C THR C 277 28.20 18.71 -9.24
N TYR C 278 27.58 18.37 -8.12
CA TYR C 278 27.87 17.12 -7.44
C TYR C 278 26.73 16.12 -7.53
N TRP C 279 26.14 15.98 -8.72
CA TRP C 279 25.04 15.05 -8.92
C TRP C 279 25.46 13.60 -8.72
N ASP C 280 26.74 13.31 -8.90
CA ASP C 280 27.24 11.95 -8.72
C ASP C 280 27.93 11.77 -7.37
N ASN C 281 27.64 12.64 -6.41
CA ASN C 281 28.24 12.54 -5.09
C ASN C 281 27.16 12.48 -4.00
N PRO C 282 26.72 11.26 -3.64
CA PRO C 282 25.69 11.07 -2.63
C PRO C 282 25.98 11.78 -1.32
N ARG C 283 27.23 11.76 -0.88
CA ARG C 283 27.57 12.41 0.38
C ARG C 283 27.18 13.86 0.30
N ILE C 284 27.60 14.52 -0.78
CA ILE C 284 27.31 15.93 -0.96
C ILE C 284 25.84 16.21 -1.23
N LEU C 285 25.20 15.36 -2.03
CA LEU C 285 23.78 15.56 -2.31
C LEU C 285 23.01 15.52 -0.99
N LEU C 286 23.39 14.63 -0.09
CA LEU C 286 22.73 14.52 1.20
C LEU C 286 22.99 15.74 2.06
N LYS C 287 24.22 16.25 2.00
CA LYS C 287 24.61 17.41 2.78
C LYS C 287 23.76 18.63 2.40
N ILE C 288 23.64 18.89 1.11
CA ILE C 288 22.87 20.05 0.64
C ILE C 288 21.37 19.84 0.78
N SER C 289 20.98 18.62 1.13
CA SER C 289 19.57 18.29 1.30
C SER C 289 19.16 18.31 2.77
N GLU C 290 20.12 18.22 3.68
CA GLU C 290 19.88 18.20 5.12
C GLU C 290 18.86 19.26 5.48
N ASP C 291 18.98 20.41 4.85
CA ASP C 291 18.05 21.49 5.08
C ASP C 291 17.95 22.34 3.84
N ILE C 292 16.73 22.57 3.38
CA ILE C 292 16.52 23.37 2.19
C ILE C 292 15.24 24.18 2.30
N GLY C 293 14.45 23.86 3.32
CA GLY C 293 13.20 24.56 3.48
C GLY C 293 12.10 23.71 2.89
N GLU C 294 10.98 24.33 2.57
CA GLU C 294 9.83 23.62 2.00
C GLU C 294 9.69 23.90 0.51
N PRO C 295 9.90 22.88 -0.33
CA PRO C 295 9.79 23.02 -1.79
C PRO C 295 8.38 23.45 -2.11
N MET C 296 8.18 24.10 -3.25
CA MET C 296 6.84 24.52 -3.64
C MET C 296 5.92 23.31 -3.55
N ARG C 297 4.64 23.52 -3.27
CA ARG C 297 3.69 22.41 -3.16
C ARG C 297 3.54 21.65 -4.48
N GLY C 298 3.50 22.40 -5.57
CA GLY C 298 3.37 21.77 -6.88
C GLY C 298 1.92 21.49 -7.27
N LEU C 299 1.72 21.29 -8.56
CA LEU C 299 0.39 21.01 -9.09
C LEU C 299 0.46 19.64 -9.77
N ASP C 300 -0.51 18.78 -9.46
CA ASP C 300 -0.55 17.45 -10.08
C ASP C 300 -1.97 16.92 -10.23
N HIS D 20 -63.35 -38.73 8.24
CA HIS D 20 -61.96 -38.76 8.79
C HIS D 20 -61.67 -37.52 9.64
N MET D 21 -60.61 -37.59 10.43
CA MET D 21 -60.23 -36.50 11.32
C MET D 21 -59.50 -35.34 10.68
N LYS D 22 -59.67 -34.15 11.26
CA LYS D 22 -59.03 -32.95 10.77
C LYS D 22 -58.14 -32.35 11.85
N ILE D 23 -56.83 -32.39 11.61
CA ILE D 23 -55.85 -31.84 12.55
C ILE D 23 -55.40 -30.43 12.16
N GLY D 24 -55.36 -29.55 13.16
CA GLY D 24 -54.96 -28.19 12.90
C GLY D 24 -53.52 -27.88 13.28
N VAL D 25 -52.91 -26.96 12.53
CA VAL D 25 -51.55 -26.52 12.79
C VAL D 25 -51.64 -25.02 13.00
N LEU D 26 -51.35 -24.58 14.22
CA LEU D 26 -51.41 -23.17 14.56
C LEU D 26 -50.44 -22.49 13.61
N GLY D 27 -50.93 -21.52 12.84
CA GLY D 27 -50.06 -20.86 11.88
C GLY D 27 -49.87 -19.37 11.97
N VAL D 28 -49.67 -18.85 13.17
CA VAL D 28 -49.46 -17.42 13.30
C VAL D 28 -48.00 -17.11 12.91
N GLN D 29 -47.13 -18.10 13.09
CA GLN D 29 -45.71 -17.96 12.76
C GLN D 29 -45.06 -19.31 13.05
N GLY D 30 -44.00 -19.65 12.32
CA GLY D 30 -43.32 -20.92 12.54
C GLY D 30 -43.19 -21.85 11.35
N ASP D 31 -42.64 -23.03 11.56
CA ASP D 31 -42.46 -24.00 10.49
C ASP D 31 -43.73 -24.79 10.22
N VAL D 32 -44.79 -24.06 9.91
CA VAL D 32 -46.08 -24.67 9.62
C VAL D 32 -46.06 -25.69 8.50
N ARG D 33 -45.29 -25.43 7.44
CA ARG D 33 -45.23 -26.35 6.31
C ARG D 33 -44.71 -27.72 6.71
N GLU D 34 -43.58 -27.74 7.42
CA GLU D 34 -42.97 -28.99 7.86
C GLU D 34 -43.96 -29.92 8.54
N HIS D 35 -44.79 -29.37 9.41
CA HIS D 35 -45.79 -30.16 10.12
C HIS D 35 -46.93 -30.59 9.22
N VAL D 36 -47.45 -29.64 8.46
CA VAL D 36 -48.53 -29.94 7.54
C VAL D 36 -48.12 -31.07 6.61
N GLU D 37 -46.86 -31.06 6.17
CA GLU D 37 -46.40 -32.10 5.26
C GLU D 37 -46.29 -33.46 5.96
N ALA D 38 -45.98 -33.44 7.26
CA ALA D 38 -45.88 -34.69 8.00
C ALA D 38 -47.25 -35.31 8.11
N LEU D 39 -48.22 -34.49 8.51
CA LEU D 39 -49.59 -34.95 8.66
C LEU D 39 -50.14 -35.51 7.35
N HIS D 40 -49.76 -34.90 6.24
CA HIS D 40 -50.24 -35.36 4.95
C HIS D 40 -49.64 -36.70 4.61
N LYS D 41 -48.43 -36.96 5.09
CA LYS D 41 -47.82 -38.25 4.83
C LYS D 41 -48.63 -39.31 5.59
N LEU D 42 -49.18 -38.92 6.74
CA LEU D 42 -49.99 -39.83 7.54
C LEU D 42 -51.44 -39.85 7.03
N GLY D 43 -51.65 -39.21 5.88
CA GLY D 43 -52.97 -39.19 5.27
C GLY D 43 -54.11 -38.46 5.94
N VAL D 44 -53.86 -37.69 6.99
CA VAL D 44 -54.93 -36.96 7.65
C VAL D 44 -55.16 -35.60 6.97
N GLU D 45 -56.35 -35.04 7.13
CA GLU D 45 -56.62 -33.72 6.54
C GLU D 45 -56.13 -32.66 7.51
N THR D 46 -55.65 -31.53 6.97
CA THR D 46 -55.12 -30.46 7.83
C THR D 46 -55.76 -29.09 7.61
N LEU D 47 -55.59 -28.22 8.60
CA LEU D 47 -56.10 -26.86 8.51
C LEU D 47 -55.16 -25.93 9.27
N ILE D 48 -54.65 -24.90 8.59
CA ILE D 48 -53.77 -23.95 9.25
C ILE D 48 -54.65 -23.00 10.04
N VAL D 49 -54.43 -22.98 11.35
CA VAL D 49 -55.23 -22.16 12.24
C VAL D 49 -54.66 -20.77 12.53
N LYS D 50 -55.28 -19.75 11.94
CA LYS D 50 -54.86 -18.37 12.12
C LYS D 50 -55.86 -17.52 12.92
N LEU D 51 -57.15 -17.80 12.75
CA LEU D 51 -58.22 -17.06 13.44
C LEU D 51 -58.86 -17.88 14.55
N PRO D 52 -59.36 -17.22 15.61
CA PRO D 52 -59.99 -17.88 16.76
C PRO D 52 -61.06 -18.92 16.37
N GLU D 53 -61.98 -18.47 15.52
CA GLU D 53 -63.06 -19.29 15.03
C GLU D 53 -62.62 -20.60 14.38
N GLN D 54 -61.32 -20.75 14.12
CA GLN D 54 -60.84 -21.96 13.50
C GLN D 54 -60.44 -23.02 14.51
N LEU D 55 -60.31 -22.61 15.77
CA LEU D 55 -59.94 -23.54 16.84
C LEU D 55 -61.07 -24.52 17.12
N ASP D 56 -62.28 -24.14 16.74
CA ASP D 56 -63.44 -25.00 16.96
C ASP D 56 -63.69 -25.90 15.75
N MET D 57 -62.75 -25.91 14.81
CA MET D 57 -62.91 -26.72 13.61
C MET D 57 -61.92 -27.88 13.50
N VAL D 58 -61.20 -28.18 14.58
CA VAL D 58 -60.21 -29.24 14.57
C VAL D 58 -60.27 -30.22 15.75
N ASP D 59 -59.83 -31.44 15.50
CA ASP D 59 -59.85 -32.49 16.52
C ASP D 59 -58.54 -32.48 17.28
N GLY D 60 -57.51 -31.92 16.63
CA GLY D 60 -56.18 -31.84 17.22
C GLY D 60 -55.48 -30.59 16.75
N LEU D 61 -54.54 -30.09 17.55
CA LEU D 61 -53.80 -28.89 17.23
C LEU D 61 -52.30 -29.09 17.48
N ILE D 62 -51.48 -28.65 16.53
CA ILE D 62 -50.04 -28.75 16.68
C ILE D 62 -49.46 -27.35 16.86
N LEU D 63 -48.72 -27.14 17.95
CA LEU D 63 -48.09 -25.85 18.16
C LEU D 63 -46.67 -26.10 17.65
N PRO D 64 -46.35 -25.57 16.46
CA PRO D 64 -45.06 -25.72 15.78
C PRO D 64 -43.88 -24.99 16.39
N GLY D 65 -42.72 -25.20 15.78
CA GLY D 65 -41.52 -24.53 16.21
C GLY D 65 -41.58 -23.13 15.63
N GLY D 66 -40.78 -22.24 16.18
CA GLY D 66 -40.79 -20.87 15.72
C GLY D 66 -40.34 -20.01 16.88
N GLU D 67 -40.87 -18.80 16.99
CA GLU D 67 -40.49 -17.92 18.08
C GLU D 67 -41.63 -17.78 19.08
N SER D 68 -41.43 -18.32 20.27
CA SER D 68 -42.47 -18.27 21.31
C SER D 68 -42.99 -16.83 21.56
N THR D 69 -42.07 -15.88 21.67
CA THR D 69 -42.44 -14.50 21.92
C THR D 69 -43.36 -13.96 20.82
N THR D 70 -43.12 -14.41 19.59
CA THR D 70 -43.93 -13.98 18.45
C THR D 70 -45.31 -14.60 18.54
N MET D 71 -45.34 -15.91 18.73
CA MET D 71 -46.59 -16.65 18.83
C MET D 71 -47.52 -16.06 19.88
N ILE D 72 -47.01 -15.87 21.10
CA ILE D 72 -47.85 -15.34 22.17
C ILE D 72 -48.37 -13.94 21.87
N ARG D 73 -47.52 -13.10 21.29
CA ARG D 73 -47.92 -11.74 20.94
C ARG D 73 -49.10 -11.74 19.97
N ILE D 74 -48.93 -12.44 18.85
CA ILE D 74 -49.96 -12.52 17.83
C ILE D 74 -51.21 -13.11 18.45
N LEU D 75 -51.02 -14.21 19.19
CA LEU D 75 -52.12 -14.91 19.85
C LEU D 75 -52.98 -13.97 20.70
N LYS D 76 -52.35 -13.06 21.43
CA LYS D 76 -53.08 -12.12 22.26
C LYS D 76 -53.70 -11.01 21.41
N GLU D 77 -52.92 -10.43 20.51
CA GLU D 77 -53.42 -9.37 19.65
C GLU D 77 -54.60 -9.79 18.78
N MET D 78 -54.80 -11.10 18.64
CA MET D 78 -55.91 -11.61 17.84
C MET D 78 -56.97 -12.28 18.69
N ASP D 79 -56.85 -12.13 20.01
CA ASP D 79 -57.80 -12.74 20.93
C ASP D 79 -58.06 -14.21 20.63
N MET D 80 -56.99 -15.01 20.75
CA MET D 80 -57.05 -16.45 20.51
C MET D 80 -56.52 -17.21 21.71
N ASP D 81 -55.70 -16.54 22.51
CA ASP D 81 -55.08 -17.15 23.68
C ASP D 81 -56.07 -17.70 24.71
N GLU D 82 -56.93 -16.85 25.26
CA GLU D 82 -57.89 -17.30 26.25
C GLU D 82 -58.73 -18.45 25.71
N LYS D 83 -59.13 -18.36 24.44
CA LYS D 83 -59.94 -19.41 23.84
C LYS D 83 -59.12 -20.67 23.57
N LEU D 84 -57.83 -20.51 23.35
CA LEU D 84 -56.97 -21.66 23.09
C LEU D 84 -56.85 -22.43 24.41
N VAL D 85 -56.64 -21.69 25.50
CA VAL D 85 -56.51 -22.28 26.82
C VAL D 85 -57.77 -23.06 27.16
N GLU D 86 -58.93 -22.41 27.11
CA GLU D 86 -60.19 -23.08 27.40
C GLU D 86 -60.24 -24.38 26.62
N ARG D 87 -60.27 -24.23 25.31
CA ARG D 87 -60.33 -25.34 24.36
C ARG D 87 -59.43 -26.53 24.75
N ILE D 88 -58.23 -26.23 25.25
CA ILE D 88 -57.28 -27.26 25.65
C ILE D 88 -57.73 -27.93 26.94
N ASN D 89 -58.10 -27.11 27.93
CA ASN D 89 -58.57 -27.64 29.21
C ASN D 89 -59.79 -28.54 29.01
N ASN D 90 -60.56 -28.28 27.96
CA ASN D 90 -61.73 -29.09 27.67
C ASN D 90 -61.25 -30.36 26.96
N GLY D 91 -59.97 -30.65 27.11
CA GLY D 91 -59.40 -31.86 26.54
C GLY D 91 -58.94 -31.91 25.09
N LEU D 92 -58.75 -30.77 24.43
CA LEU D 92 -58.30 -30.78 23.04
C LEU D 92 -56.88 -31.30 22.95
N PRO D 93 -56.65 -32.34 22.14
CA PRO D 93 -55.33 -32.95 21.94
C PRO D 93 -54.35 -31.94 21.30
N VAL D 94 -53.21 -31.73 21.95
CA VAL D 94 -52.21 -30.79 21.49
C VAL D 94 -50.81 -31.41 21.42
N PHE D 95 -50.05 -31.07 20.38
CA PHE D 95 -48.68 -31.57 20.16
C PHE D 95 -47.79 -30.34 20.00
N ALA D 96 -46.83 -30.16 20.90
CA ALA D 96 -45.94 -28.99 20.85
C ALA D 96 -44.47 -29.32 20.67
N THR D 97 -43.84 -28.63 19.74
CA THR D 97 -42.43 -28.84 19.48
C THR D 97 -41.61 -27.57 19.73
N CYS D 98 -40.66 -27.66 20.66
CA CYS D 98 -39.78 -26.54 21.03
C CYS D 98 -40.55 -25.30 21.52
N ALA D 99 -40.85 -24.41 20.60
CA ALA D 99 -41.56 -23.18 20.93
C ALA D 99 -42.91 -23.48 21.58
N GLY D 100 -43.58 -24.52 21.08
CA GLY D 100 -44.87 -24.90 21.64
C GLY D 100 -44.77 -25.19 23.13
N VAL D 101 -43.75 -25.93 23.53
CA VAL D 101 -43.56 -26.25 24.94
C VAL D 101 -43.49 -24.97 25.76
N ILE D 102 -42.63 -24.04 25.35
CA ILE D 102 -42.47 -22.77 26.06
C ILE D 102 -43.78 -22.01 26.13
N LEU D 103 -44.58 -22.16 25.10
CA LEU D 103 -45.87 -21.50 25.00
C LEU D 103 -46.86 -22.05 26.03
N LEU D 104 -46.90 -23.38 26.15
CA LEU D 104 -47.80 -24.06 27.09
C LEU D 104 -47.35 -24.04 28.55
N ALA D 105 -46.04 -24.07 28.78
CA ALA D 105 -45.47 -24.09 30.13
C ALA D 105 -46.16 -23.19 31.15
N LYS D 106 -46.19 -23.64 32.41
CA LYS D 106 -46.79 -22.86 33.48
C LYS D 106 -45.76 -21.93 34.10
N ARG D 107 -44.51 -22.39 34.11
CA ARG D 107 -43.40 -21.63 34.68
C ARG D 107 -42.23 -21.53 33.72
N ILE D 108 -41.63 -20.35 33.65
CA ILE D 108 -40.48 -20.10 32.79
C ILE D 108 -39.44 -19.30 33.57
N LYS D 109 -38.24 -19.86 33.74
CA LYS D 109 -37.19 -19.16 34.46
C LYS D 109 -36.66 -17.94 33.72
N GLN D 113 -41.99 -13.30 30.75
CA GLN D 113 -42.55 -13.71 29.46
C GLN D 113 -43.97 -14.27 29.58
N GLU D 114 -44.86 -13.82 28.69
CA GLU D 114 -46.25 -14.28 28.68
C GLU D 114 -46.32 -15.71 28.18
N LYS D 115 -47.38 -16.43 28.54
CA LYS D 115 -47.56 -17.83 28.12
C LYS D 115 -49.00 -18.28 28.35
N LEU D 116 -49.35 -19.42 27.77
CA LEU D 116 -50.70 -19.97 27.92
C LEU D 116 -50.89 -20.60 29.30
N GLY D 117 -49.79 -21.05 29.89
CA GLY D 117 -49.81 -21.66 31.21
C GLY D 117 -50.77 -22.80 31.48
N VAL D 118 -50.59 -23.92 30.79
CA VAL D 118 -51.46 -25.07 31.00
C VAL D 118 -50.68 -26.36 31.24
N LEU D 119 -49.46 -26.44 30.73
CA LEU D 119 -48.64 -27.63 30.92
C LEU D 119 -47.91 -27.46 32.24
N ASP D 120 -48.16 -28.38 33.18
CA ASP D 120 -47.55 -28.32 34.50
C ASP D 120 -46.07 -28.69 34.51
N ILE D 121 -45.23 -27.78 34.01
CA ILE D 121 -43.78 -27.97 33.97
C ILE D 121 -43.09 -26.61 34.07
N THR D 122 -41.78 -26.63 34.33
CA THR D 122 -40.97 -25.41 34.41
C THR D 122 -39.91 -25.52 33.33
N VAL D 123 -39.81 -24.53 32.45
CA VAL D 123 -38.82 -24.58 31.38
C VAL D 123 -37.78 -23.45 31.41
N GLU D 124 -36.61 -23.78 30.90
CA GLU D 124 -35.51 -22.84 30.83
C GLU D 124 -35.23 -22.63 29.34
N ARG D 125 -35.37 -21.39 28.87
CA ARG D 125 -35.15 -21.06 27.46
C ARG D 125 -33.69 -21.02 27.06
N ASN D 126 -33.40 -21.32 25.78
CA ASN D 126 -32.03 -21.29 25.27
C ASN D 126 -31.10 -21.95 26.28
N ALA D 127 -31.52 -23.07 26.83
CA ALA D 127 -30.75 -23.79 27.82
C ALA D 127 -29.41 -24.36 27.37
N TYR D 128 -29.22 -24.58 26.08
CA TYR D 128 -27.96 -25.14 25.60
C TYR D 128 -26.99 -24.12 25.04
N GLY D 129 -27.44 -22.88 24.93
CA GLY D 129 -26.58 -21.82 24.40
C GLY D 129 -27.15 -21.26 23.11
N ARG D 130 -26.30 -20.55 22.35
CA ARG D 130 -26.69 -19.94 21.08
C ARG D 130 -26.88 -20.98 19.97
N GLN D 131 -27.24 -20.51 18.78
CA GLN D 131 -27.47 -21.40 17.65
C GLN D 131 -26.29 -22.29 17.31
N VAL D 132 -25.07 -21.81 17.54
CA VAL D 132 -23.89 -22.62 17.23
C VAL D 132 -23.86 -23.87 18.09
N GLU D 133 -24.60 -23.82 19.20
CA GLU D 133 -24.70 -24.94 20.14
C GLU D 133 -25.71 -25.99 19.71
N SER D 134 -26.58 -25.64 18.76
CA SER D 134 -27.60 -26.57 18.28
C SER D 134 -26.95 -27.88 17.87
N PHE D 135 -27.58 -28.98 18.25
CA PHE D 135 -27.06 -30.31 17.99
C PHE D 135 -28.15 -31.34 17.65
N GLU D 136 -27.73 -32.45 17.07
CA GLU D 136 -28.64 -33.53 16.74
C GLU D 136 -28.06 -34.81 17.33
N THR D 137 -28.89 -35.57 18.02
CA THR D 137 -28.46 -36.82 18.64
C THR D 137 -29.60 -37.82 18.60
N PHE D 138 -29.28 -39.10 18.74
CA PHE D 138 -30.32 -40.11 18.75
C PHE D 138 -30.82 -40.30 20.18
N VAL D 139 -32.14 -40.29 20.33
CA VAL D 139 -32.76 -40.44 21.64
C VAL D 139 -33.66 -41.67 21.62
N GLU D 140 -33.81 -42.32 22.76
CA GLU D 140 -34.65 -43.51 22.84
C GLU D 140 -36.03 -43.18 23.39
N ILE D 141 -37.04 -43.42 22.56
CA ILE D 141 -38.42 -43.18 22.92
C ILE D 141 -39.10 -44.54 22.87
N PRO D 142 -39.02 -45.30 23.96
CA PRO D 142 -39.60 -46.63 24.05
C PRO D 142 -41.01 -46.70 23.49
N ALA D 143 -41.86 -45.78 23.93
CA ALA D 143 -43.25 -45.74 23.51
C ALA D 143 -43.52 -45.82 22.01
N VAL D 144 -42.52 -45.57 21.17
CA VAL D 144 -42.75 -45.61 19.73
C VAL D 144 -41.93 -46.65 18.96
N GLY D 145 -41.16 -47.45 19.68
CA GLY D 145 -40.36 -48.45 18.99
C GLY D 145 -38.98 -48.64 19.59
N LYS D 146 -38.30 -49.70 19.14
CA LYS D 146 -36.97 -49.98 19.64
C LYS D 146 -35.93 -49.09 18.97
N ASP D 147 -36.16 -48.79 17.69
CA ASP D 147 -35.25 -47.93 16.92
C ASP D 147 -35.23 -46.54 17.52
N PRO D 148 -34.03 -46.03 17.84
CA PRO D 148 -33.90 -44.69 18.43
C PRO D 148 -34.46 -43.62 17.50
N PHE D 149 -34.81 -42.47 18.06
CA PHE D 149 -35.37 -41.37 17.28
C PHE D 149 -34.31 -40.30 17.07
N ARG D 150 -34.28 -39.73 15.86
CA ARG D 150 -33.31 -38.68 15.56
C ARG D 150 -33.80 -37.35 16.11
N ALA D 151 -33.21 -36.92 17.23
CA ALA D 151 -33.60 -35.67 17.86
C ALA D 151 -32.74 -34.48 17.47
N ILE D 152 -33.37 -33.48 16.86
CA ILE D 152 -32.67 -32.27 16.42
C ILE D 152 -33.01 -31.06 17.30
N PHE D 153 -32.14 -30.75 18.25
CA PHE D 153 -32.35 -29.63 19.17
C PHE D 153 -31.72 -28.34 18.65
N ILE D 154 -32.56 -27.37 18.29
CA ILE D 154 -32.09 -26.08 17.77
C ILE D 154 -32.43 -24.97 18.75
N ARG D 155 -31.43 -24.43 19.44
CA ARG D 155 -31.66 -23.39 20.45
C ARG D 155 -32.81 -23.88 21.32
N ALA D 156 -32.75 -25.16 21.67
CA ALA D 156 -33.79 -25.79 22.46
C ALA D 156 -33.87 -25.35 23.90
N PRO D 157 -35.04 -25.55 24.52
CA PRO D 157 -35.29 -25.19 25.92
C PRO D 157 -35.10 -26.46 26.74
N ARG D 158 -34.92 -26.31 28.04
CA ARG D 158 -34.76 -27.48 28.89
C ARG D 158 -35.93 -27.52 29.85
N ILE D 159 -36.43 -28.73 30.12
CA ILE D 159 -37.51 -28.90 31.07
C ILE D 159 -36.84 -29.21 32.40
N VAL D 160 -36.76 -28.19 33.25
CA VAL D 160 -36.12 -28.29 34.55
C VAL D 160 -36.99 -28.85 35.68
N GLU D 161 -38.27 -29.09 35.42
CA GLU D 161 -39.14 -29.60 36.47
C GLU D 161 -40.48 -30.05 35.90
N THR D 162 -40.82 -31.33 36.12
CA THR D 162 -42.09 -31.87 35.64
C THR D 162 -43.09 -32.00 36.80
N GLY D 163 -44.37 -31.78 36.50
CA GLY D 163 -45.40 -31.86 37.52
C GLY D 163 -45.86 -33.26 37.89
N LYS D 164 -46.94 -33.30 38.66
CA LYS D 164 -47.56 -34.50 39.18
C LYS D 164 -48.10 -35.47 38.13
N ASN D 165 -48.89 -34.97 37.20
CA ASN D 165 -49.47 -35.82 36.17
C ASN D 165 -48.65 -35.86 34.89
N VAL D 166 -47.54 -35.13 34.88
CA VAL D 166 -46.67 -35.09 33.72
C VAL D 166 -45.92 -36.39 33.54
N GLU D 167 -46.25 -37.13 32.50
CA GLU D 167 -45.58 -38.39 32.22
C GLU D 167 -44.36 -38.15 31.32
N ILE D 168 -43.24 -38.77 31.65
CA ILE D 168 -42.00 -38.62 30.89
C ILE D 168 -41.79 -39.75 29.88
N LEU D 169 -41.95 -39.45 28.60
CA LEU D 169 -41.81 -40.46 27.55
C LEU D 169 -40.41 -40.69 26.99
N ALA D 170 -39.47 -39.81 27.33
CA ALA D 170 -38.09 -39.93 26.84
C ALA D 170 -37.21 -38.83 27.38
N THR D 171 -35.94 -39.13 27.61
CA THR D 171 -35.03 -38.12 28.14
C THR D 171 -33.65 -38.22 27.51
N TYR D 172 -32.92 -37.12 27.59
CA TYR D 172 -31.58 -37.00 27.06
C TYR D 172 -30.71 -36.30 28.10
N ASP D 173 -29.63 -36.95 28.49
CA ASP D 173 -28.69 -36.42 29.49
C ASP D 173 -29.34 -35.81 30.75
N TYR D 174 -30.15 -36.62 31.43
CA TYR D 174 -30.84 -36.23 32.67
C TYR D 174 -32.02 -35.28 32.50
N ASP D 175 -32.32 -34.90 31.26
CA ASP D 175 -33.43 -33.98 31.03
C ASP D 175 -34.57 -34.57 30.24
N PRO D 176 -35.81 -34.29 30.66
CA PRO D 176 -36.99 -34.80 29.95
C PRO D 176 -37.05 -34.04 28.64
N VAL D 177 -37.08 -34.77 27.54
CA VAL D 177 -37.16 -34.10 26.24
C VAL D 177 -38.48 -34.39 25.55
N LEU D 178 -39.27 -35.28 26.14
CA LEU D 178 -40.59 -35.64 25.60
C LEU D 178 -41.53 -36.00 26.75
N VAL D 179 -42.47 -35.11 27.03
CA VAL D 179 -43.42 -35.34 28.11
C VAL D 179 -44.87 -35.44 27.62
N LYS D 180 -45.72 -35.95 28.49
CA LYS D 180 -47.14 -36.13 28.20
C LYS D 180 -48.00 -35.92 29.45
N GLU D 181 -48.87 -34.91 29.41
CA GLU D 181 -49.74 -34.62 30.54
C GLU D 181 -51.16 -34.46 30.02
N GLY D 182 -51.97 -35.49 30.18
CA GLY D 182 -53.33 -35.40 29.70
C GLY D 182 -53.29 -35.57 28.21
N ASN D 183 -54.04 -34.75 27.48
CA ASN D 183 -54.05 -34.87 26.03
C ASN D 183 -53.05 -33.96 25.35
N ILE D 184 -52.02 -33.58 26.11
CA ILE D 184 -50.95 -32.73 25.59
C ILE D 184 -49.68 -33.56 25.43
N LEU D 185 -49.01 -33.40 24.30
CA LEU D 185 -47.76 -34.10 24.02
C LEU D 185 -46.74 -33.01 23.66
N ALA D 186 -45.70 -32.87 24.47
CA ALA D 186 -44.72 -31.83 24.20
C ALA D 186 -43.28 -32.35 24.21
N CYS D 187 -42.48 -31.90 23.24
CA CYS D 187 -41.07 -32.30 23.18
C CYS D 187 -40.23 -31.07 22.90
N THR D 188 -38.96 -31.10 23.29
CA THR D 188 -38.07 -29.96 23.10
C THR D 188 -37.28 -30.01 21.80
N PHE D 189 -37.52 -31.03 20.98
CA PHE D 189 -36.80 -31.12 19.72
C PHE D 189 -37.74 -31.00 18.51
N HIS D 190 -37.20 -31.17 17.30
CA HIS D 190 -38.00 -31.02 16.08
C HIS D 190 -38.14 -32.26 15.23
N PRO D 191 -39.14 -33.09 15.54
CA PRO D 191 -39.35 -34.32 14.77
C PRO D 191 -39.75 -34.05 13.31
N GLU D 192 -40.40 -32.90 13.09
CA GLU D 192 -40.84 -32.52 11.76
C GLU D 192 -39.70 -32.25 10.80
N LEU D 193 -38.49 -32.05 11.32
CA LEU D 193 -37.34 -31.79 10.45
C LEU D 193 -36.73 -33.09 9.95
N THR D 194 -37.19 -34.21 10.50
CA THR D 194 -36.69 -35.53 10.11
C THR D 194 -37.78 -36.24 9.32
N ASP D 195 -37.48 -37.46 8.86
CA ASP D 195 -38.47 -38.22 8.11
C ASP D 195 -39.13 -39.27 8.99
N ASP D 196 -38.96 -39.13 10.30
CA ASP D 196 -39.54 -40.08 11.23
C ASP D 196 -40.95 -39.62 11.60
N LEU D 197 -41.96 -40.30 11.07
CA LEU D 197 -43.34 -39.94 11.36
C LEU D 197 -43.87 -40.54 12.65
N ARG D 198 -43.04 -41.37 13.29
CA ARG D 198 -43.43 -42.03 14.54
C ARG D 198 -44.03 -41.16 15.63
N LEU D 199 -43.39 -40.04 15.97
CA LEU D 199 -43.95 -39.20 17.01
C LEU D 199 -45.26 -38.54 16.58
N HIS D 200 -45.46 -38.40 15.27
CA HIS D 200 -46.70 -37.82 14.79
C HIS D 200 -47.84 -38.83 14.86
N ARG D 201 -47.56 -40.11 14.61
CA ARG D 201 -48.59 -41.13 14.70
C ARG D 201 -49.06 -41.16 16.13
N TYR D 202 -48.10 -41.32 17.03
CA TYR D 202 -48.39 -41.37 18.45
C TYR D 202 -49.33 -40.24 18.88
N PHE D 203 -49.26 -39.11 18.18
CA PHE D 203 -50.13 -37.99 18.52
C PHE D 203 -51.53 -38.27 18.01
N LEU D 204 -51.63 -38.69 16.76
CA LEU D 204 -52.94 -38.98 16.17
C LEU D 204 -53.63 -40.09 16.95
N GLU D 205 -52.82 -40.97 17.53
CA GLU D 205 -53.34 -42.08 18.33
C GLU D 205 -54.04 -41.50 19.56
N MET D 206 -53.72 -40.24 19.88
CA MET D 206 -54.31 -39.55 21.01
C MET D 206 -55.62 -38.86 20.64
N VAL D 207 -56.06 -39.07 19.42
CA VAL D 207 -57.29 -38.46 18.94
C VAL D 207 -58.35 -39.53 18.60
N MET E 21 11.61 -37.37 18.70
CA MET E 21 12.15 -36.01 18.98
C MET E 21 11.45 -34.92 18.17
N LYS E 22 10.87 -33.96 18.89
CA LYS E 22 10.13 -32.86 18.28
C LYS E 22 10.68 -31.51 18.69
N ILE E 23 11.25 -30.78 17.73
CA ILE E 23 11.81 -29.45 18.00
C ILE E 23 10.84 -28.33 17.65
N GLY E 24 10.73 -27.36 18.54
CA GLY E 24 9.82 -26.26 18.30
C GLY E 24 10.50 -25.00 17.83
N VAL E 25 9.78 -24.23 17.02
CA VAL E 25 10.29 -22.97 16.52
C VAL E 25 9.29 -21.92 17.00
N LEU E 26 9.72 -21.00 17.86
CA LEU E 26 8.85 -19.96 18.38
C LEU E 26 8.38 -19.18 17.17
N GLY E 27 7.06 -19.10 16.98
CA GLY E 27 6.55 -18.40 15.81
C GLY E 27 5.62 -17.22 16.00
N VAL E 28 5.95 -16.34 16.93
CA VAL E 28 5.10 -15.16 17.12
C VAL E 28 5.41 -14.15 16.03
N GLN E 29 6.63 -14.20 15.50
CA GLN E 29 7.08 -13.30 14.45
C GLN E 29 8.51 -13.71 14.09
N GLY E 30 8.91 -13.53 12.83
CA GLY E 30 10.27 -13.88 12.44
C GLY E 30 10.39 -14.83 11.27
N ASP E 31 11.62 -15.20 10.93
CA ASP E 31 11.87 -16.11 9.80
C ASP E 31 11.66 -17.56 10.20
N VAL E 32 10.46 -17.84 10.68
CA VAL E 32 10.11 -19.19 11.11
C VAL E 32 10.30 -20.24 10.03
N ARG E 33 9.95 -19.93 8.79
CA ARG E 33 10.08 -20.91 7.70
C ARG E 33 11.51 -21.37 7.51
N GLU E 34 12.44 -20.43 7.41
CA GLU E 34 13.84 -20.73 7.22
C GLU E 34 14.34 -21.80 8.20
N HIS E 35 13.97 -21.65 9.47
CA HIS E 35 14.40 -22.61 10.49
C HIS E 35 13.70 -23.94 10.37
N VAL E 36 12.39 -23.87 10.19
CA VAL E 36 11.61 -25.08 10.03
C VAL E 36 12.15 -25.91 8.87
N GLU E 37 12.55 -25.23 7.80
CA GLU E 37 13.08 -25.94 6.65
C GLU E 37 14.43 -26.57 6.92
N ALA E 38 15.22 -25.94 7.79
CA ALA E 38 16.53 -26.47 8.14
C ALA E 38 16.35 -27.74 8.93
N LEU E 39 15.48 -27.69 9.94
CA LEU E 39 15.20 -28.84 10.78
C LEU E 39 14.67 -30.01 9.97
N HIS E 40 13.88 -29.72 8.95
CA HIS E 40 13.32 -30.78 8.11
C HIS E 40 14.41 -31.43 7.28
N LYS E 41 15.42 -30.67 6.93
CA LYS E 41 16.52 -31.24 6.17
C LYS E 41 17.24 -32.24 7.08
N LEU E 42 17.28 -31.94 8.39
CA LEU E 42 17.91 -32.82 9.36
C LEU E 42 16.96 -33.94 9.79
N GLY E 43 15.83 -34.04 9.09
CA GLY E 43 14.86 -35.08 9.38
C GLY E 43 14.09 -35.08 10.69
N VAL E 44 14.21 -34.03 11.50
CA VAL E 44 13.47 -34.00 12.77
C VAL E 44 12.07 -33.45 12.56
N GLU E 45 11.14 -33.76 13.47
CA GLU E 45 9.79 -33.24 13.34
C GLU E 45 9.76 -31.86 14.00
N THR E 46 8.93 -30.96 13.47
CA THR E 46 8.85 -29.60 14.02
C THR E 46 7.46 -29.16 14.42
N LEU E 47 7.40 -28.11 15.23
CA LEU E 47 6.14 -27.54 15.68
C LEU E 47 6.32 -26.05 15.89
N ILE E 48 5.50 -25.25 15.21
CA ILE E 48 5.58 -23.80 15.39
C ILE E 48 4.86 -23.45 16.68
N VAL E 49 5.60 -22.86 17.61
CA VAL E 49 5.07 -22.51 18.92
C VAL E 49 4.52 -21.10 19.02
N LYS E 50 3.18 -21.00 19.06
CA LYS E 50 2.50 -19.71 19.17
C LYS E 50 1.80 -19.51 20.52
N LEU E 51 1.28 -20.60 21.09
CA LEU E 51 0.58 -20.55 22.36
C LEU E 51 1.40 -21.15 23.52
N PRO E 52 1.20 -20.66 24.75
CA PRO E 52 1.92 -21.15 25.93
C PRO E 52 1.92 -22.66 26.08
N GLU E 53 0.73 -23.23 26.01
CA GLU E 53 0.53 -24.67 26.12
C GLU E 53 1.35 -25.49 25.13
N GLN E 54 1.98 -24.85 24.15
CA GLN E 54 2.77 -25.58 23.18
C GLN E 54 4.24 -25.71 23.61
N LEU E 55 4.62 -24.94 24.61
CA LEU E 55 5.99 -24.95 25.10
C LEU E 55 6.28 -26.26 25.81
N ASP E 56 5.23 -26.92 26.28
CA ASP E 56 5.39 -28.17 26.98
C ASP E 56 5.31 -29.36 26.02
N MET E 57 5.31 -29.07 24.73
CA MET E 57 5.20 -30.12 23.72
C MET E 57 6.46 -30.32 22.87
N VAL E 58 7.56 -29.70 23.29
CA VAL E 58 8.80 -29.80 22.54
C VAL E 58 10.05 -30.12 23.37
N ASP E 59 11.01 -30.76 22.73
CA ASP E 59 12.26 -31.15 23.39
C ASP E 59 13.29 -30.03 23.24
N GLY E 60 13.08 -29.21 22.21
CA GLY E 60 13.98 -28.10 21.95
C GLY E 60 13.19 -26.94 21.36
N LEU E 61 13.70 -25.73 21.52
CA LEU E 61 13.06 -24.54 21.01
C LEU E 61 14.06 -23.62 20.31
N ILE E 62 13.68 -23.10 19.15
CA ILE E 62 14.55 -22.19 18.41
C ILE E 62 13.92 -20.81 18.47
N LEU E 63 14.69 -19.81 18.90
CA LEU E 63 14.20 -18.43 18.93
C LEU E 63 14.83 -17.86 17.66
N PRO E 64 14.01 -17.70 16.60
CA PRO E 64 14.44 -17.20 15.29
C PRO E 64 14.79 -15.73 15.21
N GLY E 65 15.23 -15.34 14.02
CA GLY E 65 15.55 -13.95 13.76
C GLY E 65 14.23 -13.23 13.56
N GLY E 66 14.27 -11.91 13.65
CA GLY E 66 13.06 -11.11 13.51
C GLY E 66 13.26 -9.87 14.32
N GLU E 67 12.19 -9.33 14.88
CA GLU E 67 12.30 -8.13 15.69
C GLU E 67 12.13 -8.44 17.17
N SER E 68 13.20 -8.28 17.93
CA SER E 68 13.16 -8.56 19.37
C SER E 68 12.03 -7.83 20.09
N THR E 69 11.85 -6.55 19.79
CA THR E 69 10.80 -5.76 20.44
C THR E 69 9.42 -6.36 20.16
N THR E 70 9.24 -6.91 18.96
CA THR E 70 7.97 -7.52 18.58
C THR E 70 7.77 -8.80 19.35
N MET E 71 8.79 -9.65 19.33
CA MET E 71 8.74 -10.93 20.01
C MET E 71 8.39 -10.77 21.50
N ILE E 72 9.10 -9.90 22.20
CA ILE E 72 8.84 -9.73 23.62
C ILE E 72 7.43 -9.21 23.91
N ARG E 73 6.96 -8.28 23.09
CA ARG E 73 5.62 -7.73 23.25
C ARG E 73 4.55 -8.80 23.15
N ILE E 74 4.59 -9.56 22.04
CA ILE E 74 3.62 -10.63 21.81
C ILE E 74 3.73 -11.64 22.93
N LEU E 75 4.96 -12.04 23.24
CA LEU E 75 5.26 -12.99 24.30
C LEU E 75 4.59 -12.63 25.63
N LYS E 76 4.63 -11.35 25.99
CA LYS E 76 4.00 -10.89 27.23
C LYS E 76 2.49 -10.81 27.08
N GLU E 77 2.01 -10.23 25.98
CA GLU E 77 0.58 -10.09 25.74
C GLU E 77 -0.14 -11.45 25.68
N MET E 78 0.61 -12.52 25.48
CA MET E 78 0.02 -13.83 25.40
C MET E 78 0.40 -14.70 26.59
N ASP E 79 1.00 -14.09 27.60
CA ASP E 79 1.42 -14.80 28.80
C ASP E 79 2.21 -16.07 28.48
N MET E 80 3.35 -15.90 27.83
CA MET E 80 4.22 -17.00 27.45
C MET E 80 5.62 -16.78 27.99
N ASP E 81 5.96 -15.52 28.26
CA ASP E 81 7.28 -15.15 28.74
C ASP E 81 7.70 -15.83 30.06
N GLU E 82 6.94 -15.61 31.13
CA GLU E 82 7.27 -16.21 32.40
C GLU E 82 7.40 -17.73 32.29
N LYS E 83 6.50 -18.34 31.53
CA LYS E 83 6.56 -19.79 31.34
C LYS E 83 7.73 -20.20 30.46
N LEU E 84 8.15 -19.33 29.55
CA LEU E 84 9.25 -19.67 28.67
C LEU E 84 10.51 -19.67 29.53
N VAL E 85 10.62 -18.67 30.39
CA VAL E 85 11.77 -18.54 31.29
C VAL E 85 11.88 -19.79 32.16
N GLU E 86 10.82 -20.10 32.90
CA GLU E 86 10.82 -21.28 33.77
C GLU E 86 11.32 -22.47 32.97
N ARG E 87 10.56 -22.81 31.95
CA ARG E 87 10.84 -23.93 31.06
C ARG E 87 12.32 -24.03 30.66
N ILE E 88 12.95 -22.88 30.42
CA ILE E 88 14.36 -22.84 30.02
C ILE E 88 15.25 -23.15 31.21
N ASN E 89 14.97 -22.51 32.35
CA ASN E 89 15.76 -22.75 33.56
C ASN E 89 15.68 -24.21 33.98
N ASN E 90 14.60 -24.88 33.61
CA ASN E 90 14.46 -26.30 33.94
C ASN E 90 15.24 -27.10 32.91
N GLY E 91 16.17 -26.43 32.23
CA GLY E 91 17.02 -27.08 31.24
C GLY E 91 16.56 -27.29 29.81
N LEU E 92 15.51 -26.60 29.37
CA LEU E 92 15.06 -26.78 27.98
C LEU E 92 16.09 -26.25 27.00
N PRO E 93 16.55 -27.10 26.07
CA PRO E 93 17.54 -26.72 25.05
C PRO E 93 16.99 -25.62 24.13
N VAL E 94 17.74 -24.53 24.00
CA VAL E 94 17.32 -23.39 23.18
C VAL E 94 18.42 -22.92 22.24
N PHE E 95 18.04 -22.57 21.02
CA PHE E 95 18.97 -22.08 19.99
C PHE E 95 18.46 -20.72 19.51
N ALA E 96 19.25 -19.68 19.70
CA ALA E 96 18.83 -18.34 19.32
C ALA E 96 19.72 -17.66 18.29
N THR E 97 19.07 -17.09 17.28
CA THR E 97 19.80 -16.40 16.23
C THR E 97 19.42 -14.91 16.16
N CYS E 98 20.42 -14.05 16.34
CA CYS E 98 20.26 -12.60 16.31
C CYS E 98 19.23 -12.08 17.34
N ALA E 99 17.97 -11.97 16.91
CA ALA E 99 16.91 -11.48 17.78
C ALA E 99 16.80 -12.34 19.04
N GLY E 100 16.96 -13.65 18.87
CA GLY E 100 16.86 -14.55 20.00
C GLY E 100 17.85 -14.17 21.09
N VAL E 101 19.08 -13.89 20.70
CA VAL E 101 20.09 -13.52 21.66
C VAL E 101 19.64 -12.32 22.48
N ILE E 102 19.21 -11.26 21.80
CA ILE E 102 18.74 -10.06 22.49
C ILE E 102 17.58 -10.36 23.41
N LEU E 103 16.79 -11.34 23.02
CA LEU E 103 15.63 -11.75 23.79
C LEU E 103 16.04 -12.43 25.10
N LEU E 104 17.02 -13.32 25.02
CA LEU E 104 17.52 -14.05 26.18
C LEU E 104 18.45 -13.26 27.10
N ALA E 105 19.23 -12.35 26.52
CA ALA E 105 20.20 -11.55 27.27
C ALA E 105 19.72 -11.03 28.62
N LYS E 106 20.66 -10.93 29.57
CA LYS E 106 20.33 -10.42 30.90
C LYS E 106 20.50 -8.92 30.94
N ARG E 107 21.45 -8.42 30.16
CA ARG E 107 21.73 -6.99 30.10
C ARG E 107 21.77 -6.49 28.65
N ILE E 108 21.18 -5.31 28.43
CA ILE E 108 21.16 -4.69 27.12
C ILE E 108 21.50 -3.21 27.29
N LYS E 109 22.61 -2.75 26.72
CA LYS E 109 22.98 -1.35 26.85
C LYS E 109 22.35 -0.44 25.78
N GLN E 113 14.70 -1.95 27.56
CA GLN E 113 14.04 -2.94 26.72
C GLN E 113 13.73 -4.26 27.44
N GLU E 114 12.45 -4.63 27.49
CA GLU E 114 12.02 -5.86 28.14
C GLU E 114 12.72 -7.05 27.51
N LYS E 115 13.02 -8.06 28.31
CA LYS E 115 13.72 -9.26 27.83
C LYS E 115 13.43 -10.43 28.77
N LEU E 116 13.79 -11.64 28.34
CA LEU E 116 13.58 -12.83 29.16
C LEU E 116 14.62 -12.92 30.27
N GLY E 117 15.78 -12.32 30.04
CA GLY E 117 16.86 -12.31 31.01
C GLY E 117 17.32 -13.63 31.60
N VAL E 118 17.87 -14.51 30.76
CA VAL E 118 18.35 -15.78 31.25
C VAL E 118 19.77 -16.09 30.81
N LEU E 119 20.18 -15.53 29.67
CA LEU E 119 21.54 -15.76 29.18
C LEU E 119 22.45 -14.73 29.84
N ASP E 120 23.43 -15.21 30.59
CA ASP E 120 24.34 -14.33 31.31
C ASP E 120 25.34 -13.62 30.40
N ILE E 121 24.86 -12.63 29.65
CA ILE E 121 25.70 -11.83 28.75
C ILE E 121 25.14 -10.41 28.63
N THR E 122 25.93 -9.49 28.09
CA THR E 122 25.50 -8.12 27.89
C THR E 122 25.57 -7.84 26.39
N VAL E 123 24.47 -7.40 25.78
CA VAL E 123 24.48 -7.15 24.35
C VAL E 123 24.21 -5.71 23.95
N GLU E 124 24.76 -5.34 22.81
CA GLU E 124 24.61 -4.00 22.25
C GLU E 124 23.87 -4.18 20.93
N ARG E 125 22.67 -3.59 20.83
CA ARG E 125 21.86 -3.70 19.62
C ARG E 125 22.37 -2.85 18.45
N ASN E 126 22.07 -3.29 17.23
CA ASN E 126 22.48 -2.55 16.04
C ASN E 126 23.91 -2.06 16.20
N ALA E 127 24.77 -2.92 16.71
CA ALA E 127 26.17 -2.58 16.95
C ALA E 127 27.02 -2.27 15.71
N TYR E 128 26.63 -2.73 14.53
CA TYR E 128 27.42 -2.46 13.35
C TYR E 128 26.89 -1.31 12.49
N GLY E 129 25.72 -0.78 12.85
CA GLY E 129 25.14 0.30 12.07
C GLY E 129 23.81 -0.10 11.46
N ARG E 130 23.37 0.66 10.47
CA ARG E 130 22.09 0.41 9.79
C ARG E 130 22.18 -0.79 8.86
N GLN E 131 21.07 -1.09 8.17
CA GLN E 131 21.03 -2.23 7.25
C GLN E 131 22.09 -2.19 6.16
N VAL E 132 22.46 -1.00 5.71
CA VAL E 132 23.46 -0.90 4.67
C VAL E 132 24.80 -1.45 5.16
N GLU E 133 24.94 -1.54 6.48
CA GLU E 133 26.16 -2.05 7.11
C GLU E 133 26.18 -3.57 7.19
N SER E 134 25.04 -4.20 6.98
CA SER E 134 24.96 -5.66 7.03
C SER E 134 26.00 -6.27 6.12
N PHE E 135 26.65 -7.31 6.62
CA PHE E 135 27.74 -7.98 5.93
C PHE E 135 27.76 -9.49 6.12
N GLU E 136 28.46 -10.17 5.23
CA GLU E 136 28.61 -11.61 5.34
C GLU E 136 30.11 -11.91 5.28
N THR E 137 30.58 -12.75 6.19
CA THR E 137 31.99 -13.12 6.24
C THR E 137 32.12 -14.56 6.71
N PHE E 138 33.26 -15.18 6.45
CA PHE E 138 33.46 -16.54 6.91
C PHE E 138 34.06 -16.53 8.30
N VAL E 139 33.47 -17.30 9.20
CA VAL E 139 33.92 -17.38 10.57
C VAL E 139 34.33 -18.82 10.88
N GLU E 140 35.30 -18.98 11.79
CA GLU E 140 35.76 -20.31 12.15
C GLU E 140 35.10 -20.78 13.43
N ILE E 141 34.37 -21.88 13.33
CA ILE E 141 33.70 -22.47 14.46
C ILE E 141 34.30 -23.87 14.59
N PRO E 142 35.44 -23.98 15.30
CA PRO E 142 36.13 -25.25 15.50
C PRO E 142 35.21 -26.39 15.87
N ALA E 143 34.34 -26.15 16.85
CA ALA E 143 33.43 -27.17 17.32
C ALA E 143 32.58 -27.89 16.26
N VAL E 144 32.48 -27.35 15.04
CA VAL E 144 31.68 -28.02 14.03
C VAL E 144 32.43 -28.45 12.77
N GLY E 145 33.75 -28.28 12.77
CA GLY E 145 34.53 -28.67 11.60
C GLY E 145 35.65 -27.72 11.26
N LYS E 146 36.52 -28.15 10.34
CA LYS E 146 37.63 -27.31 9.92
C LYS E 146 37.17 -26.26 8.92
N ASP E 147 36.20 -26.62 8.08
CA ASP E 147 35.66 -25.70 7.07
C ASP E 147 34.98 -24.54 7.75
N PRO E 148 35.37 -23.30 7.39
CA PRO E 148 34.78 -22.10 7.99
C PRO E 148 33.27 -22.04 7.74
N PHE E 149 32.56 -21.28 8.57
CA PHE E 149 31.11 -21.16 8.43
C PHE E 149 30.78 -19.82 7.82
N ARG E 150 29.78 -19.80 6.94
CA ARG E 150 29.37 -18.56 6.29
C ARG E 150 28.45 -17.77 7.22
N ALA E 151 28.99 -16.73 7.84
CA ALA E 151 28.24 -15.91 8.77
C ALA E 151 27.62 -14.67 8.13
N ILE E 152 26.28 -14.60 8.17
CA ILE E 152 25.56 -13.47 7.61
C ILE E 152 24.97 -12.56 8.69
N PHE E 153 25.66 -11.46 8.99
CA PHE E 153 25.21 -10.53 10.03
C PHE E 153 24.35 -9.41 9.46
N ILE E 154 23.07 -9.40 9.83
CA ILE E 154 22.12 -8.40 9.33
C ILE E 154 21.64 -7.53 10.48
N ARG E 155 22.10 -6.28 10.52
CA ARG E 155 21.75 -5.38 11.62
C ARG E 155 21.96 -6.18 12.91
N ALA E 156 23.08 -6.88 12.96
CA ALA E 156 23.42 -7.73 14.09
C ALA E 156 23.78 -6.99 15.36
N PRO E 157 23.64 -7.69 16.51
CA PRO E 157 23.96 -7.13 17.82
C PRO E 157 25.36 -7.59 18.17
N ARG E 158 25.98 -6.93 19.13
CA ARG E 158 27.32 -7.34 19.54
C ARG E 158 27.26 -7.81 20.99
N ILE E 159 28.00 -8.87 21.30
CA ILE E 159 28.04 -9.38 22.66
C ILE E 159 29.27 -8.71 23.30
N VAL E 160 28.99 -7.69 24.10
CA VAL E 160 30.03 -6.90 24.75
C VAL E 160 30.56 -7.47 26.07
N GLU E 161 29.96 -8.54 26.57
CA GLU E 161 30.42 -9.11 27.82
C GLU E 161 29.79 -10.49 28.06
N THR E 162 30.63 -11.50 28.24
CA THR E 162 30.15 -12.86 28.51
C THR E 162 30.33 -13.21 29.99
N GLY E 163 29.37 -13.97 30.53
CA GLY E 163 29.43 -14.35 31.92
C GLY E 163 30.38 -15.48 32.28
N LYS E 164 30.25 -15.95 33.51
CA LYS E 164 31.06 -17.01 34.10
C LYS E 164 30.98 -18.38 33.44
N ASN E 165 29.76 -18.84 33.20
CA ASN E 165 29.56 -20.15 32.59
C ASN E 165 29.36 -20.07 31.08
N VAL E 166 29.39 -18.86 30.54
CA VAL E 166 29.19 -18.68 29.12
C VAL E 166 30.41 -19.14 28.35
N GLU E 167 30.25 -20.21 27.58
CA GLU E 167 31.34 -20.72 26.78
C GLU E 167 31.32 -20.06 25.40
N ILE E 168 32.50 -19.65 24.92
CA ILE E 168 32.64 -19.00 23.61
C ILE E 168 33.04 -19.99 22.51
N LEU E 169 32.11 -20.31 21.60
CA LEU E 169 32.37 -21.27 20.53
C LEU E 169 32.94 -20.70 19.24
N ALA E 170 32.94 -19.38 19.09
CA ALA E 170 33.48 -18.73 17.88
C ALA E 170 33.41 -17.21 17.99
N THR E 171 34.38 -16.53 17.39
CA THR E 171 34.39 -15.08 17.44
C THR E 171 34.83 -14.47 16.12
N TYR E 172 34.45 -13.21 15.94
CA TYR E 172 34.78 -12.45 14.75
C TYR E 172 35.21 -11.06 15.19
N ASP E 173 36.42 -10.66 14.79
CA ASP E 173 37.00 -9.36 15.13
C ASP E 173 36.87 -8.95 16.60
N TYR E 174 37.38 -9.80 17.49
CA TYR E 174 37.37 -9.55 18.94
C TYR E 174 36.02 -9.73 19.63
N ASP E 175 34.98 -10.07 18.87
CA ASP E 175 33.68 -10.23 19.48
C ASP E 175 33.13 -11.64 19.41
N PRO E 176 32.53 -12.12 20.52
CA PRO E 176 31.95 -13.46 20.55
C PRO E 176 30.73 -13.43 19.64
N VAL E 177 30.69 -14.31 18.66
CA VAL E 177 29.55 -14.34 17.78
C VAL E 177 28.74 -15.62 17.95
N LEU E 178 29.27 -16.55 18.73
CA LEU E 178 28.59 -17.82 19.01
C LEU E 178 28.96 -18.29 20.42
N VAL E 179 27.99 -18.21 21.32
CA VAL E 179 28.22 -18.60 22.72
C VAL E 179 27.33 -19.77 23.15
N LYS E 180 27.71 -20.39 24.26
CA LYS E 180 26.98 -21.53 24.82
C LYS E 180 27.02 -21.51 26.34
N GLU E 181 25.85 -21.40 26.97
CA GLU E 181 25.79 -21.40 28.43
C GLU E 181 24.70 -22.37 28.86
N GLY E 182 25.11 -23.55 29.29
CA GLY E 182 24.14 -24.53 29.71
C GLY E 182 23.53 -25.14 28.46
N ASN E 183 22.20 -25.30 28.45
CA ASN E 183 21.55 -25.86 27.28
C ASN E 183 21.08 -24.80 26.30
N ILE E 184 21.69 -23.63 26.35
CA ILE E 184 21.37 -22.54 25.45
C ILE E 184 22.51 -22.34 24.46
N LEU E 185 22.15 -22.17 23.19
CA LEU E 185 23.15 -21.93 22.13
C LEU E 185 22.70 -20.66 21.42
N ALA E 186 23.51 -19.61 21.49
CA ALA E 186 23.15 -18.35 20.87
C ALA E 186 24.23 -17.77 19.97
N CYS E 187 23.83 -17.28 18.80
CA CYS E 187 24.77 -16.64 17.87
C CYS E 187 24.17 -15.35 17.35
N THR E 188 25.02 -14.43 16.93
CA THR E 188 24.56 -13.14 16.45
C THR E 188 24.34 -13.10 14.94
N PHE E 189 24.54 -14.22 14.25
CA PHE E 189 24.33 -14.24 12.81
C PHE E 189 23.18 -15.16 12.40
N HIS E 190 22.96 -15.34 11.10
CA HIS E 190 21.86 -16.16 10.62
C HIS E 190 22.25 -17.40 9.83
N PRO E 191 22.50 -18.50 10.52
CA PRO E 191 22.87 -19.74 9.83
C PRO E 191 21.76 -20.29 8.94
N GLU E 192 20.52 -20.00 9.31
CA GLU E 192 19.36 -20.48 8.57
C GLU E 192 19.25 -19.86 7.17
N LEU E 193 19.97 -18.78 6.91
CA LEU E 193 19.92 -18.15 5.59
C LEU E 193 20.91 -18.82 4.65
N THR E 194 21.75 -19.71 5.18
CA THR E 194 22.73 -20.42 4.39
C THR E 194 22.31 -21.88 4.27
N ASP E 195 23.09 -22.67 3.55
CA ASP E 195 22.76 -24.07 3.40
C ASP E 195 23.61 -24.92 4.32
N ASP E 196 24.25 -24.28 5.29
CA ASP E 196 25.11 -25.00 6.22
C ASP E 196 24.27 -25.48 7.40
N LEU E 197 23.99 -26.78 7.45
CA LEU E 197 23.19 -27.31 8.54
C LEU E 197 24.00 -27.63 9.79
N ARG E 198 25.32 -27.44 9.71
CA ARG E 198 26.22 -27.73 10.81
C ARG E 198 25.85 -27.16 12.18
N LEU E 199 25.54 -25.88 12.25
CA LEU E 199 25.18 -25.31 13.55
C LEU E 199 23.85 -25.85 14.06
N HIS E 200 23.00 -26.33 13.15
CA HIS E 200 21.73 -26.88 13.58
C HIS E 200 21.91 -28.29 14.13
N ARG E 201 22.84 -29.06 13.56
CA ARG E 201 23.09 -30.41 14.06
C ARG E 201 23.59 -30.25 15.48
N TYR E 202 24.64 -29.44 15.64
CA TYR E 202 25.24 -29.18 16.92
C TYR E 202 24.19 -28.86 17.99
N PHE E 203 23.07 -28.27 17.58
CA PHE E 203 22.01 -27.96 18.52
C PHE E 203 21.24 -29.22 18.88
N LEU E 204 20.88 -30.01 17.87
CA LEU E 204 20.14 -31.26 18.10
C LEU E 204 20.98 -32.20 18.96
N GLU E 205 22.29 -32.09 18.82
CA GLU E 205 23.22 -32.91 19.58
C GLU E 205 23.08 -32.56 21.06
N MET E 206 22.50 -31.38 21.33
CA MET E 206 22.27 -30.90 22.69
C MET E 206 20.93 -31.39 23.26
N VAL E 207 20.24 -32.23 22.50
CA VAL E 207 18.97 -32.76 22.94
C VAL E 207 19.04 -34.29 23.10
N MET F 21 52.27 11.52 -16.93
CA MET F 21 51.70 12.89 -16.82
C MET F 21 50.19 12.88 -16.72
N LYS F 22 49.64 13.81 -15.95
CA LYS F 22 48.19 13.90 -15.77
C LYS F 22 47.78 15.34 -15.52
N ILE F 23 47.06 15.92 -16.48
CA ILE F 23 46.59 17.29 -16.38
C ILE F 23 45.15 17.37 -15.89
N GLY F 24 44.90 18.27 -14.95
CA GLY F 24 43.56 18.40 -14.41
C GLY F 24 42.80 19.59 -14.96
N VAL F 25 41.48 19.43 -15.06
CA VAL F 25 40.60 20.49 -15.54
C VAL F 25 39.61 20.74 -14.41
N LEU F 26 39.68 21.93 -13.81
CA LEU F 26 38.80 22.28 -12.71
C LEU F 26 37.38 22.15 -13.27
N GLY F 27 36.56 21.32 -12.63
CA GLY F 27 35.22 21.12 -13.13
C GLY F 27 34.03 21.44 -12.23
N VAL F 28 34.09 22.56 -11.53
CA VAL F 28 32.96 22.91 -10.69
C VAL F 28 31.84 23.48 -11.57
N GLN F 29 32.23 24.05 -12.71
CA GLN F 29 31.29 24.64 -13.65
C GLN F 29 32.11 25.14 -14.83
N GLY F 30 31.53 25.15 -16.03
CA GLY F 30 32.27 25.63 -17.19
C GLY F 30 32.35 24.66 -18.36
N ASP F 31 33.07 25.07 -19.41
CA ASP F 31 33.21 24.24 -20.61
C ASP F 31 34.31 23.21 -20.42
N VAL F 32 34.14 22.39 -19.39
CA VAL F 32 35.11 21.36 -19.09
C VAL F 32 35.37 20.39 -20.24
N ARG F 33 34.32 20.00 -20.96
CA ARG F 33 34.49 19.06 -22.06
C ARG F 33 35.43 19.58 -23.13
N GLU F 34 35.20 20.80 -23.58
CA GLU F 34 36.03 21.40 -24.61
C GLU F 34 37.52 21.27 -24.31
N HIS F 35 37.91 21.54 -23.07
CA HIS F 35 39.31 21.45 -22.68
C HIS F 35 39.79 20.01 -22.58
N VAL F 36 38.99 19.18 -21.94
CA VAL F 36 39.34 17.78 -21.82
C VAL F 36 39.56 17.17 -23.20
N GLU F 37 38.74 17.57 -24.17
CA GLU F 37 38.90 17.04 -25.51
C GLU F 37 40.15 17.55 -26.19
N ALA F 38 40.57 18.76 -25.85
CA ALA F 38 41.79 19.32 -26.45
C ALA F 38 42.99 18.55 -25.91
N LEU F 39 43.03 18.35 -24.60
CA LEU F 39 44.13 17.61 -23.97
C LEU F 39 44.23 16.19 -24.51
N HIS F 40 43.09 15.58 -24.80
CA HIS F 40 43.10 14.22 -25.32
C HIS F 40 43.66 14.18 -26.72
N LYS F 41 43.48 15.27 -27.47
CA LYS F 41 44.03 15.32 -28.82
C LYS F 41 45.55 15.36 -28.69
N LEU F 42 46.04 15.99 -27.62
CA LEU F 42 47.47 16.06 -27.37
C LEU F 42 47.96 14.80 -26.66
N GLY F 43 47.08 13.80 -26.58
CA GLY F 43 47.43 12.53 -25.96
C GLY F 43 47.74 12.45 -24.48
N VAL F 44 47.53 13.53 -23.72
CA VAL F 44 47.80 13.48 -22.28
C VAL F 44 46.59 12.91 -21.53
N GLU F 45 46.81 12.40 -20.33
CA GLU F 45 45.70 11.88 -19.54
C GLU F 45 45.09 13.03 -18.75
N THR F 46 43.77 12.98 -18.54
CA THR F 46 43.10 14.06 -17.82
C THR F 46 42.29 13.62 -16.61
N LEU F 47 41.97 14.59 -15.76
CA LEU F 47 41.18 14.34 -14.56
C LEU F 47 40.35 15.58 -14.25
N ILE F 48 39.04 15.42 -14.17
CA ILE F 48 38.18 16.54 -13.84
C ILE F 48 38.27 16.75 -12.34
N VAL F 49 38.73 17.92 -11.94
CA VAL F 49 38.89 18.25 -10.53
C VAL F 49 37.70 18.92 -9.88
N LYS F 50 36.98 18.17 -9.04
CA LYS F 50 35.80 18.69 -8.33
C LYS F 50 36.02 18.81 -6.82
N LEU F 51 36.79 17.89 -6.25
CA LEU F 51 37.06 17.87 -4.81
C LEU F 51 38.50 18.32 -4.49
N PRO F 52 38.71 18.93 -3.30
CA PRO F 52 40.02 19.42 -2.87
C PRO F 52 41.14 18.38 -3.02
N GLU F 53 40.89 17.20 -2.49
CA GLU F 53 41.83 16.08 -2.53
C GLU F 53 42.29 15.71 -3.93
N GLN F 54 41.67 16.25 -4.95
CA GLN F 54 42.06 15.94 -6.32
C GLN F 54 43.11 16.91 -6.86
N LEU F 55 43.30 18.02 -6.17
CA LEU F 55 44.27 19.02 -6.58
C LEU F 55 45.69 18.49 -6.40
N ASP F 56 45.84 17.51 -5.52
CA ASP F 56 47.15 16.95 -5.28
C ASP F 56 47.41 15.75 -6.19
N MET F 57 46.54 15.55 -7.17
CA MET F 57 46.67 14.43 -8.09
C MET F 57 47.00 14.81 -9.53
N VAL F 58 47.37 16.07 -9.73
CA VAL F 58 47.68 16.56 -11.07
C VAL F 58 48.97 17.38 -11.19
N ASP F 59 49.57 17.33 -12.36
CA ASP F 59 50.80 18.05 -12.65
C ASP F 59 50.48 19.44 -13.18
N GLY F 60 49.27 19.58 -13.74
CA GLY F 60 48.81 20.84 -14.28
C GLY F 60 47.32 20.99 -14.10
N LEU F 61 46.85 22.22 -14.06
CA LEU F 61 45.43 22.51 -13.87
C LEU F 61 44.95 23.58 -14.84
N ILE F 62 43.80 23.33 -15.46
CA ILE F 62 43.23 24.30 -16.39
C ILE F 62 41.98 24.91 -15.75
N LEU F 63 41.92 26.23 -15.67
CA LEU F 63 40.75 26.91 -15.14
C LEU F 63 40.02 27.31 -16.42
N PRO F 64 38.95 26.59 -16.76
CA PRO F 64 38.13 26.80 -17.94
C PRO F 64 37.26 28.04 -17.96
N GLY F 65 36.58 28.22 -19.09
CA GLY F 65 35.68 29.34 -19.25
C GLY F 65 34.41 28.96 -18.52
N GLY F 66 33.57 29.94 -18.23
CA GLY F 66 32.34 29.69 -17.52
C GLY F 66 32.01 30.95 -16.77
N GLU F 67 31.40 30.83 -15.59
CA GLU F 67 31.05 32.00 -14.82
C GLU F 67 31.95 32.13 -13.60
N SER F 68 32.79 33.17 -13.59
CA SER F 68 33.70 33.39 -12.48
C SER F 68 33.01 33.42 -11.11
N THR F 69 31.88 34.13 -11.03
CA THR F 69 31.15 34.22 -9.79
C THR F 69 30.71 32.86 -9.31
N THR F 70 30.38 31.96 -10.24
CA THR F 70 29.94 30.61 -9.91
C THR F 70 31.12 29.80 -9.38
N MET F 71 32.21 29.82 -10.15
CA MET F 71 33.42 29.10 -9.80
C MET F 71 33.90 29.45 -8.39
N ILE F 72 34.04 30.74 -8.09
CA ILE F 72 34.54 31.14 -6.78
C ILE F 72 33.61 30.70 -5.65
N ARG F 73 32.30 30.81 -5.87
CA ARG F 73 31.33 30.42 -4.86
C ARG F 73 31.46 28.96 -4.51
N ILE F 74 31.43 28.10 -5.53
CA ILE F 74 31.54 26.67 -5.33
C ILE F 74 32.88 26.38 -4.67
N LEU F 75 33.93 26.97 -5.21
CA LEU F 75 35.29 26.81 -4.71
C LEU F 75 35.39 27.06 -3.21
N LYS F 76 34.73 28.10 -2.72
CA LYS F 76 34.74 28.41 -1.29
C LYS F 76 33.85 27.45 -0.52
N GLU F 77 32.62 27.24 -1.00
CA GLU F 77 31.69 26.34 -0.32
C GLU F 77 32.20 24.90 -0.19
N MET F 78 33.22 24.56 -0.97
CA MET F 78 33.78 23.23 -0.92
C MET F 78 35.19 23.21 -0.35
N ASP F 79 35.61 24.35 0.19
CA ASP F 79 36.95 24.50 0.77
C ASP F 79 38.04 23.98 -0.15
N MET F 80 38.17 24.63 -1.30
CA MET F 80 39.17 24.27 -2.30
C MET F 80 40.01 25.48 -2.66
N ASP F 81 39.45 26.67 -2.42
CA ASP F 81 40.13 27.92 -2.75
C ASP F 81 41.48 28.12 -2.06
N GLU F 82 41.51 28.12 -0.74
CA GLU F 82 42.76 28.30 -0.02
C GLU F 82 43.79 27.28 -0.45
N LYS F 83 43.37 26.04 -0.64
CA LYS F 83 44.28 24.99 -1.06
C LYS F 83 44.71 25.15 -2.51
N LEU F 84 43.85 25.76 -3.33
CA LEU F 84 44.17 25.96 -4.74
C LEU F 84 45.27 27.02 -4.80
N VAL F 85 45.09 28.07 -4.00
CA VAL F 85 46.06 29.15 -3.93
C VAL F 85 47.42 28.61 -3.52
N GLU F 86 47.48 27.94 -2.36
CA GLU F 86 48.73 27.38 -1.88
C GLU F 86 49.39 26.60 -3.01
N ARG F 87 48.71 25.57 -3.44
CA ARG F 87 49.15 24.67 -4.50
C ARG F 87 49.77 25.41 -5.70
N ILE F 88 49.17 26.54 -6.07
CA ILE F 88 49.66 27.34 -7.19
C ILE F 88 50.95 28.06 -6.83
N ASN F 89 50.97 28.70 -5.67
CA ASN F 89 52.16 29.40 -5.20
C ASN F 89 53.34 28.45 -5.09
N ASN F 90 53.06 27.17 -4.85
CA ASN F 90 54.11 26.18 -4.75
C ASN F 90 54.52 25.78 -6.16
N GLY F 91 54.18 26.64 -7.12
CA GLY F 91 54.54 26.41 -8.50
C GLY F 91 53.70 25.52 -9.40
N LEU F 92 52.46 25.21 -9.04
CA LEU F 92 51.64 24.36 -9.90
C LEU F 92 51.28 25.08 -11.19
N PRO F 93 51.60 24.47 -12.34
CA PRO F 93 51.32 25.04 -13.66
C PRO F 93 49.81 25.19 -13.88
N VAL F 94 49.38 26.41 -14.21
CA VAL F 94 47.96 26.70 -14.42
C VAL F 94 47.71 27.43 -15.74
N PHE F 95 46.62 27.06 -16.43
CA PHE F 95 46.22 27.66 -17.70
C PHE F 95 44.79 28.16 -17.54
N ALA F 96 44.59 29.47 -17.67
CA ALA F 96 43.26 30.05 -17.49
C ALA F 96 42.70 30.75 -18.72
N THR F 97 41.45 30.44 -19.04
CA THR F 97 40.79 31.04 -20.18
C THR F 97 39.55 31.84 -19.78
N CYS F 98 39.57 33.14 -20.06
CA CYS F 98 38.47 34.05 -19.75
C CYS F 98 38.12 34.10 -18.25
N ALA F 99 37.20 33.25 -17.83
CA ALA F 99 36.78 33.19 -16.44
C ALA F 99 37.96 32.89 -15.52
N GLY F 100 38.84 32.01 -15.97
CA GLY F 100 40.01 31.66 -15.18
C GLY F 100 40.85 32.88 -14.82
N VAL F 101 41.07 33.76 -15.80
CA VAL F 101 41.84 34.96 -15.56
C VAL F 101 41.22 35.78 -14.44
N ILE F 102 39.91 36.05 -14.54
CA ILE F 102 39.19 36.82 -13.53
C ILE F 102 39.29 36.16 -12.16
N LEU F 103 39.36 34.85 -12.18
CA LEU F 103 39.45 34.06 -10.96
C LEU F 103 40.80 34.26 -10.28
N LEU F 104 41.87 34.23 -11.08
CA LEU F 104 43.23 34.38 -10.57
C LEU F 104 43.66 35.82 -10.26
N ALA F 105 43.13 36.78 -11.02
CA ALA F 105 43.46 38.20 -10.85
C ALA F 105 43.57 38.69 -9.41
N LYS F 106 44.48 39.65 -9.19
CA LYS F 106 44.67 40.21 -7.85
C LYS F 106 43.74 41.40 -7.66
N ARG F 107 43.46 42.10 -8.76
CA ARG F 107 42.61 43.26 -8.73
C ARG F 107 41.53 43.20 -9.80
N ILE F 108 40.32 43.61 -9.42
CA ILE F 108 39.19 43.61 -10.35
C ILE F 108 38.41 44.91 -10.17
N LYS F 109 38.25 45.68 -11.24
CA LYS F 109 37.50 46.93 -11.19
C LYS F 109 35.99 46.68 -11.09
N GLN F 113 34.35 41.78 -5.80
CA GLN F 113 34.18 40.36 -6.13
C GLN F 113 35.29 39.46 -5.55
N GLU F 114 34.89 38.28 -5.08
CA GLU F 114 35.83 37.34 -4.48
C GLU F 114 36.68 36.72 -5.57
N LYS F 115 37.95 36.45 -5.26
CA LYS F 115 38.90 35.88 -6.21
C LYS F 115 40.05 35.17 -5.51
N LEU F 116 40.82 34.40 -6.26
CA LEU F 116 41.97 33.68 -5.70
C LEU F 116 43.15 34.62 -5.44
N GLY F 117 43.20 35.72 -6.20
CA GLY F 117 44.25 36.70 -6.05
C GLY F 117 45.70 36.24 -6.07
N VAL F 118 46.14 35.71 -7.21
CA VAL F 118 47.52 35.25 -7.31
C VAL F 118 48.22 35.80 -8.56
N LEU F 119 47.45 36.10 -9.61
CA LEU F 119 48.03 36.65 -10.84
C LEU F 119 48.12 38.16 -10.66
N ASP F 120 49.35 38.67 -10.72
CA ASP F 120 49.58 40.10 -10.54
C ASP F 120 49.15 40.96 -11.73
N ILE F 121 47.83 41.13 -11.86
CA ILE F 121 47.24 41.94 -12.93
C ILE F 121 45.92 42.55 -12.45
N THR F 122 45.41 43.53 -13.19
CA THR F 122 44.14 44.17 -12.87
C THR F 122 43.21 43.93 -14.05
N VAL F 123 42.04 43.35 -13.81
CA VAL F 123 41.11 43.09 -14.91
C VAL F 123 39.78 43.82 -14.81
N GLU F 124 39.20 44.07 -15.99
CA GLU F 124 37.93 44.75 -16.12
C GLU F 124 36.96 43.75 -16.76
N ARG F 125 35.91 43.39 -16.03
CA ARG F 125 34.94 42.42 -16.52
C ARG F 125 33.99 42.97 -17.59
N ASN F 126 33.52 42.10 -18.48
CA ASN F 126 32.60 42.50 -19.54
C ASN F 126 33.07 43.81 -20.17
N ALA F 127 34.37 43.89 -20.43
CA ALA F 127 34.97 45.08 -20.98
C ALA F 127 34.53 45.48 -22.40
N TYR F 128 34.04 44.53 -23.19
CA TYR F 128 33.63 44.84 -24.55
C TYR F 128 32.14 45.05 -24.72
N GLY F 129 31.37 44.80 -23.66
CA GLY F 129 29.92 44.98 -23.74
C GLY F 129 29.20 43.66 -23.51
N ARG F 130 27.93 43.62 -23.90
CA ARG F 130 27.10 42.42 -23.75
C ARG F 130 27.48 41.32 -24.74
N GLN F 131 26.76 40.21 -24.70
CA GLN F 131 27.04 39.07 -25.59
C GLN F 131 26.99 39.42 -27.07
N VAL F 132 26.13 40.37 -27.44
CA VAL F 132 26.02 40.75 -28.84
C VAL F 132 27.34 41.35 -29.33
N GLU F 133 28.16 41.80 -28.38
CA GLU F 133 29.45 42.41 -28.69
C GLU F 133 30.54 41.38 -28.90
N SER F 134 30.28 40.13 -28.51
CA SER F 134 31.27 39.07 -28.66
C SER F 134 31.75 39.00 -30.09
N PHE F 135 33.05 38.85 -30.25
CA PHE F 135 33.69 38.83 -31.56
C PHE F 135 34.83 37.83 -31.68
N GLU F 136 35.21 37.52 -32.92
CA GLU F 136 36.32 36.62 -33.17
C GLU F 136 37.25 37.33 -34.15
N THR F 137 38.54 37.31 -33.85
CA THR F 137 39.54 37.95 -34.70
C THR F 137 40.83 37.16 -34.63
N PHE F 138 41.71 37.37 -35.61
CA PHE F 138 42.98 36.67 -35.61
C PHE F 138 43.99 37.50 -34.84
N VAL F 139 44.70 36.84 -33.93
CA VAL F 139 45.71 37.50 -33.10
C VAL F 139 47.06 36.85 -33.34
N GLU F 140 48.12 37.62 -33.21
CA GLU F 140 49.47 37.09 -33.43
C GLU F 140 50.12 36.74 -32.10
N ILE F 141 50.44 35.47 -31.95
CA ILE F 141 51.11 34.96 -30.76
C ILE F 141 52.42 34.39 -31.25
N PRO F 142 53.45 35.26 -31.37
CA PRO F 142 54.77 34.87 -31.84
C PRO F 142 55.27 33.58 -31.20
N ALA F 143 55.19 33.51 -29.89
CA ALA F 143 55.66 32.35 -29.14
C ALA F 143 55.17 30.98 -29.62
N VAL F 144 54.13 30.93 -30.44
CA VAL F 144 53.64 29.62 -30.89
C VAL F 144 53.68 29.39 -32.40
N GLY F 145 54.21 30.36 -33.15
CA GLY F 145 54.27 30.20 -34.59
C GLY F 145 54.00 31.48 -35.35
N LYS F 146 54.26 31.44 -36.65
CA LYS F 146 54.03 32.62 -37.49
C LYS F 146 52.55 32.76 -37.83
N ASP F 147 51.86 31.63 -38.00
CA ASP F 147 50.44 31.63 -38.34
C ASP F 147 49.65 32.24 -37.19
N PRO F 148 48.82 33.26 -37.50
CA PRO F 148 48.02 33.91 -36.47
C PRO F 148 47.08 32.92 -35.78
N PHE F 149 46.64 33.26 -34.57
CA PHE F 149 45.75 32.40 -33.81
C PHE F 149 44.33 32.95 -33.88
N ARG F 150 43.35 32.06 -33.99
CA ARG F 150 41.95 32.47 -34.05
C ARG F 150 41.44 32.74 -32.65
N ALA F 151 41.33 34.02 -32.29
CA ALA F 151 40.87 34.41 -30.97
C ALA F 151 39.37 34.69 -30.88
N ILE F 152 38.67 33.92 -30.06
CA ILE F 152 37.23 34.08 -29.89
C ILE F 152 36.89 34.68 -28.54
N PHE F 153 36.65 36.00 -28.51
CA PHE F 153 36.31 36.71 -27.28
C PHE F 153 34.79 36.78 -27.03
N ILE F 154 34.33 36.08 -26.00
CA ILE F 154 32.90 36.04 -25.66
C ILE F 154 32.66 36.71 -24.31
N ARG F 155 32.07 37.92 -24.33
CA ARG F 155 31.85 38.68 -23.10
C ARG F 155 33.16 38.66 -22.35
N ALA F 156 34.24 38.86 -23.08
CA ALA F 156 35.59 38.82 -22.51
C ALA F 156 35.94 39.97 -21.58
N PRO F 157 36.94 39.75 -20.72
CA PRO F 157 37.40 40.75 -19.77
C PRO F 157 38.62 41.42 -20.40
N ARG F 158 38.99 42.58 -19.88
CA ARG F 158 40.18 43.26 -20.41
C ARG F 158 41.22 43.34 -19.30
N ILE F 159 42.48 43.15 -19.68
CA ILE F 159 43.57 43.25 -18.71
C ILE F 159 44.07 44.68 -18.81
N VAL F 160 43.64 45.50 -17.85
CA VAL F 160 43.97 46.92 -17.80
C VAL F 160 45.32 47.26 -17.16
N GLU F 161 46.00 46.27 -16.60
CA GLU F 161 47.28 46.54 -15.97
C GLU F 161 48.03 45.25 -15.63
N THR F 162 49.25 45.11 -16.16
CA THR F 162 50.07 43.94 -15.90
C THR F 162 51.18 44.26 -14.90
N GLY F 163 51.50 43.29 -14.05
CA GLY F 163 52.51 43.48 -13.04
C GLY F 163 53.95 43.39 -13.50
N LYS F 164 54.86 43.36 -12.52
CA LYS F 164 56.30 43.31 -12.71
C LYS F 164 56.83 42.08 -13.43
N ASN F 165 56.43 40.90 -12.96
CA ASN F 165 56.89 39.66 -13.57
C ASN F 165 55.96 39.11 -14.63
N VAL F 166 54.86 39.83 -14.87
CA VAL F 166 53.88 39.41 -15.86
C VAL F 166 54.41 39.61 -17.27
N GLU F 167 54.66 38.52 -17.96
CA GLU F 167 55.15 38.57 -19.34
C GLU F 167 53.97 38.60 -20.31
N ILE F 168 54.03 39.47 -21.31
CA ILE F 168 52.98 39.61 -22.30
C ILE F 168 53.28 38.84 -23.57
N LEU F 169 52.57 37.73 -23.80
CA LEU F 169 52.80 36.89 -24.98
C LEU F 169 52.02 37.24 -26.25
N ALA F 170 51.04 38.15 -26.14
CA ALA F 170 50.24 38.56 -27.29
C ALA F 170 49.23 39.62 -26.89
N THR F 171 48.92 40.53 -27.82
CA THR F 171 47.95 41.58 -27.52
C THR F 171 47.07 41.87 -28.72
N TYR F 172 45.93 42.48 -28.44
CA TYR F 172 44.95 42.86 -29.45
C TYR F 172 44.46 44.26 -29.10
N ASP F 173 44.58 45.17 -30.07
CA ASP F 173 44.17 46.57 -29.91
C ASP F 173 44.60 47.24 -28.59
N TYR F 174 45.91 47.23 -28.33
CA TYR F 174 46.48 47.86 -27.14
C TYR F 174 46.28 47.10 -25.83
N ASP F 175 45.60 45.96 -25.89
CA ASP F 175 45.35 45.21 -24.67
C ASP F 175 46.01 43.84 -24.65
N PRO F 176 46.59 43.46 -23.50
CA PRO F 176 47.24 42.15 -23.37
C PRO F 176 46.12 41.14 -23.36
N VAL F 177 46.19 40.17 -24.26
CA VAL F 177 45.16 39.15 -24.30
C VAL F 177 45.70 37.79 -23.91
N LEU F 178 47.02 37.70 -23.76
CA LEU F 178 47.70 36.46 -23.37
C LEU F 178 48.94 36.80 -22.55
N VAL F 179 48.88 36.55 -21.25
CA VAL F 179 49.99 36.84 -20.36
C VAL F 179 50.57 35.58 -19.71
N LYS F 180 51.76 35.73 -19.14
CA LYS F 180 52.45 34.64 -18.47
C LYS F 180 53.27 35.14 -17.28
N GLU F 181 52.92 34.69 -16.08
CA GLU F 181 53.64 35.09 -14.88
C GLU F 181 53.98 33.85 -14.07
N GLY F 182 55.23 33.41 -14.16
CA GLY F 182 55.63 32.22 -13.44
C GLY F 182 55.07 31.03 -14.18
N ASN F 183 54.50 30.07 -13.45
CA ASN F 183 53.94 28.90 -14.09
C ASN F 183 52.46 29.03 -14.42
N ILE F 184 52.00 30.27 -14.53
CA ILE F 184 50.61 30.56 -14.86
C ILE F 184 50.53 31.12 -16.27
N LEU F 185 49.59 30.62 -17.06
CA LEU F 185 49.37 31.08 -18.42
C LEU F 185 47.90 31.48 -18.51
N ALA F 186 47.64 32.77 -18.74
CA ALA F 186 46.26 33.23 -18.80
C ALA F 186 45.95 34.04 -20.05
N CYS F 187 44.79 33.77 -20.66
CA CYS F 187 44.37 34.53 -21.84
C CYS F 187 42.90 34.90 -21.69
N THR F 188 42.48 35.97 -22.35
CA THR F 188 41.11 36.43 -22.25
C THR F 188 40.18 35.86 -23.30
N PHE F 189 40.69 34.97 -24.15
CA PHE F 189 39.84 34.38 -25.19
C PHE F 189 39.68 32.87 -25.00
N HIS F 190 39.00 32.21 -25.94
CA HIS F 190 38.75 30.77 -25.83
C HIS F 190 39.38 29.90 -26.89
N PRO F 191 40.64 29.49 -26.68
CA PRO F 191 41.32 28.64 -27.65
C PRO F 191 40.66 27.27 -27.80
N GLU F 192 40.03 26.79 -26.73
CA GLU F 192 39.36 25.49 -26.72
C GLU F 192 38.15 25.41 -27.65
N LEU F 193 37.66 26.57 -28.10
CA LEU F 193 36.50 26.58 -29.01
C LEU F 193 36.95 26.43 -30.45
N THR F 194 38.27 26.50 -30.67
CA THR F 194 38.85 26.37 -32.00
C THR F 194 39.57 25.03 -32.09
N ASP F 195 40.13 24.73 -33.26
CA ASP F 195 40.85 23.48 -33.43
C ASP F 195 42.35 23.69 -33.35
N ASP F 196 42.74 24.85 -32.84
CA ASP F 196 44.15 25.18 -32.71
C ASP F 196 44.67 24.68 -31.37
N LEU F 197 45.44 23.59 -31.39
CA LEU F 197 45.97 23.05 -30.15
C LEU F 197 47.26 23.73 -29.69
N ARG F 198 47.76 24.66 -30.50
CA ARG F 198 48.99 25.38 -30.19
C ARG F 198 49.12 25.97 -28.80
N LEU F 199 48.12 26.71 -28.34
CA LEU F 199 48.23 27.29 -27.00
C LEU F 199 48.19 26.22 -25.92
N HIS F 200 47.60 25.07 -26.22
CA HIS F 200 47.56 24.00 -25.25
C HIS F 200 48.91 23.28 -25.15
N ARG F 201 49.62 23.14 -26.27
CA ARG F 201 50.92 22.51 -26.23
C ARG F 201 51.81 23.39 -25.38
N TYR F 202 51.86 24.67 -25.75
CA TYR F 202 52.68 25.63 -25.03
C TYR F 202 52.48 25.53 -23.53
N PHE F 203 51.29 25.10 -23.10
CA PHE F 203 51.02 24.96 -21.67
C PHE F 203 51.68 23.69 -21.15
N LEU F 204 51.51 22.59 -21.87
CA LEU F 204 52.11 21.32 -21.47
C LEU F 204 53.64 21.44 -21.44
N GLU F 205 54.15 22.31 -22.30
CA GLU F 205 55.58 22.56 -22.38
C GLU F 205 56.05 23.16 -21.06
N MET F 206 55.10 23.71 -20.31
CA MET F 206 55.37 24.33 -19.01
C MET F 206 55.31 23.32 -17.87
N VAL F 207 55.15 22.06 -18.22
CA VAL F 207 55.09 21.00 -17.21
C VAL F 207 56.25 20.03 -17.40
C2 5RP G . -29.95 -7.01 4.62
C3 5RP G . -29.94 -5.99 5.76
C5 5RP G . -31.22 -5.21 6.10
O13 5RP G . -32.14 -6.06 6.78
C6 5RP G . -31.86 -4.70 4.81
O14 5RP G . -30.86 -4.14 3.95
C7 5RP G . -32.93 -3.64 5.10
O8 5RP G . -33.44 -3.06 3.89
P9 5RP G . -34.30 -1.70 3.96
O12 5RP G . -35.72 -2.11 4.58
O11 5RP G . -33.62 -0.63 4.72
O10 5RP G . -34.59 -1.30 2.42
O1 5RP G . -30.45 -8.27 5.06
P PO4 H . -22.26 -13.97 -8.49
O1 PO4 H . -23.63 -13.42 -8.65
O2 PO4 H . -21.49 -13.71 -9.73
O3 PO4 H . -21.58 -13.32 -7.35
O4 PO4 H . -22.35 -15.43 -8.26
C2 5RP I . 3.18 2.01 0.74
C3 5RP I . 3.06 3.07 1.84
C5 5RP I . 2.04 2.88 2.97
O13 5RP I . 2.52 1.91 3.90
C6 5RP I . 0.71 2.40 2.39
O14 5RP I . 0.39 3.18 1.22
C7 5RP I . -0.42 2.54 3.41
O8 5RP I . -1.69 2.22 2.83
P9 5RP I . -3.05 2.63 3.60
O12 5RP I . -3.18 1.62 4.84
O11 5RP I . -3.07 4.05 4.02
O10 5RP I . -4.26 2.26 2.60
O1 5RP I . 4.03 0.93 1.17
P PO4 J . 5.33 -1.98 -15.35
O1 PO4 J . 5.31 -1.05 -14.20
O2 PO4 J . 6.73 -2.45 -15.57
O3 PO4 J . 4.45 -3.14 -15.09
O4 PO4 J . 4.87 -1.27 -16.57
C2 5RP K . 11.72 28.51 -19.75
C3 5RP K . 11.48 29.51 -18.60
C5 5RP K . 11.67 29.07 -17.15
O13 5RP K . 13.07 28.99 -16.86
C6 5RP K . 11.03 27.69 -16.94
O14 5RP K . 9.73 27.67 -17.55
C7 5RP K . 10.89 27.38 -15.44
O8 5RP K . 10.17 26.16 -15.23
P9 5RP K . 9.59 25.82 -13.76
O12 5RP K . 10.87 25.41 -12.87
O11 5RP K . 8.81 26.93 -13.17
O10 5RP K . 8.73 24.47 -13.94
O1 5RP K . 13.11 28.43 -20.07
P PO4 L . 7.34 22.02 -34.52
O1 PO4 L . 7.18 23.07 -33.47
O2 PO4 L . 8.49 22.38 -35.39
O3 PO4 L . 7.60 20.72 -33.85
O4 PO4 L . 6.10 21.94 -35.33
#